data_1I5D
# 
_entry.id   1I5D 
# 
_audit_conform.dict_name       mmcif_pdbx.dic 
_audit_conform.dict_version    5.376 
_audit_conform.dict_location   http://mmcif.pdb.org/dictionaries/ascii/mmcif_pdbx.dic 
# 
loop_
_database_2.database_id 
_database_2.database_code 
_database_2.pdbx_database_accession 
_database_2.pdbx_DOI 
PDB   1I5D         pdb_00001i5d 10.2210/pdb1i5d/pdb 
RCSB  RCSB012924   ?            ?                   
WWPDB D_1000012924 ?            ?                   
# 
_pdbx_database_related.db_name        PDB 
_pdbx_database_related.db_id          1B3Q 
_pdbx_database_related.details        'Histidine kinase CheA domains P3-P4-P5' 
_pdbx_database_related.content_type   unspecified 
# 
_pdbx_database_status.status_code                     REL 
_pdbx_database_status.entry_id                        1I5D 
_pdbx_database_status.recvd_initial_deposition_date   2001-02-26 
_pdbx_database_status.deposit_site                    RCSB 
_pdbx_database_status.process_site                    RCSB 
_pdbx_database_status.status_code_sf                  REL 
_pdbx_database_status.SG_entry                        . 
_pdbx_database_status.status_code_mr                  ? 
_pdbx_database_status.status_code_cs                  ? 
_pdbx_database_status.methods_development_category    ? 
_pdbx_database_status.pdb_format_compatible           Y 
_pdbx_database_status.status_code_nmr_data            ? 
# 
loop_
_audit_author.name 
_audit_author.pdbx_ordinal 
'Bilwes, A.M.'  1 
'Quezada, C.M.' 2 
'Croal, L.R.'   3 
'Crane, B.R.'   4 
'Simon, M.I.'   5 
# 
_citation.id                        primary 
_citation.title                     'Nucleotide binding by the histidine kinase CheA.' 
_citation.journal_abbrev            Nat.Struct.Biol. 
_citation.journal_volume            8 
_citation.page_first                353 
_citation.page_last                 360 
_citation.year                      2001 
_citation.journal_id_ASTM           NSBIEW 
_citation.country                   US 
_citation.journal_id_ISSN           1072-8368 
_citation.journal_id_CSD            2024 
_citation.book_publisher            ? 
_citation.pdbx_database_id_PubMed   11276258 
_citation.pdbx_database_id_DOI      10.1038/86243 
# 
loop_
_citation_author.citation_id 
_citation_author.name 
_citation_author.ordinal 
_citation_author.identifier_ORCID 
primary 'Bilwes, A.M.'  1 ? 
primary 'Quezada, C.M.' 2 ? 
primary 'Croal, L.R.'   3 ? 
primary 'Crane, B.R.'   4 ? 
primary 'Simon, M.I.'   5 ? 
# 
_cell.entry_id           1I5D 
_cell.length_a           85.190 
_cell.length_b           85.190 
_cell.length_c           73.770 
_cell.angle_alpha        90.00 
_cell.angle_beta         90.00 
_cell.angle_gamma        90.00 
_cell.Z_PDB              8 
_cell.pdbx_unique_axis   ? 
_cell.length_a_esd       ? 
_cell.length_b_esd       ? 
_cell.length_c_esd       ? 
_cell.angle_alpha_esd    ? 
_cell.angle_beta_esd     ? 
_cell.angle_gamma_esd    ? 
# 
_symmetry.entry_id                         1I5D 
_symmetry.space_group_name_H-M             'P 43 2 2' 
_symmetry.pdbx_full_space_group_name_H-M   ? 
_symmetry.cell_setting                     tetragonal 
_symmetry.Int_Tables_number                95 
_symmetry.space_group_name_Hall            ? 
# 
loop_
_entity.id 
_entity.type 
_entity.src_method 
_entity.pdbx_description 
_entity.formula_weight 
_entity.pdbx_number_of_molecules 
_entity.pdbx_ec 
_entity.pdbx_mutation 
_entity.pdbx_fragment 
_entity.details 
1 polymer     man 'CHEMOTAXIS PROTEIN CHEA'                                                  21426.852 1  2.7.3.- ? 'DOMAIN P4' ? 
2 non-polymer syn 'SULFATE ION'                                                              96.063    2  ?       ? ?           ? 
3 non-polymer syn "SPIRO(2,4,6-TRINITROBENZENE[1,2A]-2O',3O'-METHYLENE-ADENINE-TRIPHOSPHATE" 718.270   1  ?       ? ?           ? 
4 water       nat water                                                                      18.015    47 ?       ? ?           ? 
# 
_entity_name_com.entity_id   1 
_entity_name_com.name        'CHEMOTAXIS SENSOR HISTIDINE KINASE CHEA, CHEA' 
# 
_entity_name_sys.entity_id   1 
_entity_name_sys.name        E.C.2.7.3.- 
# 
_entity_poly.entity_id                      1 
_entity_poly.type                           'polypeptide(L)' 
_entity_poly.nstd_linkage                   no 
_entity_poly.nstd_monomer                   no 
_entity_poly.pdbx_seq_one_letter_code       
;VMKIRMVPISFVFNRFPRMVRDLAKKMNKEVNFIMRGEDTELDRTFVEEIGEPLLHLLRNAIDHGIEPKEERIAKGKPPI
GTLILSARHEGNNVVIEVEDDGRGIDKEKIIRKAIEKGLIDESKAATLSDQEILNFLFVPGFSTKEKVSEVSGRGVGMDV
VKNVVESLNGSISIESEKDKGTKVTIRLPLT
;
_entity_poly.pdbx_seq_one_letter_code_can   
;VMKIRMVPISFVFNRFPRMVRDLAKKMNKEVNFIMRGEDTELDRTFVEEIGEPLLHLLRNAIDHGIEPKEERIAKGKPPI
GTLILSARHEGNNVVIEVEDDGRGIDKEKIIRKAIEKGLIDESKAATLSDQEILNFLFVPGFSTKEKVSEVSGRGVGMDV
VKNVVESLNGSISIESEKDKGTKVTIRLPLT
;
_entity_poly.pdbx_strand_id                 A 
_entity_poly.pdbx_target_identifier         ? 
# 
loop_
_entity_poly_seq.entity_id 
_entity_poly_seq.num 
_entity_poly_seq.mon_id 
_entity_poly_seq.hetero 
1 1   VAL n 
1 2   MET n 
1 3   LYS n 
1 4   ILE n 
1 5   ARG n 
1 6   MET n 
1 7   VAL n 
1 8   PRO n 
1 9   ILE n 
1 10  SER n 
1 11  PHE n 
1 12  VAL n 
1 13  PHE n 
1 14  ASN n 
1 15  ARG n 
1 16  PHE n 
1 17  PRO n 
1 18  ARG n 
1 19  MET n 
1 20  VAL n 
1 21  ARG n 
1 22  ASP n 
1 23  LEU n 
1 24  ALA n 
1 25  LYS n 
1 26  LYS n 
1 27  MET n 
1 28  ASN n 
1 29  LYS n 
1 30  GLU n 
1 31  VAL n 
1 32  ASN n 
1 33  PHE n 
1 34  ILE n 
1 35  MET n 
1 36  ARG n 
1 37  GLY n 
1 38  GLU n 
1 39  ASP n 
1 40  THR n 
1 41  GLU n 
1 42  LEU n 
1 43  ASP n 
1 44  ARG n 
1 45  THR n 
1 46  PHE n 
1 47  VAL n 
1 48  GLU n 
1 49  GLU n 
1 50  ILE n 
1 51  GLY n 
1 52  GLU n 
1 53  PRO n 
1 54  LEU n 
1 55  LEU n 
1 56  HIS n 
1 57  LEU n 
1 58  LEU n 
1 59  ARG n 
1 60  ASN n 
1 61  ALA n 
1 62  ILE n 
1 63  ASP n 
1 64  HIS n 
1 65  GLY n 
1 66  ILE n 
1 67  GLU n 
1 68  PRO n 
1 69  LYS n 
1 70  GLU n 
1 71  GLU n 
1 72  ARG n 
1 73  ILE n 
1 74  ALA n 
1 75  LYS n 
1 76  GLY n 
1 77  LYS n 
1 78  PRO n 
1 79  PRO n 
1 80  ILE n 
1 81  GLY n 
1 82  THR n 
1 83  LEU n 
1 84  ILE n 
1 85  LEU n 
1 86  SER n 
1 87  ALA n 
1 88  ARG n 
1 89  HIS n 
1 90  GLU n 
1 91  GLY n 
1 92  ASN n 
1 93  ASN n 
1 94  VAL n 
1 95  VAL n 
1 96  ILE n 
1 97  GLU n 
1 98  VAL n 
1 99  GLU n 
1 100 ASP n 
1 101 ASP n 
1 102 GLY n 
1 103 ARG n 
1 104 GLY n 
1 105 ILE n 
1 106 ASP n 
1 107 LYS n 
1 108 GLU n 
1 109 LYS n 
1 110 ILE n 
1 111 ILE n 
1 112 ARG n 
1 113 LYS n 
1 114 ALA n 
1 115 ILE n 
1 116 GLU n 
1 117 LYS n 
1 118 GLY n 
1 119 LEU n 
1 120 ILE n 
1 121 ASP n 
1 122 GLU n 
1 123 SER n 
1 124 LYS n 
1 125 ALA n 
1 126 ALA n 
1 127 THR n 
1 128 LEU n 
1 129 SER n 
1 130 ASP n 
1 131 GLN n 
1 132 GLU n 
1 133 ILE n 
1 134 LEU n 
1 135 ASN n 
1 136 PHE n 
1 137 LEU n 
1 138 PHE n 
1 139 VAL n 
1 140 PRO n 
1 141 GLY n 
1 142 PHE n 
1 143 SER n 
1 144 THR n 
1 145 LYS n 
1 146 GLU n 
1 147 LYS n 
1 148 VAL n 
1 149 SER n 
1 150 GLU n 
1 151 VAL n 
1 152 SER n 
1 153 GLY n 
1 154 ARG n 
1 155 GLY n 
1 156 VAL n 
1 157 GLY n 
1 158 MET n 
1 159 ASP n 
1 160 VAL n 
1 161 VAL n 
1 162 LYS n 
1 163 ASN n 
1 164 VAL n 
1 165 VAL n 
1 166 GLU n 
1 167 SER n 
1 168 LEU n 
1 169 ASN n 
1 170 GLY n 
1 171 SER n 
1 172 ILE n 
1 173 SER n 
1 174 ILE n 
1 175 GLU n 
1 176 SER n 
1 177 GLU n 
1 178 LYS n 
1 179 ASP n 
1 180 LYS n 
1 181 GLY n 
1 182 THR n 
1 183 LYS n 
1 184 VAL n 
1 185 THR n 
1 186 ILE n 
1 187 ARG n 
1 188 LEU n 
1 189 PRO n 
1 190 LEU n 
1 191 THR n 
# 
_entity_src_gen.entity_id                          1 
_entity_src_gen.pdbx_src_id                        1 
_entity_src_gen.pdbx_alt_source_flag               sample 
_entity_src_gen.pdbx_seq_type                      ? 
_entity_src_gen.pdbx_beg_seq_num                   ? 
_entity_src_gen.pdbx_end_seq_num                   ? 
_entity_src_gen.gene_src_common_name               ? 
_entity_src_gen.gene_src_genus                     Thermotoga 
_entity_src_gen.pdbx_gene_src_gene                 ? 
_entity_src_gen.gene_src_species                   ? 
_entity_src_gen.gene_src_strain                    ? 
_entity_src_gen.gene_src_tissue                    ? 
_entity_src_gen.gene_src_tissue_fraction           ? 
_entity_src_gen.gene_src_details                   ? 
_entity_src_gen.pdbx_gene_src_fragment             ? 
_entity_src_gen.pdbx_gene_src_scientific_name      'Thermotoga maritima' 
_entity_src_gen.pdbx_gene_src_ncbi_taxonomy_id     2336 
_entity_src_gen.pdbx_gene_src_variant              ? 
_entity_src_gen.pdbx_gene_src_cell_line            ? 
_entity_src_gen.pdbx_gene_src_atcc                 ? 
_entity_src_gen.pdbx_gene_src_organ                ? 
_entity_src_gen.pdbx_gene_src_organelle            ? 
_entity_src_gen.pdbx_gene_src_cell                 ? 
_entity_src_gen.pdbx_gene_src_cellular_location    ? 
_entity_src_gen.host_org_common_name               ? 
_entity_src_gen.pdbx_host_org_scientific_name      'Escherichia coli BL21(DE3)' 
_entity_src_gen.pdbx_host_org_ncbi_taxonomy_id     469008 
_entity_src_gen.host_org_genus                     Escherichia 
_entity_src_gen.pdbx_host_org_gene                 ? 
_entity_src_gen.pdbx_host_org_organ                ? 
_entity_src_gen.host_org_species                   'Escherichia coli' 
_entity_src_gen.pdbx_host_org_tissue               ? 
_entity_src_gen.pdbx_host_org_tissue_fraction      ? 
_entity_src_gen.pdbx_host_org_strain               'BL21(DE3)' 
_entity_src_gen.pdbx_host_org_variant              ? 
_entity_src_gen.pdbx_host_org_cell_line            ? 
_entity_src_gen.pdbx_host_org_atcc                 ? 
_entity_src_gen.pdbx_host_org_culture_collection   ? 
_entity_src_gen.pdbx_host_org_cell                 ? 
_entity_src_gen.pdbx_host_org_organelle            ? 
_entity_src_gen.pdbx_host_org_cellular_location    ? 
_entity_src_gen.pdbx_host_org_vector_type          PET28A 
_entity_src_gen.pdbx_host_org_vector               ? 
_entity_src_gen.host_org_details                   ? 
_entity_src_gen.expression_system_id               ? 
_entity_src_gen.plasmid_name                       ? 
_entity_src_gen.plasmid_details                    ? 
_entity_src_gen.pdbx_description                   ? 
# 
_struct_ref.id                         1 
_struct_ref.entity_id                  1 
_struct_ref.db_name                    UNP 
_struct_ref.db_code                    CHEA_THEMA 
_struct_ref.pdbx_db_accession          Q56310 
_struct_ref.pdbx_align_begin           350 
_struct_ref.pdbx_seq_one_letter_code   
;VMKIRMVPISFVFNRFPRMVRDLAKKMNKEVNFIMRGEDTELDRTFVEEIGEPLLHLLRNAIDHGIEPKEERIAKGKPPI
GTLILSARHEGNNVVIEVEDDGRGIDKEKIIRKAIEKGLIDESKAATLSDQEILNFLFVPGFSTKEKVSEVSGRGVGMDV
VKNVVESLNGSISIESEKDKGTKVTIRLPLT
;
_struct_ref.pdbx_db_isoform            ? 
# 
_struct_ref_seq.align_id                      1 
_struct_ref_seq.ref_id                        1 
_struct_ref_seq.pdbx_PDB_id_code              1I5D 
_struct_ref_seq.pdbx_strand_id                A 
_struct_ref_seq.seq_align_beg                 1 
_struct_ref_seq.pdbx_seq_align_beg_ins_code   ? 
_struct_ref_seq.seq_align_end                 191 
_struct_ref_seq.pdbx_seq_align_end_ins_code   ? 
_struct_ref_seq.pdbx_db_accession             Q56310 
_struct_ref_seq.db_align_beg                  350 
_struct_ref_seq.pdbx_db_align_beg_ins_code    ? 
_struct_ref_seq.db_align_end                  540 
_struct_ref_seq.pdbx_db_align_end_ins_code    ? 
_struct_ref_seq.pdbx_auth_seq_align_beg       350 
_struct_ref_seq.pdbx_auth_seq_align_end       540 
# 
loop_
_chem_comp.id 
_chem_comp.type 
_chem_comp.mon_nstd_flag 
_chem_comp.name 
_chem_comp.pdbx_synonyms 
_chem_comp.formula 
_chem_comp.formula_weight 
128 'RNA linking'       . "SPIRO(2,4,6-TRINITROBENZENE[1,2A]-2O',3O'-METHYLENE-ADENINE-TRIPHOSPHATE" ? 'C16 H17 N8 O19 P3' 718.270 
ALA 'L-peptide linking' y ALANINE                                                                    ? 'C3 H7 N O2'        89.093  
ARG 'L-peptide linking' y ARGININE                                                                   ? 'C6 H15 N4 O2 1'    175.209 
ASN 'L-peptide linking' y ASPARAGINE                                                                 ? 'C4 H8 N2 O3'       132.118 
ASP 'L-peptide linking' y 'ASPARTIC ACID'                                                            ? 'C4 H7 N O4'        133.103 
GLN 'L-peptide linking' y GLUTAMINE                                                                  ? 'C5 H10 N2 O3'      146.144 
GLU 'L-peptide linking' y 'GLUTAMIC ACID'                                                            ? 'C5 H9 N O4'        147.129 
GLY 'peptide linking'   y GLYCINE                                                                    ? 'C2 H5 N O2'        75.067  
HIS 'L-peptide linking' y HISTIDINE                                                                  ? 'C6 H10 N3 O2 1'    156.162 
HOH non-polymer         . WATER                                                                      ? 'H2 O'              18.015  
ILE 'L-peptide linking' y ISOLEUCINE                                                                 ? 'C6 H13 N O2'       131.173 
LEU 'L-peptide linking' y LEUCINE                                                                    ? 'C6 H13 N O2'       131.173 
LYS 'L-peptide linking' y LYSINE                                                                     ? 'C6 H15 N2 O2 1'    147.195 
MET 'L-peptide linking' y METHIONINE                                                                 ? 'C5 H11 N O2 S'     149.211 
PHE 'L-peptide linking' y PHENYLALANINE                                                              ? 'C9 H11 N O2'       165.189 
PRO 'L-peptide linking' y PROLINE                                                                    ? 'C5 H9 N O2'        115.130 
SER 'L-peptide linking' y SERINE                                                                     ? 'C3 H7 N O3'        105.093 
SO4 non-polymer         . 'SULFATE ION'                                                              ? 'O4 S -2'           96.063  
THR 'L-peptide linking' y THREONINE                                                                  ? 'C4 H9 N O3'        119.119 
VAL 'L-peptide linking' y VALINE                                                                     ? 'C5 H11 N O2'       117.146 
# 
_exptl.entry_id          1I5D 
_exptl.method            'X-RAY DIFFRACTION' 
_exptl.crystals_number   1 
# 
_exptl_crystal.id                    1 
_exptl_crystal.density_meas          ? 
_exptl_crystal.density_Matthews      3.12 
_exptl_crystal.density_percent_sol   60.60 
_exptl_crystal.description           ? 
_exptl_crystal.F_000                 ? 
_exptl_crystal.preparation           ? 
# 
_exptl_crystal_grow.crystal_id      1 
_exptl_crystal_grow.method          'VAPOR DIFFUSION, HANGING DROP' 
_exptl_crystal_grow.temp            298 
_exptl_crystal_grow.temp_details    ? 
_exptl_crystal_grow.pH              4.7 
_exptl_crystal_grow.pdbx_details    'sodium acetate 0.1 M Ammonium sulfate 1.9 M, pH 4.7. VAPOR DIFFUSION, HANGING DROP at 298 K' 
_exptl_crystal_grow.pdbx_pH_range   . 
# 
_diffrn.id                     1 
_diffrn.ambient_temp           100 
_diffrn.ambient_temp_details   ? 
_diffrn.crystal_id             1 
# 
_diffrn_detector.diffrn_id              1 
_diffrn_detector.detector               'IMAGE PLATE' 
_diffrn_detector.type                   MARRESEARCH 
_diffrn_detector.pdbx_collection_date   1999-04-17 
_diffrn_detector.details                ? 
# 
_diffrn_radiation.diffrn_id                        1 
_diffrn_radiation.wavelength_id                    1 
_diffrn_radiation.pdbx_monochromatic_or_laue_m_l   M 
_diffrn_radiation.monochromator                    monochromator 
_diffrn_radiation.pdbx_diffrn_protocol             'SINGLE WAVELENGTH' 
_diffrn_radiation.pdbx_scattering_type             x-ray 
# 
_diffrn_radiation_wavelength.id           1 
_diffrn_radiation_wavelength.wavelength   1.08 
_diffrn_radiation_wavelength.wt           1.0 
# 
_diffrn_source.diffrn_id                   1 
_diffrn_source.source                      SYNCHROTRON 
_diffrn_source.type                        'SSRL BEAMLINE BL7-1' 
_diffrn_source.pdbx_synchrotron_site       SSRL 
_diffrn_source.pdbx_synchrotron_beamline   BL7-1 
_diffrn_source.pdbx_wavelength             ? 
_diffrn_source.pdbx_wavelength_list        1.08 
# 
_reflns.entry_id                     1I5D 
_reflns.observed_criterion_sigma_I   1 
_reflns.observed_criterion_sigma_F   ? 
_reflns.d_resolution_low             30. 
_reflns.d_resolution_high            2.90 
_reflns.number_obs                   7933 
_reflns.number_all                   7933 
_reflns.percent_possible_obs         99 
_reflns.pdbx_Rmerge_I_obs            0.0540000 
_reflns.pdbx_Rsym_value              ? 
_reflns.pdbx_netI_over_sigmaI        30 
_reflns.B_iso_Wilson_estimate        85.6 
_reflns.pdbx_redundancy              1 
_reflns.R_free_details               ? 
_reflns.limit_h_max                  ? 
_reflns.limit_h_min                  ? 
_reflns.limit_k_max                  ? 
_reflns.limit_k_min                  ? 
_reflns.limit_l_max                  ? 
_reflns.limit_l_min                  ? 
_reflns.observed_criterion_F_max     ? 
_reflns.observed_criterion_F_min     ? 
_reflns.pdbx_ordinal                 1 
_reflns.pdbx_diffrn_id               1 
_reflns.pdbx_chi_squared             ? 
_reflns.pdbx_scaling_rejects         ? 
# 
_reflns_shell.d_res_high             2.90 
_reflns_shell.d_res_low              3.04 
_reflns_shell.percent_possible_all   99 
_reflns_shell.Rmerge_I_obs           0.2690000 
_reflns_shell.pdbx_Rsym_value        ? 
_reflns_shell.meanI_over_sigI_obs    8 
_reflns_shell.pdbx_redundancy        1 
_reflns_shell.percent_possible_obs   ? 
_reflns_shell.number_unique_all      ? 
_reflns_shell.pdbx_ordinal           1 
_reflns_shell.pdbx_diffrn_id         1 
_reflns_shell.number_measured_all    ? 
_reflns_shell.number_measured_obs    ? 
_reflns_shell.number_unique_obs      ? 
_reflns_shell.pdbx_chi_squared       ? 
# 
_refine.entry_id                                 1I5D 
_refine.ls_number_reflns_obs                     5811 
_refine.ls_number_reflns_all                     7933 
_refine.pdbx_ls_sigma_I                          1.0 
_refine.pdbx_ls_sigma_F                          2.0 
_refine.pdbx_data_cutoff_high_absF               92361613.63 
_refine.pdbx_data_cutoff_low_absF                0.00 
_refine.ls_d_res_low                             27.89 
_refine.ls_d_res_high                            2.90 
_refine.ls_percent_reflns_obs                    90.7 
_refine.ls_R_factor_obs                          0.2630000 
_refine.ls_R_factor_all                          0.2630000 
_refine.ls_R_factor_R_work                       0.2630000 
_refine.ls_R_factor_R_free                       0.3120000 
_refine.ls_R_factor_R_free_error                 0.018 
_refine.ls_R_factor_R_free_error_details         ? 
_refine.ls_percent_reflns_R_free                 5.4 
_refine.ls_number_reflns_R_free                  316 
_refine.ls_number_parameters                     ? 
_refine.ls_number_restraints                     ? 
_refine.occupancy_min                            ? 
_refine.occupancy_max                            ? 
_refine.B_iso_mean                               89.9 
_refine.aniso_B[1][1]                            1.19 
_refine.aniso_B[2][2]                            1.19 
_refine.aniso_B[3][3]                            -2.39 
_refine.aniso_B[1][2]                            0.00 
_refine.aniso_B[1][3]                            0.00 
_refine.aniso_B[2][3]                            0.00 
_refine.solvent_model_details                    'FLAT MODEL' 
_refine.solvent_model_param_ksol                 0.337 
_refine.solvent_model_param_bsol                 103.9 
_refine.pdbx_ls_cross_valid_method               THROUGHOUT 
_refine.details                                  ? 
_refine.pdbx_starting_model                      1B3Q 
_refine.pdbx_method_to_determine_struct          'MOLECULAR REPLACEMENT' 
_refine.pdbx_isotropic_thermal_model             RESTRAINED 
_refine.pdbx_stereochemistry_target_values       'Engh & Huber' 
_refine.pdbx_stereochem_target_val_spec_case     ? 
_refine.pdbx_R_Free_selection_details            RANDOM 
_refine.pdbx_overall_ESU_R_Free                  ? 
_refine.overall_SU_B                             ? 
_refine.ls_redundancy_reflns_obs                 ? 
_refine.B_iso_min                                ? 
_refine.B_iso_max                                ? 
_refine.correlation_coeff_Fo_to_Fc               ? 
_refine.correlation_coeff_Fo_to_Fc_free          ? 
_refine.overall_SU_R_Cruickshank_DPI             ? 
_refine.overall_SU_R_free                        ? 
_refine.overall_SU_ML                            ? 
_refine.pdbx_overall_ESU_R                       ? 
_refine.pdbx_data_cutoff_high_rms_absF           ? 
_refine.pdbx_refine_id                           'X-RAY DIFFRACTION' 
_refine.pdbx_diffrn_id                           1 
_refine.pdbx_overall_phase_error                 ? 
_refine.pdbx_solvent_vdw_probe_radii             ? 
_refine.pdbx_solvent_ion_probe_radii             ? 
_refine.pdbx_solvent_shrinkage_radii             ? 
_refine.ls_wR_factor_R_free                      ? 
_refine.ls_wR_factor_R_work                      ? 
_refine.overall_FOM_free_R_set                   ? 
_refine.overall_FOM_work_R_set                   ? 
_refine.pdbx_TLS_residual_ADP_flag               ? 
_refine.pdbx_overall_SU_R_free_Cruickshank_DPI   ? 
_refine.pdbx_overall_SU_R_Blow_DPI               ? 
_refine.pdbx_overall_SU_R_free_Blow_DPI          ? 
# 
_refine_analyze.entry_id                        1I5D 
_refine_analyze.Luzzati_coordinate_error_obs    0.50 
_refine_analyze.Luzzati_sigma_a_obs             0.75 
_refine_analyze.Luzzati_d_res_low_obs           5.00 
_refine_analyze.Luzzati_coordinate_error_free   0.56 
_refine_analyze.Luzzati_sigma_a_free            0.62 
_refine_analyze.Luzzati_d_res_low_free          ? 
_refine_analyze.number_disordered_residues      ? 
_refine_analyze.occupancy_sum_hydrogen          ? 
_refine_analyze.occupancy_sum_non_hydrogen      ? 
_refine_analyze.pdbx_Luzzati_d_res_high_obs     ? 
_refine_analyze.pdbx_refine_id                  'X-RAY DIFFRACTION' 
# 
_refine_hist.pdbx_refine_id                   'X-RAY DIFFRACTION' 
_refine_hist.cycle_id                         LAST 
_refine_hist.pdbx_number_atoms_protein        1455 
_refine_hist.pdbx_number_atoms_nucleic_acid   0 
_refine_hist.pdbx_number_atoms_ligand         56 
_refine_hist.number_atoms_solvent             47 
_refine_hist.number_atoms_total               1558 
_refine_hist.d_res_high                       2.90 
_refine_hist.d_res_low                        27.89 
# 
loop_
_refine_ls_restr.type 
_refine_ls_restr.dev_ideal 
_refine_ls_restr.dev_ideal_target 
_refine_ls_restr.weight 
_refine_ls_restr.number 
_refine_ls_restr.pdbx_refine_id 
_refine_ls_restr.pdbx_restraint_function 
c_bond_d           0.013 ?    ? ? 'X-RAY DIFFRACTION' ? 
c_angle_deg        2.0   ?    ? ? 'X-RAY DIFFRACTION' ? 
c_dihedral_angle_d 23.8  ?    ? ? 'X-RAY DIFFRACTION' ? 
c_improper_angle_d 1.29  ?    ? ? 'X-RAY DIFFRACTION' ? 
c_mcbond_it        5.89  1.50 ? ? 'X-RAY DIFFRACTION' ? 
c_mcangle_it       9.79  2.00 ? ? 'X-RAY DIFFRACTION' ? 
c_scbond_it        8.07  2.00 ? ? 'X-RAY DIFFRACTION' ? 
c_scangle_it       12.12 2.50 ? ? 'X-RAY DIFFRACTION' ? 
# 
_refine_ls_shell.pdbx_total_number_of_bins_used   10 
_refine_ls_shell.d_res_high                       2.90 
_refine_ls_shell.d_res_low                        3.00 
_refine_ls_shell.number_reflns_R_work             452 
_refine_ls_shell.R_factor_R_work                  0.4190000 
_refine_ls_shell.percent_reflns_obs               74.9 
_refine_ls_shell.R_factor_R_free                  0.4350000 
_refine_ls_shell.R_factor_R_free_error            0.097 
_refine_ls_shell.percent_reflns_R_free            4.2 
_refine_ls_shell.number_reflns_R_free             20 
_refine_ls_shell.number_reflns_obs                ? 
_refine_ls_shell.redundancy_reflns_obs            ? 
_refine_ls_shell.number_reflns_all                ? 
_refine_ls_shell.pdbx_refine_id                   'X-RAY DIFFRACTION' 
_refine_ls_shell.R_factor_all                     ? 
# 
loop_
_pdbx_xplor_file.serial_no 
_pdbx_xplor_file.param_file 
_pdbx_xplor_file.topol_file 
_pdbx_xplor_file.pdbx_refine_id 
1 PROTEIN_REP.PARAM PROTEIN.TOP 'X-RAY DIFFRACTION' 
2 ?                 WATER.TOP   'X-RAY DIFFRACTION' 
3 TNP2.PARAM        TNP2.TOP    'X-RAY DIFFRACTION' 
4 WATER.PARAM       ?           'X-RAY DIFFRACTION' 
5 ION.PARAM         ?           'X-RAY DIFFRACTION' 
# 
_struct.entry_id                  1I5D 
_struct.title                     'STRUCTURE OF CHEA DOMAIN P4 IN COMPLEX WITH TNP-ATP' 
_struct.pdbx_model_details        ? 
_struct.pdbx_CASP_flag            ? 
_struct.pdbx_model_type_details   ? 
# 
_struct_keywords.entry_id        1I5D 
_struct_keywords.pdbx_keywords   'SIGNALING PROTEIN, TRANSFERASE' 
_struct_keywords.text            'beta-alpha sandwich, SIGNALING PROTEIN, TRANSFERASE' 
# 
loop_
_struct_asym.id 
_struct_asym.pdbx_blank_PDB_chainid_flag 
_struct_asym.pdbx_modified 
_struct_asym.entity_id 
_struct_asym.details 
A N N 1 ? 
B N N 2 ? 
C N N 2 ? 
D N N 3 ? 
E N N 4 ? 
# 
_struct_biol.id        1 
_struct_biol.details   ? 
# 
loop_
_struct_conf.conf_type_id 
_struct_conf.id 
_struct_conf.pdbx_PDB_helix_id 
_struct_conf.beg_label_comp_id 
_struct_conf.beg_label_asym_id 
_struct_conf.beg_label_seq_id 
_struct_conf.pdbx_beg_PDB_ins_code 
_struct_conf.end_label_comp_id 
_struct_conf.end_label_asym_id 
_struct_conf.end_label_seq_id 
_struct_conf.pdbx_end_PDB_ins_code 
_struct_conf.beg_auth_comp_id 
_struct_conf.beg_auth_asym_id 
_struct_conf.beg_auth_seq_id 
_struct_conf.end_auth_comp_id 
_struct_conf.end_auth_asym_id 
_struct_conf.end_auth_seq_id 
_struct_conf.pdbx_PDB_helix_class 
_struct_conf.details 
_struct_conf.pdbx_PDB_helix_length 
HELX_P HELX_P1  1  ILE A 9   ? ASN A 14  ? ILE A 358 ASN A 363 1 ? 6  
HELX_P HELX_P2  2  ARG A 15  ? MET A 27  ? ARG A 364 MET A 376 1 ? 13 
HELX_P HELX_P3  3  ARG A 44  ? ILE A 50  ? ARG A 393 ILE A 399 1 ? 7  
HELX_P HELX_P4  4  ILE A 50  ? HIS A 64  ? ILE A 399 HIS A 413 1 ? 15 
HELX_P HELX_P5  5  PRO A 68  ? GLY A 76  ? PRO A 417 GLY A 425 1 ? 9  
HELX_P HELX_P6  6  ASP A 106 ? GLU A 116 ? ASP A 455 GLU A 465 1 ? 11 
HELX_P HELX_P7  7  SER A 123 ? LEU A 128 ? SER A 472 LEU A 477 5 ? 6  
HELX_P HELX_P8  8  SER A 129 ? PHE A 136 ? SER A 478 PHE A 485 1 ? 8  
HELX_P HELX_P9  9  LEU A 137 ? VAL A 139 ? LEU A 486 VAL A 488 5 ? 3  
HELX_P HELX_P10 10 ASP A 159 ? SER A 167 ? ASP A 508 SER A 516 1 ? 9  
# 
_struct_conf_type.id          HELX_P 
_struct_conf_type.criteria    ? 
_struct_conf_type.reference   ? 
# 
loop_
_struct_sheet.id 
_struct_sheet.type 
_struct_sheet.number_strands 
_struct_sheet.details 
A ? 2 ? 
B ? 5 ? 
# 
loop_
_struct_sheet_order.sheet_id 
_struct_sheet_order.range_id_1 
_struct_sheet_order.range_id_2 
_struct_sheet_order.offset 
_struct_sheet_order.sense 
A 1 2 ? anti-parallel 
B 1 2 ? parallel      
B 2 3 ? anti-parallel 
B 3 4 ? anti-parallel 
B 4 5 ? anti-parallel 
# 
loop_
_struct_sheet_range.sheet_id 
_struct_sheet_range.id 
_struct_sheet_range.beg_label_comp_id 
_struct_sheet_range.beg_label_asym_id 
_struct_sheet_range.beg_label_seq_id 
_struct_sheet_range.pdbx_beg_PDB_ins_code 
_struct_sheet_range.end_label_comp_id 
_struct_sheet_range.end_label_asym_id 
_struct_sheet_range.end_label_seq_id 
_struct_sheet_range.pdbx_end_PDB_ins_code 
_struct_sheet_range.beg_auth_comp_id 
_struct_sheet_range.beg_auth_asym_id 
_struct_sheet_range.beg_auth_seq_id 
_struct_sheet_range.end_auth_comp_id 
_struct_sheet_range.end_auth_asym_id 
_struct_sheet_range.end_auth_seq_id 
A 1 MET A 6   ? PRO A 8   ? MET A 355 PRO A 357 
A 2 GLU A 41  ? ASP A 43  ? GLU A 390 ASP A 392 
B 1 VAL A 31  ? ARG A 36  ? VAL A 380 ARG A 385 
B 2 GLY A 81  ? GLU A 90  ? GLY A 430 GLU A 439 
B 3 ASN A 93  ? ASP A 100 ? ASN A 442 ASP A 449 
B 4 GLY A 181 ? PRO A 189 ? GLY A 530 PRO A 538 
B 5 SER A 171 ? GLU A 177 ? SER A 520 GLU A 526 
# 
loop_
_pdbx_struct_sheet_hbond.sheet_id 
_pdbx_struct_sheet_hbond.range_id_1 
_pdbx_struct_sheet_hbond.range_id_2 
_pdbx_struct_sheet_hbond.range_1_label_atom_id 
_pdbx_struct_sheet_hbond.range_1_label_comp_id 
_pdbx_struct_sheet_hbond.range_1_label_asym_id 
_pdbx_struct_sheet_hbond.range_1_label_seq_id 
_pdbx_struct_sheet_hbond.range_1_PDB_ins_code 
_pdbx_struct_sheet_hbond.range_1_auth_atom_id 
_pdbx_struct_sheet_hbond.range_1_auth_comp_id 
_pdbx_struct_sheet_hbond.range_1_auth_asym_id 
_pdbx_struct_sheet_hbond.range_1_auth_seq_id 
_pdbx_struct_sheet_hbond.range_2_label_atom_id 
_pdbx_struct_sheet_hbond.range_2_label_comp_id 
_pdbx_struct_sheet_hbond.range_2_label_asym_id 
_pdbx_struct_sheet_hbond.range_2_label_seq_id 
_pdbx_struct_sheet_hbond.range_2_PDB_ins_code 
_pdbx_struct_sheet_hbond.range_2_auth_atom_id 
_pdbx_struct_sheet_hbond.range_2_auth_comp_id 
_pdbx_struct_sheet_hbond.range_2_auth_asym_id 
_pdbx_struct_sheet_hbond.range_2_auth_seq_id 
A 1 2 O VAL A 7   ? O VAL A 356 N LEU A 42  ? N LEU A 391 
B 1 2 N ASN A 32  ? N ASN A 381 O GLY A 81  ? O GLY A 430 
B 2 3 N GLU A 90  ? N GLU A 439 O ASN A 93  ? O ASN A 442 
B 3 4 N ASP A 100 ? N ASP A 449 O THR A 182 ? O THR A 531 
B 4 5 N ARG A 187 ? N ARG A 536 O SER A 171 ? O SER A 520 
# 
loop_
_struct_site.id 
_struct_site.pdbx_evidence_code 
_struct_site.pdbx_auth_asym_id 
_struct_site.pdbx_auth_comp_id 
_struct_site.pdbx_auth_seq_id 
_struct_site.pdbx_auth_ins_code 
_struct_site.pdbx_num_residues 
_struct_site.details 
AC1 Software A SO4 1   ? 5  'BINDING SITE FOR RESIDUE SO4 A 1'   
AC2 Software A SO4 2   ? 1  'BINDING SITE FOR RESIDUE SO4 A 2'   
AC3 Software A 128 999 ? 13 'BINDING SITE FOR RESIDUE 128 A 999' 
# 
loop_
_struct_site_gen.id 
_struct_site_gen.site_id 
_struct_site_gen.pdbx_num_res 
_struct_site_gen.label_comp_id 
_struct_site_gen.label_asym_id 
_struct_site_gen.label_seq_id 
_struct_site_gen.pdbx_auth_ins_code 
_struct_site_gen.auth_comp_id 
_struct_site_gen.auth_asym_id 
_struct_site_gen.auth_seq_id 
_struct_site_gen.label_atom_id 
_struct_site_gen.label_alt_id 
_struct_site_gen.symmetry 
_struct_site_gen.details 
1  AC1 5  ARG A 88  ? ARG A 437 . ? 1_555 ? 
2  AC1 5  LYS A 107 ? LYS A 456 . ? 6_565 ? 
3  AC1 5  GLU A 177 ? GLU A 526 . ? 6_565 ? 
4  AC1 5  LYS A 178 ? LYS A 527 . ? 6_565 ? 
5  AC1 5  LYS A 183 ? LYS A 532 . ? 1_555 ? 
6  AC2 1  ARG A 59  ? ARG A 408 . ? 1_555 ? 
7  AC3 13 HOH E .   ? HOH A 41  . ? 1_555 ? 
8  AC3 13 HOH E .   ? HOH A 95  . ? 1_555 ? 
9  AC3 13 HOH E .   ? HOH A 96  . ? 1_555 ? 
10 AC3 13 ASN A 60  ? ASN A 409 . ? 1_555 ? 
11 AC3 13 HIS A 64  ? HIS A 413 . ? 1_555 ? 
12 AC3 13 GLY A 65  ? GLY A 414 . ? 1_555 ? 
13 AC3 13 ASP A 100 ? ASP A 449 . ? 1_555 ? 
14 AC3 13 ILE A 105 ? ILE A 454 . ? 1_555 ? 
15 AC3 13 LYS A 109 ? LYS A 458 . ? 1_555 ? 
16 AC3 13 ILE A 110 ? ILE A 459 . ? 1_555 ? 
17 AC3 13 LYS A 113 ? LYS A 462 . ? 1_555 ? 
18 AC3 13 SER A 143 ? SER A 492 . ? 1_555 ? 
19 AC3 13 LYS A 145 ? LYS A 494 . ? 1_555 ? 
# 
_atom_sites.entry_id                    1I5D 
_atom_sites.fract_transf_matrix[1][1]   0.01140556 
_atom_sites.fract_transf_matrix[1][2]   0.00073046 
_atom_sites.fract_transf_matrix[1][3]   0.00267588 
_atom_sites.fract_transf_matrix[2][1]   -0.00043441 
_atom_sites.fract_transf_matrix[2][2]   -0.01071354 
_atom_sites.fract_transf_matrix[2][3]   0.00477620 
_atom_sites.fract_transf_matrix[3][1]   0.00316387 
_atom_sites.fract_transf_matrix[3][2]   -0.00547409 
_atom_sites.fract_transf_matrix[3][3]   -0.01199122 
_atom_sites.fract_transf_vector[1]      0.141573 
_atom_sites.fract_transf_vector[2]      0.644465 
_atom_sites.fract_transf_vector[3]      0.313725 
# 
loop_
_atom_type.symbol 
C 
N 
O 
P 
S 
# 
loop_
_atom_site.group_PDB 
_atom_site.id 
_atom_site.type_symbol 
_atom_site.label_atom_id 
_atom_site.label_alt_id 
_atom_site.label_comp_id 
_atom_site.label_asym_id 
_atom_site.label_entity_id 
_atom_site.label_seq_id 
_atom_site.pdbx_PDB_ins_code 
_atom_site.Cartn_x 
_atom_site.Cartn_y 
_atom_site.Cartn_z 
_atom_site.occupancy 
_atom_site.B_iso_or_equiv 
_atom_site.pdbx_formal_charge 
_atom_site.auth_seq_id 
_atom_site.auth_comp_id 
_atom_site.auth_asym_id 
_atom_site.auth_atom_id 
_atom_site.pdbx_PDB_model_num 
ATOM   1    N N     . VAL A 1 1   ? 21.162  -9.504  -19.972 1.00 162.16 ? 350 VAL A N     1 
ATOM   2    C CA    . VAL A 1 1   ? 21.599  -9.243  -21.369 1.00 163.85 ? 350 VAL A CA    1 
ATOM   3    C C     . VAL A 1 1   ? 21.786  -7.747  -21.579 1.00 165.10 ? 350 VAL A C     1 
ATOM   4    O O     . VAL A 1 1   ? 21.923  -6.983  -20.622 1.00 163.08 ? 350 VAL A O     1 
ATOM   5    C CB    . VAL A 1 1   ? 20.561  -9.784  -22.355 1.00 162.29 ? 350 VAL A CB    1 
ATOM   6    N N     . MET A 1 2   ? 21.808  -7.345  -22.846 1.00 168.84 ? 351 MET A N     1 
ATOM   7    C CA    . MET A 1 2   ? 21.949  -5.946  -23.227 1.00 168.18 ? 351 MET A CA    1 
ATOM   8    C C     . MET A 1 2   ? 20.682  -5.641  -24.015 1.00 164.67 ? 351 MET A C     1 
ATOM   9    O O     . MET A 1 2   ? 20.699  -4.941  -25.026 1.00 164.09 ? 351 MET A O     1 
ATOM   10   C CB    . MET A 1 2   ? 23.185  -5.755  -24.100 1.00 172.93 ? 351 MET A CB    1 
ATOM   11   N N     . LYS A 1 3   ? 19.587  -6.212  -23.529 1.00 159.24 ? 352 LYS A N     1 
ATOM   12   C CA    . LYS A 1 3   ? 18.266  -6.062  -24.117 1.00 153.54 ? 352 LYS A CA    1 
ATOM   13   C C     . LYS A 1 3   ? 17.294  -6.744  -23.156 1.00 149.29 ? 352 LYS A C     1 
ATOM   14   O O     . LYS A 1 3   ? 17.020  -7.940  -23.273 1.00 153.96 ? 352 LYS A O     1 
ATOM   15   C CB    . LYS A 1 3   ? 18.221  -6.728  -25.491 1.00 154.10 ? 352 LYS A CB    1 
ATOM   16   N N     . ILE A 1 4   ? 16.805  -5.968  -22.195 1.00 140.19 ? 353 ILE A N     1 
ATOM   17   C CA    . ILE A 1 4   ? 15.860  -6.457  -21.191 1.00 124.38 ? 353 ILE A CA    1 
ATOM   18   C C     . ILE A 1 4   ? 14.473  -6.725  -21.811 1.00 115.37 ? 353 ILE A C     1 
ATOM   19   O O     . ILE A 1 4   ? 14.142  -6.050  -22.793 1.00 116.97 ? 353 ILE A O     1 
ATOM   20   C CB    . ILE A 1 4   ? 15.747  -5.423  -20.038 1.00 123.35 ? 353 ILE A CB    1 
ATOM   21   C CG1   . ILE A 1 4   ? 16.961  -5.543  -19.109 1.00 124.59 ? 353 ILE A CG1   1 
ATOM   22   C CG2   . ILE A 1 4   ? 14.449  -5.627  -19.277 1.00 122.26 ? 353 ILE A CG2   1 
ATOM   23   C CD1   . ILE A 1 4   ? 18.309  -5.398  -19.804 1.00 125.18 ? 353 ILE A CD1   1 
ATOM   24   N N     . ARG A 1 5   ? 13.710  -7.683  -21.271 1.00 108.82 ? 354 ARG A N     1 
ATOM   25   C CA    . ARG A 1 5   ? 12.408  -7.984  -21.806 1.00 104.28 ? 354 ARG A CA    1 
ATOM   26   C C     . ARG A 1 5   ? 11.292  -7.272  -21.057 1.00 97.44  ? 354 ARG A C     1 
ATOM   27   O O     . ARG A 1 5   ? 11.114  -7.398  -19.865 1.00 92.67  ? 354 ARG A O     1 
ATOM   28   C CB    . ARG A 1 5   ? 12.187  -9.483  -21.853 1.00 108.18 ? 354 ARG A CB    1 
ATOM   29   N N     . MET A 1 6   ? 10.518  -6.520  -21.827 1.00 92.55  ? 355 MET A N     1 
ATOM   30   C CA    . MET A 1 6   ? 9.368   -5.785  -21.298 1.00 92.58  ? 355 MET A CA    1 
ATOM   31   C C     . MET A 1 6   ? 8.150   -6.655  -21.573 1.00 90.32  ? 355 MET A C     1 
ATOM   32   O O     . MET A 1 6   ? 8.025   -7.233  -22.653 1.00 91.57  ? 355 MET A O     1 
ATOM   33   C CB    . MET A 1 6   ? 9.229   -4.439  -22.009 1.00 97.51  ? 355 MET A CB    1 
ATOM   34   C CG    . MET A 1 6   ? 10.289  -3.433  -21.616 1.00 94.11  ? 355 MET A CG    1 
ATOM   35   S SD    . MET A 1 6   ? 10.046  -2.884  -19.936 1.00 103.68 ? 355 MET A SD    1 
ATOM   36   C CE    . MET A 1 6   ? 11.465  -3.502  -19.212 1.00 98.01  ? 355 MET A CE    1 
ATOM   37   N N     . VAL A 1 7   ? 7.282   -6.769  -20.572 1.00 85.86  ? 356 VAL A N     1 
ATOM   38   C CA    . VAL A 1 7   ? 6.082   -7.581  -20.677 1.00 79.55  ? 356 VAL A CA    1 
ATOM   39   C C     . VAL A 1 7   ? 4.925   -6.778  -20.111 1.00 76.74  ? 356 VAL A C     1 
ATOM   40   O O     . VAL A 1 7   ? 5.131   -5.858  -19.321 1.00 82.56  ? 356 VAL A O     1 
ATOM   41   C CB    . VAL A 1 7   ? 6.217   -8.857  -19.861 1.00 75.10  ? 356 VAL A CB    1 
ATOM   42   C CG1   . VAL A 1 7   ? 7.529   -9.538  -20.182 1.00 86.44  ? 356 VAL A CG1   1 
ATOM   43   C CG2   . VAL A 1 7   ? 6.147   -8.535  -18.391 1.00 86.52  ? 356 VAL A CG2   1 
ATOM   44   N N     . PRO A 1 8   ? 3.689   -7.093  -20.514 1.00 71.71  ? 357 PRO A N     1 
ATOM   45   C CA    . PRO A 1 8   ? 2.620   -6.287  -19.936 1.00 64.29  ? 357 PRO A CA    1 
ATOM   46   C C     . PRO A 1 8   ? 2.513   -6.590  -18.451 1.00 61.95  ? 357 PRO A C     1 
ATOM   47   O O     . PRO A 1 8   ? 2.753   -7.715  -18.009 1.00 39.56  ? 357 PRO A O     1 
ATOM   48   C CB    . PRO A 1 8   ? 1.391   -6.720  -20.734 1.00 67.25  ? 357 PRO A CB    1 
ATOM   49   C CG    . PRO A 1 8   ? 1.670   -8.156  -21.000 1.00 72.85  ? 357 PRO A CG    1 
ATOM   50   C CD    . PRO A 1 8   ? 3.145   -8.176  -21.350 1.00 75.74  ? 357 PRO A CD    1 
ATOM   51   N N     . ILE A 1 9   ? 2.186   -5.567  -17.683 1.00 66.50  ? 358 ILE A N     1 
ATOM   52   C CA    . ILE A 1 9   ? 2.041   -5.736  -16.260 1.00 70.70  ? 358 ILE A CA    1 
ATOM   53   C C     . ILE A 1 9   ? 0.764   -6.546  -16.131 1.00 74.32  ? 358 ILE A C     1 
ATOM   54   O O     . ILE A 1 9   ? 0.480   -7.120  -15.076 1.00 75.73  ? 358 ILE A O     1 
ATOM   55   C CB    . ILE A 1 9   ? 1.924   -4.374  -15.569 1.00 67.90  ? 358 ILE A CB    1 
ATOM   56   C CG1   . ILE A 1 9   ? 1.973   -4.554  -14.045 1.00 71.40  ? 358 ILE A CG1   1 
ATOM   57   C CG2   . ILE A 1 9   ? 0.673   -3.664  -16.031 1.00 59.74  ? 358 ILE A CG2   1 
ATOM   58   C CD1   . ILE A 1 9   ? 2.039   -3.234  -13.277 1.00 73.20  ? 358 ILE A CD1   1 
ATOM   59   N N     . SER A 1 10  ? 0.020   -6.614  -17.238 1.00 74.09  ? 359 SER A N     1 
ATOM   60   C CA    . SER A 1 10  ? -1.238  -7.346  -17.283 1.00 73.05  ? 359 SER A CA    1 
ATOM   61   C C     . SER A 1 10  ? -1.095  -8.704  -16.634 1.00 75.54  ? 359 SER A C     1 
ATOM   62   O O     . SER A 1 10  ? -2.017  -9.175  -15.955 1.00 72.19  ? 359 SER A O     1 
ATOM   63   C CB    . SER A 1 10  ? -1.706  -7.532  -18.723 1.00 69.07  ? 359 SER A CB    1 
ATOM   64   O OG    . SER A 1 10  ? -1.020  -8.588  -19.353 1.00 59.19  ? 359 SER A OG    1 
ATOM   65   N N     . PHE A 1 11  ? 0.066   -9.328  -16.840 1.00 76.38  ? 360 PHE A N     1 
ATOM   66   C CA    . PHE A 1 11  ? 0.313   -10.647 -16.281 1.00 79.84  ? 360 PHE A CA    1 
ATOM   67   C C     . PHE A 1 11  ? 0.243   -10.675 -14.766 1.00 78.81  ? 360 PHE A C     1 
ATOM   68   O O     . PHE A 1 11  ? -0.594  -11.368 -14.214 1.00 83.03  ? 360 PHE A O     1 
ATOM   69   C CB    . PHE A 1 11  ? 1.656   -11.195 -16.757 1.00 85.72  ? 360 PHE A CB    1 
ATOM   70   C CG    . PHE A 1 11  ? 1.622   -11.728 -18.160 1.00 90.71  ? 360 PHE A CG    1 
ATOM   71   C CD1   . PHE A 1 11  ? 1.852   -10.896 -19.249 1.00 92.94  ? 360 PHE A CD1   1 
ATOM   72   C CD2   . PHE A 1 11  ? 1.297   -13.058 -18.397 1.00 86.78  ? 360 PHE A CD2   1 
ATOM   73   C CE1   . PHE A 1 11  ? 1.756   -11.381 -20.556 1.00 93.07  ? 360 PHE A CE1   1 
ATOM   74   C CE2   . PHE A 1 11  ? 1.199   -13.553 -19.694 1.00 84.49  ? 360 PHE A CE2   1 
ATOM   75   C CZ    . PHE A 1 11  ? 1.428   -12.712 -20.777 1.00 91.24  ? 360 PHE A CZ    1 
ATOM   76   N N     . VAL A 1 12  ? 1.104   -9.920  -14.095 1.00 75.25  ? 361 VAL A N     1 
ATOM   77   C CA    . VAL A 1 12  ? 1.092   -9.887  -12.636 1.00 72.46  ? 361 VAL A CA    1 
ATOM   78   C C     . VAL A 1 12  ? -0.260  -9.435  -12.046 1.00 69.31  ? 361 VAL A C     1 
ATOM   79   O O     . VAL A 1 12  ? -0.603  -9.790  -10.924 1.00 67.06  ? 361 VAL A O     1 
ATOM   80   C CB    . VAL A 1 12  ? 2.224   -8.966  -12.102 1.00 75.40  ? 361 VAL A CB    1 
ATOM   81   C CG1   . VAL A 1 12  ? 2.025   -7.540  -12.587 1.00 77.98  ? 361 VAL A CG1   1 
ATOM   82   C CG2   . VAL A 1 12  ? 2.258   -9.009  -10.588 1.00 69.92  ? 361 VAL A CG2   1 
ATOM   83   N N     . PHE A 1 13  ? -1.042  -8.692  -12.820 1.00 66.00  ? 362 PHE A N     1 
ATOM   84   C CA    . PHE A 1 13  ? -2.338  -8.171  -12.376 1.00 64.04  ? 362 PHE A CA    1 
ATOM   85   C C     . PHE A 1 13  ? -3.504  -9.146  -12.357 1.00 63.44  ? 362 PHE A C     1 
ATOM   86   O O     . PHE A 1 13  ? -4.163  -9.320  -11.330 1.00 55.68  ? 362 PHE A O     1 
ATOM   87   C CB    . PHE A 1 13  ? -2.730  -6.962  -13.232 1.00 60.63  ? 362 PHE A CB    1 
ATOM   88   C CG    . PHE A 1 13  ? -2.147  -5.663  -12.751 1.00 56.41  ? 362 PHE A CG    1 
ATOM   89   C CD1   . PHE A 1 13  ? -0.966  -5.636  -12.025 1.00 64.67  ? 362 PHE A CD1   1 
ATOM   90   C CD2   . PHE A 1 13  ? -2.770  -4.472  -13.031 1.00 51.69  ? 362 PHE A CD2   1 
ATOM   91   C CE1   . PHE A 1 13  ? -0.427  -4.429  -11.588 1.00 67.42  ? 362 PHE A CE1   1 
ATOM   92   C CE2   . PHE A 1 13  ? -2.242  -3.267  -12.602 1.00 57.56  ? 362 PHE A CE2   1 
ATOM   93   C CZ    . PHE A 1 13  ? -1.077  -3.237  -11.883 1.00 58.37  ? 362 PHE A CZ    1 
ATOM   94   N N     . ASN A 1 14  ? -3.771  -9.764  -13.503 1.00 65.31  ? 363 ASN A N     1 
ATOM   95   C CA    . ASN A 1 14  ? -4.872  -10.718 -13.637 1.00 63.42  ? 363 ASN A CA    1 
ATOM   96   C C     . ASN A 1 14  ? -4.978  -11.741 -12.520 1.00 67.77  ? 363 ASN A C     1 
ATOM   97   O O     . ASN A 1 14  ? -5.945  -12.492 -12.452 1.00 77.02  ? 363 ASN A O     1 
ATOM   98   C CB    . ASN A 1 14  ? -4.753  -11.456 -14.965 1.00 55.35  ? 363 ASN A CB    1 
ATOM   99   C CG    . ASN A 1 14  ? -4.830  -10.515 -16.166 1.00 52.87  ? 363 ASN A CG    1 
ATOM   100  O OD1   . ASN A 1 14  ? -4.408  -10.861 -17.285 1.00 46.47  ? 363 ASN A OD1   1 
ATOM   101  N ND2   . ASN A 1 14  ? -5.392  -9.314  -15.943 1.00 27.85  ? 363 ASN A ND2   1 
ATOM   102  N N     . ARG A 1 15  ? -3.983  -11.781 -11.646 1.00 71.89  ? 364 ARG A N     1 
ATOM   103  C CA    . ARG A 1 15  ? -3.969  -12.745 -10.542 1.00 75.21  ? 364 ARG A CA    1 
ATOM   104  C C     . ARG A 1 15  ? -4.717  -12.226 -9.324  1.00 74.00  ? 364 ARG A C     1 
ATOM   105  O O     . ARG A 1 15  ? -5.446  -12.984 -8.666  1.00 67.59  ? 364 ARG A O     1 
ATOM   106  C CB    . ARG A 1 15  ? -2.533  -13.055 -10.147 1.00 71.51  ? 364 ARG A CB    1 
ATOM   107  C CG    . ARG A 1 15  ? -1.578  -13.136 -11.337 1.00 99.26  ? 364 ARG A CG    1 
ATOM   108  C CD    . ARG A 1 15  ? -2.167  -13.953 -12.506 1.00 126.87 ? 364 ARG A CD    1 
ATOM   109  N NE    . ARG A 1 15  ? -1.320  -13.906 -13.699 1.00 143.44 ? 364 ARG A NE    1 
ATOM   110  C CZ    . ARG A 1 15  ? -1.689  -14.320 -14.910 1.00 145.16 ? 364 ARG A CZ    1 
ATOM   111  N NH1   . ARG A 1 15  ? -2.902  -14.816 -15.108 1.00 149.77 ? 364 ARG A NH1   1 
ATOM   112  N NH2   . ARG A 1 15  ? -0.839  -14.231 -15.927 1.00 145.08 ? 364 ARG A NH2   1 
ATOM   113  N N     . PHE A 1 16  ? -4.550  -10.932 -9.059  1.00 71.79  ? 365 PHE A N     1 
ATOM   114  C CA    . PHE A 1 16  ? -5.173  -10.268 -7.931  1.00 59.82  ? 365 PHE A CA    1 
ATOM   115  C C     . PHE A 1 16  ? -6.693  -10.361 -7.824  1.00 56.42  ? 365 PHE A C     1 
ATOM   116  O O     . PHE A 1 16  ? -7.222  -10.612 -6.741  1.00 49.52  ? 365 PHE A O     1 
ATOM   117  C CB    . PHE A 1 16  ? -4.752  -8.794  -7.920  1.00 55.62  ? 365 PHE A CB    1 
ATOM   118  C CG    . PHE A 1 16  ? -3.250  -8.582  -7.995  1.00 58.44  ? 365 PHE A CG    1 
ATOM   119  C CD1   . PHE A 1 16  ? -2.698  -7.754  -8.974  1.00 68.17  ? 365 PHE A CD1   1 
ATOM   120  C CD2   . PHE A 1 16  ? -2.399  -9.194  -7.097  1.00 47.25  ? 365 PHE A CD2   1 
ATOM   121  C CE1   . PHE A 1 16  ? -1.328  -7.537  -9.056  1.00 67.16  ? 365 PHE A CE1   1 
ATOM   122  C CE2   . PHE A 1 16  ? -1.032  -8.995  -7.157  1.00 53.07  ? 365 PHE A CE2   1 
ATOM   123  C CZ    . PHE A 1 16  ? -0.481  -8.169  -8.134  1.00 65.41  ? 365 PHE A CZ    1 
ATOM   124  N N     . PRO A 1 17  ? -7.417  -10.193 -8.943  1.00 57.62  ? 366 PRO A N     1 
ATOM   125  C CA    . PRO A 1 17  ? -8.884  -10.256 -8.907  1.00 54.80  ? 366 PRO A CA    1 
ATOM   126  C C     . PRO A 1 17  ? -9.463  -11.316 -7.969  1.00 57.99  ? 366 PRO A C     1 
ATOM   127  O O     . PRO A 1 17  ? -10.385 -11.034 -7.171  1.00 47.49  ? 366 PRO A O     1 
ATOM   128  C CB    . PRO A 1 17  ? -9.260  -10.502 -10.374 1.00 48.61  ? 366 PRO A CB    1 
ATOM   129  C CG    . PRO A 1 17  ? -8.229  -9.756  -11.114 1.00 26.74  ? 366 PRO A CG    1 
ATOM   130  C CD    . PRO A 1 17  ? -6.933  -10.107 -10.331 1.00 42.22  ? 366 PRO A CD    1 
ATOM   131  N N     . ARG A 1 18  ? -8.917  -12.529 -8.079  1.00 63.55  ? 367 ARG A N     1 
ATOM   132  C CA    . ARG A 1 18  ? -9.361  -13.682 -7.284  1.00 68.02  ? 367 ARG A CA    1 
ATOM   133  C C     . ARG A 1 18  ? -8.921  -13.638 -5.815  1.00 68.58  ? 367 ARG A C     1 
ATOM   134  O O     . ARG A 1 18  ? -9.701  -13.971 -4.926  1.00 60.88  ? 367 ARG A O     1 
ATOM   135  C CB    . ARG A 1 18  ? -8.860  -14.981 -7.930  1.00 70.33  ? 367 ARG A CB    1 
ATOM   136  C CG    . ARG A 1 18  ? -9.319  -16.265 -7.254  1.00 69.98  ? 367 ARG A CG    1 
ATOM   137  C CD    . ARG A 1 18  ? -8.882  -17.490 -8.071  1.00 87.62  ? 367 ARG A CD    1 
ATOM   138  N NE    . ARG A 1 18  ? -9.312  -18.748 -7.463  1.00 103.05 ? 367 ARG A NE    1 
ATOM   139  C CZ    . ARG A 1 18  ? -8.503  -19.773 -7.209  1.00 108.66 ? 367 ARG A CZ    1 
ATOM   140  N NH1   . ARG A 1 18  ? -7.216  -19.698 -7.513  1.00 115.07 ? 367 ARG A NH1   1 
ATOM   141  N NH2   . ARG A 1 18  ? -8.978  -20.867 -6.628  1.00 108.19 ? 367 ARG A NH2   1 
ATOM   142  N N     . MET A 1 19  ? -7.677  -13.235 -5.561  1.00 71.17  ? 368 MET A N     1 
ATOM   143  C CA    . MET A 1 19  ? -7.167  -13.152 -4.197  1.00 68.94  ? 368 MET A CA    1 
ATOM   144  C C     . MET A 1 19  ? -7.930  -12.090 -3.444  1.00 72.87  ? 368 MET A C     1 
ATOM   145  O O     . MET A 1 19  ? -8.167  -12.214 -2.240  1.00 80.11  ? 368 MET A O     1 
ATOM   146  C CB    . MET A 1 19  ? -5.689  -12.789 -4.186  1.00 68.39  ? 368 MET A CB    1 
ATOM   147  C CG    . MET A 1 19  ? -4.782  -13.857 -4.751  1.00 78.90  ? 368 MET A CG    1 
ATOM   148  S SD    . MET A 1 19  ? -3.103  -13.271 -4.867  1.00 93.34  ? 368 MET A SD    1 
ATOM   149  C CE    . MET A 1 19  ? -3.037  -12.747 -6.581  1.00 93.67  ? 368 MET A CE    1 
ATOM   150  N N     . VAL A 1 20  ? -8.301  -11.035 -4.157  1.00 66.36  ? 369 VAL A N     1 
ATOM   151  C CA    . VAL A 1 20  ? -9.047  -9.946  -3.555  1.00 62.06  ? 369 VAL A CA    1 
ATOM   152  C C     . VAL A 1 20  ? -10.432 -10.489 -3.278  1.00 69.55  ? 369 VAL A C     1 
ATOM   153  O O     . VAL A 1 20  ? -11.108 -10.068 -2.343  1.00 70.93  ? 369 VAL A O     1 
ATOM   154  C CB    . VAL A 1 20  ? -9.190  -8.761  -4.514  1.00 62.08  ? 369 VAL A CB    1 
ATOM   155  C CG1   . VAL A 1 20  ? -9.877  -7.628  -3.819  1.00 65.44  ? 369 VAL A CG1   1 
ATOM   156  C CG2   . VAL A 1 20  ? -7.830  -8.348  -5.043  1.00 70.07  ? 369 VAL A CG2   1 
ATOM   157  N N     . ARG A 1 21  ? -10.852 -11.434 -4.114  1.00 74.70  ? 370 ARG A N     1 
ATOM   158  C CA    . ARG A 1 21  ? -12.161 -12.059 -3.976  1.00 77.49  ? 370 ARG A CA    1 
ATOM   159  C C     . ARG A 1 21  ? -12.167 -12.957 -2.752  1.00 79.77  ? 370 ARG A C     1 
ATOM   160  O O     . ARG A 1 21  ? -13.209 -13.190 -2.147  1.00 84.02  ? 370 ARG A O     1 
ATOM   161  C CB    . ARG A 1 21  ? -12.489 -12.876 -5.231  1.00 75.33  ? 370 ARG A CB    1 
ATOM   162  C CG    . ARG A 1 21  ? -13.861 -13.533 -5.224  1.00 68.26  ? 370 ARG A CG    1 
ATOM   163  C CD    . ARG A 1 21  ? -14.213 -14.131 -6.577  1.00 71.73  ? 370 ARG A CD    1 
ATOM   164  N NE    . ARG A 1 21  ? -13.316 -15.216 -6.974  1.00 93.98  ? 370 ARG A NE    1 
ATOM   165  C CZ    . ARG A 1 21  ? -12.627 -15.237 -8.115  1.00 98.46  ? 370 ARG A CZ    1 
ATOM   166  N NH1   . ARG A 1 21  ? -12.726 -14.232 -8.976  1.00 103.58 ? 370 ARG A NH1   1 
ATOM   167  N NH2   . ARG A 1 21  ? -11.858 -16.279 -8.411  1.00 93.56  ? 370 ARG A NH2   1 
ATOM   168  N N     . ASP A 1 22  ? -10.990 -13.452 -2.388  1.00 81.14  ? 371 ASP A N     1 
ATOM   169  C CA    . ASP A 1 22  ? -10.867 -14.318 -1.226  1.00 87.17  ? 371 ASP A CA    1 
ATOM   170  C C     . ASP A 1 22  ? -10.717 -13.464 0.022   1.00 85.27  ? 371 ASP A C     1 
ATOM   171  O O     . ASP A 1 22  ? -11.531 -13.567 0.950   1.00 90.46  ? 371 ASP A O     1 
ATOM   172  C CB    . ASP A 1 22  ? -9.655  -15.247 -1.365  1.00 95.87  ? 371 ASP A CB    1 
ATOM   173  C CG    . ASP A 1 22  ? -9.693  -16.077 -2.648  1.00 102.22 ? 371 ASP A CG    1 
ATOM   174  O OD1   . ASP A 1 22  ? -10.785 -16.582 -3.013  1.00 97.57  ? 371 ASP A OD1   1 
ATOM   175  O OD2   . ASP A 1 22  ? -8.626  -16.234 -3.289  1.00 99.80  ? 371 ASP A OD2   1 
ATOM   176  N N     . LEU A 1 23  ? -9.686  -12.620 0.041   1.00 76.04  ? 372 LEU A N     1 
ATOM   177  C CA    . LEU A 1 23  ? -9.461  -11.764 1.192   1.00 69.18  ? 372 LEU A CA    1 
ATOM   178  C C     . LEU A 1 23  ? -10.755 -11.021 1.503   1.00 73.29  ? 372 LEU A C     1 
ATOM   179  O O     . LEU A 1 23  ? -10.991 -10.599 2.637   1.00 82.27  ? 372 LEU A O     1 
ATOM   180  C CB    . LEU A 1 23  ? -8.345  -10.767 0.907   1.00 59.96  ? 372 LEU A CB    1 
ATOM   181  C CG    . LEU A 1 23  ? -7.044  -11.307 0.305   1.00 60.52  ? 372 LEU A CG    1 
ATOM   182  C CD1   . LEU A 1 23  ? -5.885  -10.538 0.943   1.00 68.48  ? 372 LEU A CD1   1 
ATOM   183  C CD2   . LEU A 1 23  ? -6.879  -12.799 0.548   1.00 68.37  ? 372 LEU A CD2   1 
ATOM   184  N N     . ALA A 1 24  ? -11.604 -10.875 0.486   1.00 69.62  ? 373 ALA A N     1 
ATOM   185  C CA    . ALA A 1 24  ? -12.873 -10.187 0.646   1.00 73.86  ? 373 ALA A CA    1 
ATOM   186  C C     . ALA A 1 24  ? -13.817 -11.037 1.471   1.00 76.02  ? 373 ALA A C     1 
ATOM   187  O O     . ALA A 1 24  ? -14.329 -10.592 2.488   1.00 76.06  ? 373 ALA A O     1 
ATOM   188  C CB    . ALA A 1 24  ? -13.489 -9.913  -0.721  1.00 84.78  ? 373 ALA A CB    1 
ATOM   189  N N     . LYS A 1 25  ? -14.063 -12.257 1.001   1.00 83.42  ? 374 LYS A N     1 
ATOM   190  C CA    . LYS A 1 25  ? -14.947 -13.197 1.691   1.00 87.47  ? 374 LYS A CA    1 
ATOM   191  C C     . LYS A 1 25  ? -14.346 -13.554 3.045   1.00 88.74  ? 374 LYS A C     1 
ATOM   192  O O     . LYS A 1 25  ? -15.035 -13.535 4.064   1.00 81.68  ? 374 LYS A O     1 
ATOM   193  C CB    . LYS A 1 25  ? -15.135 -14.469 0.850   1.00 82.34  ? 374 LYS A CB    1 
ATOM   194  N N     . LYS A 1 26  ? -13.055 -13.878 3.038   1.00 95.86  ? 375 LYS A N     1 
ATOM   195  C CA    . LYS A 1 26  ? -12.323 -14.230 4.246   1.00 96.75  ? 375 LYS A CA    1 
ATOM   196  C C     . LYS A 1 26  ? -12.598 -13.202 5.356   1.00 95.37  ? 375 LYS A C     1 
ATOM   197  O O     . LYS A 1 26  ? -12.772 -13.562 6.514   1.00 101.19 ? 375 LYS A O     1 
ATOM   198  C CB    . LYS A 1 26  ? -10.826 -14.297 3.929   1.00 93.54  ? 375 LYS A CB    1 
ATOM   199  C CG    . LYS A 1 26  ? -10.437 -15.293 2.818   1.00 89.94  ? 375 LYS A CG    1 
ATOM   200  C CD    . LYS A 1 26  ? -10.475 -16.754 3.290   1.00 86.30  ? 375 LYS A CD    1 
ATOM   201  C CE    . LYS A 1 26  ? -9.362  -17.030 4.299   1.00 96.55  ? 375 LYS A CE    1 
ATOM   202  N NZ    . LYS A 1 26  ? -9.405  -18.414 4.866   1.00 89.95  ? 375 LYS A NZ    1 
ATOM   203  N N     . MET A 1 27  ? -12.645 -11.938 4.984   1.00 95.78  ? 376 MET A N     1 
ATOM   204  C CA    . MET A 1 27  ? -12.904 -10.861 5.931   1.00 96.40  ? 376 MET A CA    1 
ATOM   205  C C     . MET A 1 27  ? -14.333 -10.344 5.805   1.00 96.03  ? 376 MET A C     1 
ATOM   206  O O     . MET A 1 27  ? -14.634 -9.273  6.241   1.00 96.45  ? 376 MET A O     1 
ATOM   207  C CB    . MET A 1 27  ? -11.941 -9.699  5.667   1.00 97.65  ? 376 MET A CB    1 
ATOM   208  C CG    . MET A 1 27  ? -12.175 -8.463  6.517   1.00 104.99 ? 376 MET A CG    1 
ATOM   209  S SD    . MET A 1 27  ? -10.700 -8.000  7.416   1.00 128.10 ? 376 MET A SD    1 
ATOM   210  C CE    . MET A 1 27  ? -9.480  -8.286  6.187   1.00 119.95 ? 376 MET A CE    1 
ATOM   211  N N     . ASN A 1 28  ? -15.169 -11.118 5.183   1.00 98.59  ? 377 ASN A N     1 
ATOM   212  C CA    . ASN A 1 28  ? -16.546 -10.712 4.916   1.00 105.22 ? 377 ASN A CA    1 
ATOM   213  C C     . ASN A 1 28  ? -16.570 -9.211  4.667   1.00 104.94 ? 377 ASN A C     1 
ATOM   214  O O     . ASN A 1 28  ? -17.066 -8.431  5.454   1.00 106.96 ? 377 ASN A O     1 
ATOM   215  C CB    . ASN A 1 28  ? -17.472 -10.966 6.095   1.00 116.44 ? 377 ASN A CB    1 
ATOM   216  C CG    . ASN A 1 28  ? -18.921 -10.631 5.790   1.00 127.72 ? 377 ASN A CG    1 
ATOM   217  O OD1   . ASN A 1 28  ? -19.779 -11.519 5.741   1.00 129.98 ? 377 ASN A OD1   1 
ATOM   218  N ND2   . ASN A 1 28  ? -19.187 -9.363  5.518   1.00 131.25 ? 377 ASN A ND2   1 
ATOM   219  N N     . LYS A 1 29  ? -16.092 -8.802  3.532   1.00 103.11 ? 378 LYS A N     1 
ATOM   220  C CA    . LYS A 1 29  ? -16.153 -7.371  3.221   1.00 98.46  ? 378 LYS A CA    1 
ATOM   221  C C     . LYS A 1 29  ? -16.216 -7.275  1.726   1.00 100.96 ? 378 LYS A C     1 
ATOM   222  O O     . LYS A 1 29  ? -15.206 -7.499  1.057   1.00 109.99 ? 378 LYS A O     1 
ATOM   223  C CB    . LYS A 1 29  ? -14.925 -6.658  3.723   1.00 87.46  ? 378 LYS A CB    1 
ATOM   224  C CG    . LYS A 1 29  ? -15.102 -5.173  3.925   1.00 85.12  ? 378 LYS A CG    1 
ATOM   225  C CD    . LYS A 1 29  ? -13.808 -4.565  4.427   1.00 84.44  ? 378 LYS A CD    1 
ATOM   226  C CE    . LYS A 1 29  ? -13.341 -5.254  5.702   1.00 73.65  ? 378 LYS A CE    1 
ATOM   227  N NZ    . LYS A 1 29  ? -11.995 -4.788  6.121   1.00 77.72  ? 378 LYS A NZ    1 
ATOM   228  N N     . GLU A 1 30  ? -17.404 -7.074  1.174   1.00 101.01 ? 379 GLU A N     1 
ATOM   229  C CA    . GLU A 1 30  ? -17.496 -6.978  -0.266  1.00 102.77 ? 379 GLU A CA    1 
ATOM   230  C C     . GLU A 1 30  ? -16.728 -5.774  -0.801  1.00 99.58  ? 379 GLU A C     1 
ATOM   231  O O     . GLU A 1 30  ? -17.091 -4.619  -0.557  1.00 96.12  ? 379 GLU A O     1 
ATOM   232  C CB    . GLU A 1 30  ? -18.952 -6.941  -0.736  1.00 103.23 ? 379 GLU A CB    1 
ATOM   233  C CG    . GLU A 1 30  ? -19.606 -8.301  -0.782  1.00 104.26 ? 379 GLU A CG    1 
ATOM   234  C CD    . GLU A 1 30  ? -20.601 -8.434  -1.918  1.00 106.84 ? 379 GLU A CD    1 
ATOM   235  O OE1   . GLU A 1 30  ? -21.524 -7.597  -2.008  1.00 110.50 ? 379 GLU A OE1   1 
ATOM   236  O OE2   . GLU A 1 30  ? -20.459 -9.379  -2.725  1.00 108.72 ? 379 GLU A OE2   1 
ATOM   237  N N     . VAL A 1 31  ? -15.652 -6.064  -1.526  1.00 96.04  ? 380 VAL A N     1 
ATOM   238  C CA    . VAL A 1 31  ? -14.816 -5.029  -2.091  1.00 92.60  ? 380 VAL A CA    1 
ATOM   239  C C     . VAL A 1 31  ? -14.934 -4.988  -3.610  1.00 85.72  ? 380 VAL A C     1 
ATOM   240  O O     . VAL A 1 31  ? -14.809 -6.028  -4.287  1.00 85.92  ? 380 VAL A O     1 
ATOM   241  C CB    . VAL A 1 31  ? -13.319 -5.240  -1.711  1.00 95.13  ? 380 VAL A CB    1 
ATOM   242  C CG1   . VAL A 1 31  ? -12.768 -6.480  -2.395  1.00 98.87  ? 380 VAL A CG1   1 
ATOM   243  C CG2   . VAL A 1 31  ? -12.513 -4.018  -2.099  1.00 97.77  ? 380 VAL A CG2   1 
ATOM   244  N N     . ASN A 1 32  ? -15.206 -3.800  -4.144  1.00 72.03  ? 381 ASN A N     1 
ATOM   245  C CA    . ASN A 1 32  ? -15.284 -3.658  -5.585  1.00 61.28  ? 381 ASN A CA    1 
ATOM   246  C C     . ASN A 1 32  ? -13.865 -3.407  -6.082  1.00 60.30  ? 381 ASN A C     1 
ATOM   247  O O     . ASN A 1 32  ? -13.308 -2.313  -5.931  1.00 58.12  ? 381 ASN A O     1 
ATOM   248  C CB    . ASN A 1 32  ? -16.172 -2.494  -5.983  1.00 55.64  ? 381 ASN A CB    1 
ATOM   249  C CG    . ASN A 1 32  ? -16.160 -2.270  -7.473  1.00 61.56  ? 381 ASN A CG    1 
ATOM   250  O OD1   . ASN A 1 32  ? -16.195 -3.228  -8.249  1.00 52.53  ? 381 ASN A OD1   1 
ATOM   251  N ND2   . ASN A 1 32  ? -16.105 -1.008  -7.890  1.00 73.07  ? 381 ASN A ND2   1 
ATOM   252  N N     . PHE A 1 33  ? -13.275 -4.443  -6.656  1.00 60.17  ? 382 PHE A N     1 
ATOM   253  C CA    . PHE A 1 33  ? -11.919 -4.361  -7.150  1.00 52.64  ? 382 PHE A CA    1 
ATOM   254  C C     . PHE A 1 33  ? -11.881 -3.866  -8.603  1.00 52.99  ? 382 PHE A C     1 
ATOM   255  O O     . PHE A 1 33  ? -12.595 -4.389  -9.486  1.00 59.38  ? 382 PHE A O     1 
ATOM   256  C CB    . PHE A 1 33  ? -11.256 -5.728  -7.050  1.00 48.26  ? 382 PHE A CB    1 
ATOM   257  C CG    . PHE A 1 33  ? -9.812  -5.713  -7.426  1.00 41.63  ? 382 PHE A CG    1 
ATOM   258  C CD1   . PHE A 1 33  ? -8.964  -4.695  -6.970  1.00 20.88  ? 382 PHE A CD1   1 
ATOM   259  C CD2   . PHE A 1 33  ? -9.292  -6.730  -8.223  1.00 28.59  ? 382 PHE A CD2   1 
ATOM   260  C CE1   . PHE A 1 33  ? -7.636  -4.691  -7.294  1.00 36.86  ? 382 PHE A CE1   1 
ATOM   261  C CE2   . PHE A 1 33  ? -7.923  -6.748  -8.571  1.00 25.78  ? 382 PHE A CE2   1 
ATOM   262  C CZ    . PHE A 1 33  ? -7.092  -5.716  -8.099  1.00 23.42  ? 382 PHE A CZ    1 
ATOM   263  N N     . ILE A 1 34  ? -11.038 -2.867  -8.849  1.00 48.16  ? 383 ILE A N     1 
ATOM   264  C CA    . ILE A 1 34  ? -10.908 -2.253  -10.172 1.00 48.53  ? 383 ILE A CA    1 
ATOM   265  C C     . ILE A 1 34  ? -9.440  -2.165  -10.567 1.00 47.57  ? 383 ILE A C     1 
ATOM   266  O O     . ILE A 1 34  ? -8.626  -1.723  -9.767  1.00 47.04  ? 383 ILE A O     1 
ATOM   267  C CB    . ILE A 1 34  ? -11.461 -0.826  -10.135 1.00 54.42  ? 383 ILE A CB    1 
ATOM   268  C CG1   . ILE A 1 34  ? -12.947 -0.855  -9.790  1.00 59.08  ? 383 ILE A CG1   1 
ATOM   269  C CG2   . ILE A 1 34  ? -11.210 -0.132  -11.450 1.00 64.09  ? 383 ILE A CG2   1 
ATOM   270  C CD1   . ILE A 1 34  ? -13.534 0.511   -9.628  1.00 68.94  ? 383 ILE A CD1   1 
ATOM   271  N N     . MET A 1 35  ? -9.102  -2.574  -11.792 1.00 49.36  ? 384 MET A N     1 
ATOM   272  C CA    . MET A 1 35  ? -7.708  -2.564  -12.285 1.00 49.96  ? 384 MET A CA    1 
ATOM   273  C C     . MET A 1 35  ? -7.565  -1.682  -13.532 1.00 48.47  ? 384 MET A C     1 
ATOM   274  O O     . MET A 1 35  ? -8.314  -1.837  -14.497 1.00 56.50  ? 384 MET A O     1 
ATOM   275  C CB    . MET A 1 35  ? -7.236  -4.003  -12.634 1.00 46.98  ? 384 MET A CB    1 
ATOM   276  C CG    . MET A 1 35  ? -7.308  -4.993  -11.489 1.00 41.86  ? 384 MET A CG    1 
ATOM   277  S SD    . MET A 1 35  ? -6.470  -6.565  -11.844 1.00 60.20  ? 384 MET A SD    1 
ATOM   278  C CE    . MET A 1 35  ? -7.661  -7.320  -12.973 1.00 63.19  ? 384 MET A CE    1 
ATOM   279  N N     . ARG A 1 36  ? -6.598  -0.769  -13.529 1.00 47.28  ? 385 ARG A N     1 
ATOM   280  C CA    . ARG A 1 36  ? -6.393  0.109   -14.679 1.00 47.41  ? 385 ARG A CA    1 
ATOM   281  C C     . ARG A 1 36  ? -4.943  0.124   -15.199 1.00 50.05  ? 385 ARG A C     1 
ATOM   282  O O     . ARG A 1 36  ? -3.962  -0.106  -14.451 1.00 47.07  ? 385 ARG A O     1 
ATOM   283  C CB    . ARG A 1 36  ? -6.798  1.527   -14.323 1.00 35.95  ? 385 ARG A CB    1 
ATOM   284  C CG    . ARG A 1 36  ? -8.287  1.726   -14.052 1.00 33.47  ? 385 ARG A CG    1 
ATOM   285  C CD    . ARG A 1 36  ? -8.623  3.203   -13.876 1.00 42.88  ? 385 ARG A CD    1 
ATOM   286  N NE    . ARG A 1 36  ? -9.989  3.372   -13.403 1.00 48.82  ? 385 ARG A NE    1 
ATOM   287  C CZ    . ARG A 1 36  ? -10.328 4.184   -12.412 1.00 53.94  ? 385 ARG A CZ    1 
ATOM   288  N NH1   . ARG A 1 36  ? -9.394  4.893   -11.798 1.00 44.48  ? 385 ARG A NH1   1 
ATOM   289  N NH2   . ARG A 1 36  ? -11.596 4.282   -12.033 1.00 56.17  ? 385 ARG A NH2   1 
ATOM   290  N N     . GLY A 1 37  ? -4.821  0.398   -16.499 1.00 54.38  ? 386 GLY A N     1 
ATOM   291  C CA    . GLY A 1 37  ? -3.525  0.438   -17.159 1.00 53.89  ? 386 GLY A CA    1 
ATOM   292  C C     . GLY A 1 37  ? -2.918  -0.949  -17.277 1.00 55.63  ? 386 GLY A C     1 
ATOM   293  O O     . GLY A 1 37  ? -1.697  -1.107  -17.368 1.00 48.73  ? 386 GLY A O     1 
ATOM   294  N N     . GLU A 1 38  ? -3.781  -1.960  -17.277 1.00 57.39  ? 387 GLU A N     1 
ATOM   295  C CA    . GLU A 1 38  ? -3.343  -3.347  -17.340 1.00 53.86  ? 387 GLU A CA    1 
ATOM   296  C C     . GLU A 1 38  ? -2.419  -3.620  -18.523 1.00 56.13  ? 387 GLU A C     1 
ATOM   297  O O     . GLU A 1 38  ? -1.699  -4.622  -18.538 1.00 50.71  ? 387 GLU A O     1 
ATOM   298  C CB    . GLU A 1 38  ? -4.568  -4.262  -17.396 1.00 53.63  ? 387 GLU A CB    1 
ATOM   299  C CG    . GLU A 1 38  ? -4.269  -5.706  -17.140 1.00 59.26  ? 387 GLU A CG    1 
ATOM   300  C CD    . GLU A 1 38  ? -5.511  -6.582  -17.061 1.00 57.10  ? 387 GLU A CD    1 
ATOM   301  O OE1   . GLU A 1 38  ? -6.308  -6.443  -16.108 1.00 67.31  ? 387 GLU A OE1   1 
ATOM   302  O OE2   . GLU A 1 38  ? -5.682  -7.442  -17.949 1.00 59.35  ? 387 GLU A OE2   1 
ATOM   303  N N     . ASP A 1 39  ? -2.408  -2.715  -19.500 1.00 62.10  ? 388 ASP A N     1 
ATOM   304  C CA    . ASP A 1 39  ? -1.568  -2.893  -20.687 1.00 68.02  ? 388 ASP A CA    1 
ATOM   305  C C     . ASP A 1 39  ? -0.208  -2.211  -20.616 1.00 71.25  ? 388 ASP A C     1 
ATOM   306  O O     . ASP A 1 39  ? 0.493   -2.099  -21.623 1.00 80.46  ? 388 ASP A O     1 
ATOM   307  C CB    . ASP A 1 39  ? -2.310  -2.434  -21.954 1.00 64.53  ? 388 ASP A CB    1 
ATOM   308  C CG    . ASP A 1 39  ? -2.714  -0.973  -21.906 1.00 65.06  ? 388 ASP A CG    1 
ATOM   309  O OD1   . ASP A 1 39  ? -3.375  -0.559  -20.911 1.00 63.35  ? 388 ASP A OD1   1 
ATOM   310  O OD2   . ASP A 1 39  ? -2.388  -0.251  -22.880 1.00 53.39  ? 388 ASP A OD2   1 
ATOM   311  N N     . THR A 1 40  ? 0.180   -1.766  -19.428 1.00 64.56  ? 389 THR A N     1 
ATOM   312  C CA    . THR A 1 40  ? 1.475   -1.122  -19.260 1.00 62.73  ? 389 THR A CA    1 
ATOM   313  C C     . THR A 1 40  ? 2.571   -2.198  -19.239 1.00 65.05  ? 389 THR A C     1 
ATOM   314  O O     . THR A 1 40  ? 2.321   -3.346  -18.867 1.00 54.71  ? 389 THR A O     1 
ATOM   315  C CB    . THR A 1 40  ? 1.506   -0.303  -17.955 1.00 61.50  ? 389 THR A CB    1 
ATOM   316  O OG1   . THR A 1 40  ? 0.604   0.800   -18.074 1.00 64.91  ? 389 THR A OG1   1 
ATOM   317  C CG2   . THR A 1 40  ? 2.886   0.235   -17.677 1.00 60.69  ? 389 THR A CG2   1 
ATOM   318  N N     . GLU A 1 41  ? 3.780   -1.842  -19.665 1.00 67.74  ? 390 GLU A N     1 
ATOM   319  C CA    . GLU A 1 41  ? 4.879   -2.807  -19.677 1.00 71.34  ? 390 GLU A CA    1 
ATOM   320  C C     . GLU A 1 41  ? 5.983   -2.438  -18.707 1.00 69.17  ? 390 GLU A C     1 
ATOM   321  O O     . GLU A 1 41  ? 6.318   -1.262  -18.529 1.00 71.84  ? 390 GLU A O     1 
ATOM   322  C CB    . GLU A 1 41  ? 5.489   -2.935  -21.070 1.00 75.32  ? 390 GLU A CB    1 
ATOM   323  C CG    . GLU A 1 41  ? 4.543   -3.481  -22.106 1.00 90.40  ? 390 GLU A CG    1 
ATOM   324  C CD    . GLU A 1 41  ? 5.276   -4.142  -23.244 1.00 97.91  ? 390 GLU A CD    1 
ATOM   325  O OE1   . GLU A 1 41  ? 5.914   -5.191  -22.998 1.00 107.27 ? 390 GLU A OE1   1 
ATOM   326  O OE2   . GLU A 1 41  ? 5.221   -3.617  -24.378 1.00 102.46 ? 390 GLU A OE2   1 
ATOM   327  N N     . LEU A 1 42  ? 6.560   -3.465  -18.098 1.00 68.13  ? 391 LEU A N     1 
ATOM   328  C CA    . LEU A 1 42  ? 7.624   -3.289  -17.133 1.00 72.99  ? 391 LEU A CA    1 
ATOM   329  C C     . LEU A 1 42  ? 8.568   -4.486  -17.180 1.00 77.83  ? 391 LEU A C     1 
ATOM   330  O O     . LEU A 1 42  ? 8.153   -5.625  -17.370 1.00 73.13  ? 391 LEU A O     1 
ATOM   331  C CB    . LEU A 1 42  ? 7.034   -3.115  -15.721 1.00 74.51  ? 391 LEU A CB    1 
ATOM   332  C CG    . LEU A 1 42  ? 6.217   -4.208  -15.007 1.00 78.20  ? 391 LEU A CG    1 
ATOM   333  C CD1   . LEU A 1 42  ? 5.634   -5.185  -16.015 1.00 70.49  ? 391 LEU A CD1   1 
ATOM   334  C CD2   . LEU A 1 42  ? 7.108   -4.929  -13.971 1.00 78.91  ? 391 LEU A CD2   1 
ATOM   335  N N     . ASP A 1 43  ? 9.854   -4.204  -17.005 1.00 82.71  ? 392 ASP A N     1 
ATOM   336  C CA    . ASP A 1 43  ? 10.915  -5.210  -17.014 1.00 79.47  ? 392 ASP A CA    1 
ATOM   337  C C     . ASP A 1 43  ? 10.479  -6.545  -16.449 1.00 77.18  ? 392 ASP A C     1 
ATOM   338  O O     . ASP A 1 43  ? 9.828   -6.616  -15.415 1.00 72.83  ? 392 ASP A O     1 
ATOM   339  C CB    . ASP A 1 43  ? 12.115  -4.672  -16.235 1.00 79.06  ? 392 ASP A CB    1 
ATOM   340  C CG    . ASP A 1 43  ? 13.320  -5.558  -16.339 1.00 85.69  ? 392 ASP A CG    1 
ATOM   341  O OD1   . ASP A 1 43  ? 14.398  -5.115  -15.884 1.00 89.72  ? 392 ASP A OD1   1 
ATOM   342  O OD2   . ASP A 1 43  ? 13.193  -6.690  -16.864 1.00 82.24  ? 392 ASP A OD2   1 
ATOM   343  N N     . ARG A 1 44  ? 10.837  -7.613  -17.144 1.00 78.14  ? 393 ARG A N     1 
ATOM   344  C CA    . ARG A 1 44  ? 10.466  -8.951  -16.695 1.00 83.65  ? 393 ARG A CA    1 
ATOM   345  C C     . ARG A 1 44  ? 10.959  -9.237  -15.264 1.00 85.51  ? 393 ARG A C     1 
ATOM   346  O O     . ARG A 1 44  ? 10.356  -10.028 -14.536 1.00 84.18  ? 393 ARG A O     1 
ATOM   347  C CB    . ARG A 1 44  ? 11.033  -9.994  -17.658 1.00 89.45  ? 393 ARG A CB    1 
ATOM   348  C CG    . ARG A 1 44  ? 10.807  -11.423 -17.220 1.00 108.90 ? 393 ARG A CG    1 
ATOM   349  C CD    . ARG A 1 44  ? 11.657  -12.383 -18.033 1.00 120.68 ? 393 ARG A CD    1 
ATOM   350  N NE    . ARG A 1 44  ? 11.618  -13.742 -17.499 1.00 127.47 ? 393 ARG A NE    1 
ATOM   351  C CZ    . ARG A 1 44  ? 12.316  -14.763 -17.993 1.00 131.21 ? 393 ARG A CZ    1 
ATOM   352  N NH1   . ARG A 1 44  ? 13.116  -14.590 -19.039 1.00 132.03 ? 393 ARG A NH1   1 
ATOM   353  N NH2   . ARG A 1 44  ? 12.209  -15.968 -17.443 1.00 132.93 ? 393 ARG A NH2   1 
ATOM   354  N N     . THR A 1 45  ? 12.052  -8.589  -14.868 1.00 87.33  ? 394 THR A N     1 
ATOM   355  C CA    . THR A 1 45  ? 12.622  -8.770  -13.526 1.00 84.22  ? 394 THR A CA    1 
ATOM   356  C C     . THR A 1 45  ? 11.679  -8.212  -12.457 1.00 85.82  ? 394 THR A C     1 
ATOM   357  O O     . THR A 1 45  ? 11.323  -8.888  -11.484 1.00 87.06  ? 394 THR A O     1 
ATOM   358  C CB    . THR A 1 45  ? 13.993  -8.049  -13.408 1.00 78.73  ? 394 THR A CB    1 
ATOM   359  O OG1   . THR A 1 45  ? 15.017  -8.872  -13.976 1.00 80.81  ? 394 THR A OG1   1 
ATOM   360  C CG2   . THR A 1 45  ? 14.317  -7.733  -11.965 1.00 71.94  ? 394 THR A CG2   1 
ATOM   361  N N     . PHE A 1 46  ? 11.295  -6.959  -12.652 1.00 81.40  ? 395 PHE A N     1 
ATOM   362  C CA    . PHE A 1 46  ? 10.407  -6.278  -11.736 1.00 74.28  ? 395 PHE A CA    1 
ATOM   363  C C     . PHE A 1 46  ? 9.176   -7.165  -11.588 1.00 70.82  ? 395 PHE A C     1 
ATOM   364  O O     . PHE A 1 46  ? 8.885   -7.661  -10.481 1.00 61.95  ? 395 PHE A O     1 
ATOM   365  C CB    . PHE A 1 46  ? 10.037  -4.915  -12.315 1.00 72.93  ? 395 PHE A CB    1 
ATOM   366  C CG    . PHE A 1 46  ? 11.230  -4.068  -12.690 1.00 73.38  ? 395 PHE A CG    1 
ATOM   367  C CD1   . PHE A 1 46  ? 11.089  -2.987  -13.570 1.00 74.51  ? 395 PHE A CD1   1 
ATOM   368  C CD2   . PHE A 1 46  ? 12.495  -4.342  -12.165 1.00 73.90  ? 395 PHE A CD2   1 
ATOM   369  C CE1   . PHE A 1 46  ? 12.195  -2.197  -13.920 1.00 79.34  ? 395 PHE A CE1   1 
ATOM   370  C CE2   . PHE A 1 46  ? 13.597  -3.556  -12.511 1.00 83.41  ? 395 PHE A CE2   1 
ATOM   371  C CZ    . PHE A 1 46  ? 13.445  -2.486  -13.389 1.00 83.41  ? 395 PHE A CZ    1 
ATOM   372  N N     . VAL A 1 47  ? 8.484   -7.381  -12.710 1.00 68.71  ? 396 VAL A N     1 
ATOM   373  C CA    . VAL A 1 47  ? 7.275   -8.202  -12.745 1.00 78.65  ? 396 VAL A CA    1 
ATOM   374  C C     . VAL A 1 47  ? 7.221   -9.325  -11.710 1.00 89.65  ? 396 VAL A C     1 
ATOM   375  O O     . VAL A 1 47  ? 6.196   -9.518  -11.048 1.00 95.61  ? 396 VAL A O     1 
ATOM   376  C CB    . VAL A 1 47  ? 7.074   -8.868  -14.130 1.00 71.41  ? 396 VAL A CB    1 
ATOM   377  C CG1   . VAL A 1 47  ? 5.731   -9.610  -14.171 1.00 63.27  ? 396 VAL A CG1   1 
ATOM   378  C CG2   . VAL A 1 47  ? 7.135   -7.838  -15.230 1.00 70.61  ? 396 VAL A CG2   1 
ATOM   379  N N     . GLU A 1 48  ? 8.318   -10.065 -11.572 1.00 98.20  ? 397 GLU A N     1 
ATOM   380  C CA    . GLU A 1 48  ? 8.366   -11.190 -10.639 1.00 108.10 ? 397 GLU A CA    1 
ATOM   381  C C     . GLU A 1 48  ? 8.220   -10.858 -9.159  1.00 107.77 ? 397 GLU A C     1 
ATOM   382  O O     . GLU A 1 48  ? 7.281   -11.307 -8.500  1.00 105.47 ? 397 GLU A O     1 
ATOM   383  C CB    . GLU A 1 48  ? 9.658   -11.978 -10.841 1.00 114.94 ? 397 GLU A CB    1 
ATOM   384  C CG    . GLU A 1 48  ? 9.795   -12.544 -12.233 1.00 128.06 ? 397 GLU A CG    1 
ATOM   385  C CD    . GLU A 1 48  ? 8.607   -13.397 -12.627 1.00 136.25 ? 397 GLU A CD    1 
ATOM   386  O OE1   . GLU A 1 48  ? 8.395   -13.572 -13.841 1.00 146.54 ? 397 GLU A OE1   1 
ATOM   387  O OE2   . GLU A 1 48  ? 7.894   -13.892 -11.729 1.00 135.96 ? 397 GLU A OE2   1 
ATOM   388  N N     . GLU A 1 49  ? 9.161   -10.079 -8.638  1.00 105.80 ? 398 GLU A N     1 
ATOM   389  C CA    . GLU A 1 49  ? 9.141   -9.713  -7.232  1.00 99.94  ? 398 GLU A CA    1 
ATOM   390  C C     . GLU A 1 49  ? 8.103   -8.632  -6.930  1.00 94.13  ? 398 GLU A C     1 
ATOM   391  O O     . GLU A 1 49  ? 7.833   -8.341  -5.762  1.00 100.52 ? 398 GLU A O     1 
ATOM   392  C CB    . GLU A 1 49  ? 10.535  -9.246  -6.802  1.00 102.51 ? 398 GLU A CB    1 
ATOM   393  N N     . ILE A 1 50  ? 7.515   -8.051  -7.976  1.00 80.14  ? 399 ILE A N     1 
ATOM   394  C CA    . ILE A 1 50  ? 6.523   -6.991  -7.810  1.00 62.14  ? 399 ILE A CA    1 
ATOM   395  C C     . ILE A 1 50  ? 5.126   -7.470  -7.401  1.00 60.38  ? 399 ILE A C     1 
ATOM   396  O O     . ILE A 1 50  ? 4.277   -6.659  -7.040  1.00 63.28  ? 399 ILE A O     1 
ATOM   397  C CB    . ILE A 1 50  ? 6.447   -6.140  -9.085  1.00 49.02  ? 399 ILE A CB    1 
ATOM   398  C CG1   . ILE A 1 50  ? 7.119   -4.816  -8.805  1.00 40.80  ? 399 ILE A CG1   1 
ATOM   399  C CG2   . ILE A 1 50  ? 4.998   -5.907  -9.522  1.00 58.21  ? 399 ILE A CG2   1 
ATOM   400  C CD1   . ILE A 1 50  ? 6.468   -4.100  -7.630  1.00 42.49  ? 399 ILE A CD1   1 
ATOM   401  N N     . GLY A 1 51  ? 4.907   -8.783  -7.433  1.00 60.59  ? 400 GLY A N     1 
ATOM   402  C CA    . GLY A 1 51  ? 3.617   -9.336  -7.061  1.00 65.22  ? 400 GLY A CA    1 
ATOM   403  C C     . GLY A 1 51  ? 3.284   -9.233  -5.577  1.00 73.61  ? 400 GLY A C     1 
ATOM   404  O O     . GLY A 1 51  ? 2.167   -8.845  -5.210  1.00 73.59  ? 400 GLY A O     1 
ATOM   405  N N     . GLU A 1 52  ? 4.237   -9.579  -4.711  1.00 78.41  ? 401 GLU A N     1 
ATOM   406  C CA    . GLU A 1 52  ? 4.021   -9.517  -3.267  1.00 73.79  ? 401 GLU A CA    1 
ATOM   407  C C     . GLU A 1 52  ? 3.749   -8.078  -2.824  1.00 67.91  ? 401 GLU A C     1 
ATOM   408  O O     . GLU A 1 52  ? 2.773   -7.801  -2.128  1.00 64.42  ? 401 GLU A O     1 
ATOM   409  C CB    . GLU A 1 52  ? 5.244   -10.083 -2.528  1.00 76.07  ? 401 GLU A CB    1 
ATOM   410  C CG    . GLU A 1 52  ? 5.115   -10.166 -0.997  1.00 87.32  ? 401 GLU A CG    1 
ATOM   411  C CD    . GLU A 1 52  ? 3.975   -11.068 -0.526  1.00 86.78  ? 401 GLU A CD    1 
ATOM   412  O OE1   . GLU A 1 52  ? 3.734   -12.105 -1.179  1.00 79.75  ? 401 GLU A OE1   1 
ATOM   413  O OE2   . GLU A 1 52  ? 3.333   -10.757 0.511   1.00 77.82  ? 401 GLU A OE2   1 
ATOM   414  N N     . PRO A 1 53  ? 4.609   -7.135  -3.221  1.00 61.53  ? 402 PRO A N     1 
ATOM   415  C CA    . PRO A 1 53  ? 4.402   -5.739  -2.834  1.00 66.99  ? 402 PRO A CA    1 
ATOM   416  C C     . PRO A 1 53  ? 2.944   -5.309  -3.006  1.00 64.73  ? 402 PRO A C     1 
ATOM   417  O O     . PRO A 1 53  ? 2.207   -5.124  -2.004  1.00 49.01  ? 402 PRO A O     1 
ATOM   418  C CB    . PRO A 1 53  ? 5.354   -4.979  -3.762  1.00 66.80  ? 402 PRO A CB    1 
ATOM   419  C CG    . PRO A 1 53  ? 6.516   -5.932  -3.834  1.00 63.29  ? 402 PRO A CG    1 
ATOM   420  C CD    . PRO A 1 53  ? 5.842   -7.292  -4.006  1.00 49.58  ? 402 PRO A CD    1 
ATOM   421  N N     . LEU A 1 54  ? 2.533   -5.146  -4.271  1.00 59.29  ? 403 LEU A N     1 
ATOM   422  C CA    . LEU A 1 54  ? 1.157   -4.748  -4.579  1.00 56.59  ? 403 LEU A CA    1 
ATOM   423  C C     . LEU A 1 54  ? 0.185   -5.619  -3.792  1.00 57.08  ? 403 LEU A C     1 
ATOM   424  O O     . LEU A 1 54  ? -0.843  -5.152  -3.314  1.00 57.41  ? 403 LEU A O     1 
ATOM   425  C CB    . LEU A 1 54  ? 0.880   -4.936  -6.058  1.00 41.15  ? 403 LEU A CB    1 
ATOM   426  C CG    . LEU A 1 54  ? 2.025   -4.416  -6.909  1.00 32.26  ? 403 LEU A CG    1 
ATOM   427  C CD1   . LEU A 1 54  ? 1.637   -4.535  -8.391  1.00 37.87  ? 403 LEU A CD1   1 
ATOM   428  C CD2   . LEU A 1 54  ? 2.316   -2.960  -6.532  1.00 25.40  ? 403 LEU A CD2   1 
ATOM   429  N N     . LEU A 1 55  ? 0.524   -6.893  -3.669  1.00 53.21  ? 404 LEU A N     1 
ATOM   430  C CA    . LEU A 1 55  ? -0.311  -7.814  -2.946  1.00 65.23  ? 404 LEU A CA    1 
ATOM   431  C C     . LEU A 1 55  ? -0.520  -7.385  -1.487  1.00 71.32  ? 404 LEU A C     1 
ATOM   432  O O     . LEU A 1 55  ? -1.648  -7.367  -0.978  1.00 66.66  ? 404 LEU A O     1 
ATOM   433  C CB    . LEU A 1 55  ? 0.311   -9.205  -2.979  1.00 71.52  ? 404 LEU A CB    1 
ATOM   434  C CG    . LEU A 1 55  ? -0.490  -10.215 -2.147  1.00 83.69  ? 404 LEU A CG    1 
ATOM   435  C CD1   . LEU A 1 55  ? -1.840  -10.444 -2.824  1.00 68.80  ? 404 LEU A CD1   1 
ATOM   436  C CD2   . LEU A 1 55  ? 0.297   -11.521 -1.997  1.00 84.37  ? 404 LEU A CD2   1 
ATOM   437  N N     . HIS A 1 56  ? 0.579   -7.091  -0.802  1.00 75.90  ? 405 HIS A N     1 
ATOM   438  C CA    . HIS A 1 56  ? 0.513   -6.664  0.588   1.00 77.81  ? 405 HIS A CA    1 
ATOM   439  C C     . HIS A 1 56  ? -0.344  -5.399  0.624   1.00 69.80  ? 405 HIS A C     1 
ATOM   440  O O     . HIS A 1 56  ? -1.214  -5.250  1.472   1.00 62.58  ? 405 HIS A O     1 
ATOM   441  C CB    . HIS A 1 56  ? 1.932   -6.361  1.108   1.00 100.63 ? 405 HIS A CB    1 
ATOM   442  C CG    . HIS A 1 56  ? 2.040   -6.318  2.604   1.00 118.45 ? 405 HIS A CG    1 
ATOM   443  N ND1   . HIS A 1 56  ? 3.105   -5.728  3.260   1.00 121.73 ? 405 HIS A ND1   1 
ATOM   444  C CD2   . HIS A 1 56  ? 1.224   -6.795  3.572   1.00 123.79 ? 405 HIS A CD2   1 
ATOM   445  C CE1   . HIS A 1 56  ? 2.932   -5.841  4.564   1.00 122.41 ? 405 HIS A CE1   1 
ATOM   446  N NE2   . HIS A 1 56  ? 1.799   -6.485  4.783   1.00 127.19 ? 405 HIS A NE2   1 
ATOM   447  N N     . LEU A 1 57  ? -0.091  -4.503  -0.325  1.00 63.96  ? 406 LEU A N     1 
ATOM   448  C CA    . LEU A 1 57  ? -0.826  -3.251  -0.427  1.00 54.62  ? 406 LEU A CA    1 
ATOM   449  C C     . LEU A 1 57  ? -2.337  -3.501  -0.541  1.00 52.58  ? 406 LEU A C     1 
ATOM   450  O O     . LEU A 1 57  ? -3.135  -2.784  0.095   1.00 56.19  ? 406 LEU A O     1 
ATOM   451  C CB    . LEU A 1 57  ? -0.347  -2.465  -1.646  1.00 42.14  ? 406 LEU A CB    1 
ATOM   452  C CG    . LEU A 1 57  ? 1.063   -1.915  -1.528  1.00 42.43  ? 406 LEU A CG    1 
ATOM   453  C CD1   . LEU A 1 57  ? 1.361   -1.006  -2.744  1.00 47.08  ? 406 LEU A CD1   1 
ATOM   454  C CD2   . LEU A 1 57  ? 1.181   -1.103  -0.204  1.00 38.38  ? 406 LEU A CD2   1 
ATOM   455  N N     . LEU A 1 58  ? -2.729  -4.483  -1.355  1.00 37.20  ? 407 LEU A N     1 
ATOM   456  C CA    . LEU A 1 58  ? -4.126  -4.763  -1.508  1.00 35.18  ? 407 LEU A CA    1 
ATOM   457  C C     . LEU A 1 58  ? -4.594  -5.369  -0.221  1.00 42.97  ? 407 LEU A C     1 
ATOM   458  O O     . LEU A 1 58  ? -5.740  -5.152  0.203   1.00 46.70  ? 407 LEU A O     1 
ATOM   459  C CB    . LEU A 1 58  ? -4.367  -5.747  -2.649  1.00 34.41  ? 407 LEU A CB    1 
ATOM   460  C CG    . LEU A 1 58  ? -4.105  -5.269  -4.073  1.00 34.29  ? 407 LEU A CG    1 
ATOM   461  C CD1   . LEU A 1 58  ? -4.163  -6.453  -5.014  1.00 37.95  ? 407 LEU A CD1   1 
ATOM   462  C CD2   . LEU A 1 58  ? -5.154  -4.226  -4.488  1.00 21.54  ? 407 LEU A CD2   1 
ATOM   463  N N     . ARG A 1 59  ? -3.712  -6.165  0.385   1.00 59.13  ? 408 ARG A N     1 
ATOM   464  C CA    . ARG A 1 59  ? -4.039  -6.850  1.628   1.00 69.31  ? 408 ARG A CA    1 
ATOM   465  C C     . ARG A 1 59  ? -4.401  -5.825  2.702   1.00 64.73  ? 408 ARG A C     1 
ATOM   466  O O     . ARG A 1 59  ? -5.475  -5.900  3.314   1.00 62.97  ? 408 ARG A O     1 
ATOM   467  C CB    . ARG A 1 59  ? -2.861  -7.712  2.090   1.00 86.67  ? 408 ARG A CB    1 
ATOM   468  C CG    . ARG A 1 59  ? -3.249  -8.704  3.190   1.00 111.75 ? 408 ARG A CG    1 
ATOM   469  C CD    . ARG A 1 59  ? -2.071  -9.532  3.734   1.00 128.80 ? 408 ARG A CD    1 
ATOM   470  N NE    . ARG A 1 59  ? -1.494  -10.463 2.761   1.00 138.88 ? 408 ARG A NE    1 
ATOM   471  C CZ    . ARG A 1 59  ? -0.844  -11.581 3.086   1.00 138.81 ? 408 ARG A CZ    1 
ATOM   472  N NH1   . ARG A 1 59  ? -0.687  -11.920 4.359   1.00 139.82 ? 408 ARG A NH1   1 
ATOM   473  N NH2   . ARG A 1 59  ? -0.348  -12.364 2.135   1.00 138.28 ? 408 ARG A NH2   1 
ATOM   474  N N     . ASN A 1 60  ? -3.524  -4.848  2.912   1.00 55.52  ? 409 ASN A N     1 
ATOM   475  C CA    . ASN A 1 60  ? -3.803  -3.834  3.920   1.00 57.24  ? 409 ASN A CA    1 
ATOM   476  C C     . ASN A 1 60  ? -5.116  -3.126  3.624   1.00 52.99  ? 409 ASN A C     1 
ATOM   477  O O     . ASN A 1 60  ? -6.002  -3.029  4.475   1.00 48.61  ? 409 ASN A O     1 
ATOM   478  C CB    . ASN A 1 60  ? -2.676  -2.808  3.986   1.00 57.94  ? 409 ASN A CB    1 
ATOM   479  C CG    . ASN A 1 60  ? -1.326  -3.448  4.233   1.00 64.05  ? 409 ASN A CG    1 
ATOM   480  O OD1   . ASN A 1 60  ? -1.186  -4.324  5.108   1.00 75.39  ? 409 ASN A OD1   1 
ATOM   481  N ND2   . ASN A 1 60  ? -0.317  -3.011  3.475   1.00 53.83  ? 409 ASN A ND2   1 
ATOM   482  N N     . ALA A 1 61  ? -5.247  -2.650  2.394   1.00 53.02  ? 410 ALA A N     1 
ATOM   483  C CA    . ALA A 1 61  ? -6.435  -1.927  1.989   1.00 52.77  ? 410 ALA A CA    1 
ATOM   484  C C     . ALA A 1 61  ? -7.723  -2.707  2.181   1.00 50.96  ? 410 ALA A C     1 
ATOM   485  O O     . ALA A 1 61  ? -8.711  -2.142  2.667   1.00 55.88  ? 410 ALA A O     1 
ATOM   486  C CB    . ALA A 1 61  ? -6.296  -1.494  0.543   1.00 62.92  ? 410 ALA A CB    1 
ATOM   487  N N     . ILE A 1 62  ? -7.733  -3.983  1.812   1.00 40.95  ? 411 ILE A N     1 
ATOM   488  C CA    . ILE A 1 62  ? -8.960  -4.763  1.969   1.00 62.35  ? 411 ILE A CA    1 
ATOM   489  C C     . ILE A 1 62  ? -9.271  -5.088  3.425   1.00 68.35  ? 411 ILE A C     1 
ATOM   490  O O     . ILE A 1 62  ? -10.432 -5.252  3.800   1.00 66.85  ? 411 ILE A O     1 
ATOM   491  C CB    . ILE A 1 62  ? -8.886  -6.081  1.200   1.00 71.55  ? 411 ILE A CB    1 
ATOM   492  C CG1   . ILE A 1 62  ? -8.487  -5.809  -0.251  1.00 77.00  ? 411 ILE A CG1   1 
ATOM   493  C CG2   . ILE A 1 62  ? -10.250 -6.786  1.231   1.00 68.37  ? 411 ILE A CG2   1 
ATOM   494  C CD1   . ILE A 1 62  ? -8.085  -7.056  -1.004  1.00 87.01  ? 411 ILE A CD1   1 
ATOM   495  N N     . ASP A 1 63  ? -8.227  -5.200  4.240   1.00 73.67  ? 412 ASP A N     1 
ATOM   496  C CA    . ASP A 1 63  ? -8.391  -5.518  5.656   1.00 78.03  ? 412 ASP A CA    1 
ATOM   497  C C     . ASP A 1 63  ? -8.713  -4.261  6.423   1.00 82.02  ? 412 ASP A C     1 
ATOM   498  O O     . ASP A 1 63  ? -9.816  -4.063  6.938   1.00 87.42  ? 412 ASP A O     1 
ATOM   499  C CB    . ASP A 1 63  ? -7.093  -6.061  6.264   1.00 87.50  ? 412 ASP A CB    1 
ATOM   500  C CG    . ASP A 1 63  ? -6.515  -7.238  5.508   1.00 98.78  ? 412 ASP A CG    1 
ATOM   501  O OD1   . ASP A 1 63  ? -5.442  -7.733  5.928   1.00 101.42 ? 412 ASP A OD1   1 
ATOM   502  O OD2   . ASP A 1 63  ? -7.120  -7.671  4.508   1.00 105.83 ? 412 ASP A OD2   1 
ATOM   503  N N     . HIS A 1 64  ? -7.689  -3.421  6.484   1.00 83.55  ? 413 HIS A N     1 
ATOM   504  C CA    . HIS A 1 64  ? -7.688  -2.164  7.210   1.00 81.40  ? 413 HIS A CA    1 
ATOM   505  C C     . HIS A 1 64  ? -8.296  -0.986  6.480   1.00 78.66  ? 413 HIS A C     1 
ATOM   506  O O     . HIS A 1 64  ? -8.851  -0.101  7.105   1.00 85.69  ? 413 HIS A O     1 
ATOM   507  C CB    . HIS A 1 64  ? -6.249  -1.846  7.594   1.00 88.55  ? 413 HIS A CB    1 
ATOM   508  C CG    . HIS A 1 64  ? -5.530  -3.025  8.201   1.00 108.00 ? 413 HIS A CG    1 
ATOM   509  N ND1   . HIS A 1 64  ? -6.130  -3.881  9.083   1.00 111.97 ? 413 HIS A ND1   1 
ATOM   510  C CD2   . HIS A 1 64  ? -4.247  -3.442  8.072   1.00 113.52 ? 413 HIS A CD2   1 
ATOM   511  C CE1   . HIS A 1 64  ? -5.267  -4.787  9.482   1.00 111.44 ? 413 HIS A CE1   1 
ATOM   512  N NE2   . HIS A 1 64  ? -4.105  -4.548  8.884   1.00 114.83 ? 413 HIS A NE2   1 
ATOM   513  N N     . GLY A 1 65  ? -8.200  -0.989  5.159   1.00 79.36  ? 414 GLY A N     1 
ATOM   514  C CA    . GLY A 1 65  ? -8.755  0.092   4.376   1.00 75.21  ? 414 GLY A CA    1 
ATOM   515  C C     . GLY A 1 65  ? -10.262 0.169   4.409   1.00 67.14  ? 414 GLY A C     1 
ATOM   516  O O     . GLY A 1 65  ? -10.828 1.020   5.063   1.00 63.41  ? 414 GLY A O     1 
ATOM   517  N N     . ILE A 1 66  ? -10.920 -0.726  3.695   1.00 67.54  ? 415 ILE A N     1 
ATOM   518  C CA    . ILE A 1 66  ? -12.370 -0.704  3.624   1.00 67.16  ? 415 ILE A CA    1 
ATOM   519  C C     . ILE A 1 66  ? -13.039 -1.030  4.961   1.00 72.34  ? 415 ILE A C     1 
ATOM   520  O O     . ILE A 1 66  ? -12.611 -1.927  5.694   1.00 78.38  ? 415 ILE A O     1 
ATOM   521  C CB    . ILE A 1 66  ? -12.891 -1.677  2.530   1.00 59.52  ? 415 ILE A CB    1 
ATOM   522  C CG1   . ILE A 1 66  ? -12.702 -1.048  1.147   1.00 58.24  ? 415 ILE A CG1   1 
ATOM   523  C CG2   . ILE A 1 66  ? -14.366 -1.991  2.754   1.00 60.72  ? 415 ILE A CG2   1 
ATOM   524  C CD1   . ILE A 1 66  ? -11.328 -1.288  0.511   1.00 40.50  ? 415 ILE A CD1   1 
ATOM   525  N N     . GLU A 1 67  ? -14.092 -0.289  5.281   1.00 78.41  ? 416 GLU A N     1 
ATOM   526  C CA    . GLU A 1 67  ? -14.848 -0.526  6.506   1.00 80.31  ? 416 GLU A CA    1 
ATOM   527  C C     . GLU A 1 67  ? -16.200 -1.165  6.151   1.00 84.87  ? 416 GLU A C     1 
ATOM   528  O O     . GLU A 1 67  ? -16.658 -1.129  5.003   1.00 89.16  ? 416 GLU A O     1 
ATOM   529  C CB    . GLU A 1 67  ? -15.105 0.780   7.262   1.00 70.54  ? 416 GLU A CB    1 
ATOM   530  C CG    . GLU A 1 67  ? -14.035 1.848   7.067   1.00 67.46  ? 416 GLU A CG    1 
ATOM   531  C CD    . GLU A 1 67  ? -14.288 2.749   5.874   1.00 64.81  ? 416 GLU A CD    1 
ATOM   532  O OE1   . GLU A 1 67  ? -14.582 3.941   6.090   1.00 58.02  ? 416 GLU A OE1   1 
ATOM   533  O OE2   . GLU A 1 67  ? -14.197 2.268   4.730   1.00 69.85  ? 416 GLU A OE2   1 
ATOM   534  N N     . PRO A 1 68  ? -16.834 -1.796  7.139   1.00 84.84  ? 417 PRO A N     1 
ATOM   535  C CA    . PRO A 1 68  ? -18.133 -2.458  7.000   1.00 85.22  ? 417 PRO A CA    1 
ATOM   536  C C     . PRO A 1 68  ? -19.270 -1.440  6.824   1.00 85.90  ? 417 PRO A C     1 
ATOM   537  O O     . PRO A 1 68  ? -19.170 -0.301  7.277   1.00 89.30  ? 417 PRO A O     1 
ATOM   538  C CB    . PRO A 1 68  ? -18.224 -3.280  8.286   1.00 89.10  ? 417 PRO A CB    1 
ATOM   539  C CG    . PRO A 1 68  ? -16.768 -3.659  8.531   1.00 83.31  ? 417 PRO A CG    1 
ATOM   540  C CD    . PRO A 1 68  ? -16.095 -2.321  8.303   1.00 81.39  ? 417 PRO A CD    1 
ATOM   541  N N     . LYS A 1 69  ? -20.355 -1.886  6.198   1.00 84.49  ? 418 LYS A N     1 
ATOM   542  C CA    . LYS A 1 69  ? -21.502 -1.051  5.840   1.00 89.56  ? 418 LYS A CA    1 
ATOM   543  C C     . LYS A 1 69  ? -22.079 0.143   6.614   1.00 98.64  ? 418 LYS A C     1 
ATOM   544  O O     . LYS A 1 69  ? -22.024 1.246   6.075   1.00 103.12 ? 418 LYS A O     1 
ATOM   545  C CB    . LYS A 1 69  ? -22.616 -1.971  5.361   1.00 90.71  ? 418 LYS A CB    1 
ATOM   546  C CG    . LYS A 1 69  ? -22.225 -2.511  3.995   1.00 92.67  ? 418 LYS A CG    1 
ATOM   547  C CD    . LYS A 1 69  ? -23.250 -3.382  3.315   1.00 99.45  ? 418 LYS A CD    1 
ATOM   548  C CE    . LYS A 1 69  ? -22.817 -3.625  1.875   1.00 105.42 ? 418 LYS A CE    1 
ATOM   549  N NZ    . LYS A 1 69  ? -23.759 -4.476  1.108   1.00 112.38 ? 418 LYS A NZ    1 
ATOM   550  N N     . GLU A 1 70  ? -22.640 0.027   7.814   1.00 105.11 ? 419 GLU A N     1 
ATOM   551  C CA    . GLU A 1 70  ? -23.097 1.306   8.352   1.00 108.26 ? 419 GLU A CA    1 
ATOM   552  C C     . GLU A 1 70  ? -21.946 2.199   8.767   1.00 102.96 ? 419 GLU A C     1 
ATOM   553  O O     . GLU A 1 70  ? -22.108 3.415   8.827   1.00 99.13  ? 419 GLU A O     1 
ATOM   554  C CB    . GLU A 1 70  ? -24.142 1.204   9.483   1.00 115.98 ? 419 GLU A CB    1 
ATOM   555  C CG    . GLU A 1 70  ? -24.119 0.052   10.443  1.00 128.16 ? 419 GLU A CG    1 
ATOM   556  C CD    . GLU A 1 70  ? -25.166 0.271   11.526  1.00 137.50 ? 419 GLU A CD    1 
ATOM   557  O OE1   . GLU A 1 70  ? -25.462 -0.665  12.299  1.00 140.96 ? 419 GLU A OE1   1 
ATOM   558  O OE2   . GLU A 1 70  ? -25.694 1.406   11.600  1.00 143.63 ? 419 GLU A OE2   1 
ATOM   559  N N     . GLU A 1 71  ? -20.774 1.619   9.024   1.00 98.21  ? 420 GLU A N     1 
ATOM   560  C CA    . GLU A 1 71  ? -19.645 2.460   9.387   1.00 96.29  ? 420 GLU A CA    1 
ATOM   561  C C     . GLU A 1 71  ? -19.403 3.345   8.171   1.00 91.48  ? 420 GLU A C     1 
ATOM   562  O O     . GLU A 1 71  ? -18.842 4.433   8.280   1.00 90.81  ? 420 GLU A O     1 
ATOM   563  C CB    . GLU A 1 71  ? -18.386 1.637   9.695   1.00 96.21  ? 420 GLU A CB    1 
ATOM   564  C CG    . GLU A 1 71  ? -17.359 2.425   10.528  1.00 88.36  ? 420 GLU A CG    1 
ATOM   565  C CD    . GLU A 1 71  ? -16.046 1.692   10.724  1.00 89.63  ? 420 GLU A CD    1 
ATOM   566  O OE1   . GLU A 1 71  ? -16.073 0.489   11.055  1.00 101.29 ? 420 GLU A OE1   1 
ATOM   567  O OE2   . GLU A 1 71  ? -14.989 2.327   10.560  1.00 76.49  ? 420 GLU A OE2   1 
ATOM   568  N N     . ARG A 1 72  ? -19.858 2.884   7.011   1.00 88.23  ? 421 ARG A N     1 
ATOM   569  C CA    . ARG A 1 72  ? -19.687 3.653   5.788   1.00 94.94  ? 421 ARG A CA    1 
ATOM   570  C C     . ARG A 1 72  ? -20.794 4.666   5.542   1.00 102.93 ? 421 ARG A C     1 
ATOM   571  O O     . ARG A 1 72  ? -20.512 5.838   5.286   1.00 105.89 ? 421 ARG A O     1 
ATOM   572  C CB    . ARG A 1 72  ? -19.535 2.713   4.592   1.00 86.59  ? 421 ARG A CB    1 
ATOM   573  C CG    . ARG A 1 72  ? -18.106 2.226   4.437   1.00 81.36  ? 421 ARG A CG    1 
ATOM   574  C CD    . ARG A 1 72  ? -17.944 1.296   3.269   1.00 79.87  ? 421 ARG A CD    1 
ATOM   575  N NE    . ARG A 1 72  ? -16.617 1.453   2.688   1.00 78.33  ? 421 ARG A NE    1 
ATOM   576  C CZ    . ARG A 1 72  ? -16.322 2.330   1.729   1.00 73.57  ? 421 ARG A CZ    1 
ATOM   577  N NH1   . ARG A 1 72  ? -17.250 3.138   1.218   1.00 70.75  ? 421 ARG A NH1   1 
ATOM   578  N NH2   . ARG A 1 72  ? -15.082 2.418   1.285   1.00 82.60  ? 421 ARG A NH2   1 
ATOM   579  N N     . ILE A 1 73  ? -22.048 4.239   5.617   1.00 111.59 ? 422 ILE A N     1 
ATOM   580  C CA    . ILE A 1 73  ? -23.128 5.189   5.402   1.00 116.77 ? 422 ILE A CA    1 
ATOM   581  C C     . ILE A 1 73  ? -23.181 6.118   6.611   1.00 116.75 ? 422 ILE A C     1 
ATOM   582  O O     . ILE A 1 73  ? -23.616 7.261   6.503   1.00 120.40 ? 422 ILE A O     1 
ATOM   583  C CB    . ILE A 1 73  ? -24.498 4.492   5.191   1.00 119.13 ? 422 ILE A CB    1 
ATOM   584  C CG1   . ILE A 1 73  ? -25.227 5.150   4.013   1.00 115.28 ? 422 ILE A CG1   1 
ATOM   585  C CG2   . ILE A 1 73  ? -25.348 4.568   6.452   1.00 122.23 ? 422 ILE A CG2   1 
ATOM   586  C CD1   . ILE A 1 73  ? -25.386 6.658   4.130   1.00 120.29 ? 422 ILE A CD1   1 
ATOM   587  N N     . ALA A 1 74  ? -22.733 5.626   7.765   1.00 113.26 ? 423 ALA A N     1 
ATOM   588  C CA    . ALA A 1 74  ? -22.706 6.454   8.966   1.00 114.02 ? 423 ALA A CA    1 
ATOM   589  C C     . ALA A 1 74  ? -21.647 7.523   8.709   1.00 119.16 ? 423 ALA A C     1 
ATOM   590  O O     . ALA A 1 74  ? -21.771 8.658   9.173   1.00 125.05 ? 423 ALA A O     1 
ATOM   591  C CB    . ALA A 1 74  ? -22.331 5.629   10.191  1.00 110.12 ? 423 ALA A CB    1 
ATOM   592  N N     . LYS A 1 75  ? -20.598 7.148   7.976   1.00 119.77 ? 424 LYS A N     1 
ATOM   593  C CA    . LYS A 1 75  ? -19.530 8.082   7.620   1.00 114.50 ? 424 LYS A CA    1 
ATOM   594  C C     . LYS A 1 75  ? -20.070 8.918   6.460   1.00 107.42 ? 424 LYS A C     1 
ATOM   595  O O     . LYS A 1 75  ? -19.742 10.104  6.324   1.00 106.28 ? 424 LYS A O     1 
ATOM   596  C CB    . LYS A 1 75  ? -18.254 7.326   7.206   1.00 119.11 ? 424 LYS A CB    1 
ATOM   597  C CG    . LYS A 1 75  ? -17.459 6.732   8.388   1.00 121.74 ? 424 LYS A CG    1 
ATOM   598  C CD    . LYS A 1 75  ? -16.199 5.960   7.956   1.00 119.51 ? 424 LYS A CD    1 
ATOM   599  C CE    . LYS A 1 75  ? -15.531 5.264   9.149   1.00 120.13 ? 424 LYS A CE    1 
ATOM   600  N NZ    . LYS A 1 75  ? -14.221 4.615   8.813   1.00 113.15 ? 424 LYS A NZ    1 
ATOM   601  N N     . GLY A 1 76  ? -20.916 8.290   5.641   1.00 98.00  ? 425 GLY A N     1 
ATOM   602  C CA    . GLY A 1 76  ? -21.537 8.983   4.525   1.00 92.42  ? 425 GLY A CA    1 
ATOM   603  C C     . GLY A 1 76  ? -21.163 8.497   3.136   1.00 91.25  ? 425 GLY A C     1 
ATOM   604  O O     . GLY A 1 76  ? -20.846 9.319   2.279   1.00 97.43  ? 425 GLY A O     1 
ATOM   605  N N     . LYS A 1 77  ? -21.220 7.191   2.890   1.00 77.80  ? 426 LYS A N     1 
ATOM   606  C CA    . LYS A 1 77  ? -20.840 6.685   1.586   1.00 69.45  ? 426 LYS A CA    1 
ATOM   607  C C     . LYS A 1 77  ? -21.379 5.316   1.177   1.00 70.20  ? 426 LYS A C     1 
ATOM   608  O O     . LYS A 1 77  ? -22.153 4.703   1.913   1.00 76.28  ? 426 LYS A O     1 
ATOM   609  C CB    . LYS A 1 77  ? -19.321 6.696   1.484   1.00 70.37  ? 426 LYS A CB    1 
ATOM   610  C CG    . LYS A 1 77  ? -18.589 6.147   2.680   1.00 68.41  ? 426 LYS A CG    1 
ATOM   611  C CD    . LYS A 1 77  ? -17.098 6.446   2.568   1.00 70.46  ? 426 LYS A CD    1 
ATOM   612  C CE    . LYS A 1 77  ? -16.364 6.210   3.887   1.00 65.02  ? 426 LYS A CE    1 
ATOM   613  N NZ    . LYS A 1 77  ? -14.869 6.479   3.792   1.00 61.56  ? 426 LYS A NZ    1 
ATOM   614  N N     . PRO A 1 78  ? -20.991 4.824   -0.026  1.00 67.25  ? 427 PRO A N     1 
ATOM   615  C CA    . PRO A 1 78  ? -21.451 3.524   -0.524  1.00 59.69  ? 427 PRO A CA    1 
ATOM   616  C C     . PRO A 1 78  ? -21.117 2.346   0.356   1.00 56.41  ? 427 PRO A C     1 
ATOM   617  O O     . PRO A 1 78  ? -19.995 2.252   0.878   1.00 47.01  ? 427 PRO A O     1 
ATOM   618  C CB    . PRO A 1 78  ? -20.779 3.410   -1.902  1.00 47.92  ? 427 PRO A CB    1 
ATOM   619  C CG    . PRO A 1 78  ? -19.621 4.303   -1.808  1.00 45.71  ? 427 PRO A CG    1 
ATOM   620  C CD    . PRO A 1 78  ? -20.161 5.469   -1.064  1.00 53.70  ? 427 PRO A CD    1 
ATOM   621  N N     . PRO A 1 79  ? -22.085 1.431   0.514   1.00 65.20  ? 428 PRO A N     1 
ATOM   622  C CA    . PRO A 1 79  ? -21.849 0.255   1.342   1.00 69.73  ? 428 PRO A CA    1 
ATOM   623  C C     . PRO A 1 79  ? -20.638 -0.543  0.843   1.00 67.15  ? 428 PRO A C     1 
ATOM   624  O O     . PRO A 1 79  ? -19.881 -1.077  1.652   1.00 66.24  ? 428 PRO A O     1 
ATOM   625  C CB    . PRO A 1 79  ? -23.167 -0.493  1.240   1.00 75.37  ? 428 PRO A CB    1 
ATOM   626  C CG    . PRO A 1 79  ? -23.641 -0.159  -0.145  1.00 81.26  ? 428 PRO A CG    1 
ATOM   627  C CD    . PRO A 1 79  ? -23.353 1.323   -0.241  1.00 70.25  ? 428 PRO A CD    1 
ATOM   628  N N     . ILE A 1 80  ? -20.462 -0.609  -0.473  1.00 66.31  ? 429 ILE A N     1 
ATOM   629  C CA    . ILE A 1 80  ? -19.363 -1.373  -1.044  1.00 67.66  ? 429 ILE A CA    1 
ATOM   630  C C     . ILE A 1 80  ? -18.053 -0.614  -1.312  1.00 64.28  ? 429 ILE A C     1 
ATOM   631  O O     . ILE A 1 80  ? -18.035 0.326   -2.116  1.00 55.28  ? 429 ILE A O     1 
ATOM   632  C CB    . ILE A 1 80  ? -19.830 -2.045  -2.341  1.00 73.22  ? 429 ILE A CB    1 
ATOM   633  C CG1   . ILE A 1 80  ? -21.340 -1.855  -2.530  1.00 79.25  ? 429 ILE A CG1   1 
ATOM   634  C CG2   . ILE A 1 80  ? -19.490 -3.549  -2.312  1.00 67.85  ? 429 ILE A CG2   1 
ATOM   635  C CD1   . ILE A 1 80  ? -21.799 -0.400  -2.806  1.00 64.77  ? 429 ILE A CD1   1 
ATOM   636  N N     . GLY A 1 81  ? -16.972 -1.032  -0.645  1.00 57.84  ? 430 GLY A N     1 
ATOM   637  C CA    . GLY A 1 81  ? -15.694 -0.357  -0.816  1.00 54.26  ? 430 GLY A CA    1 
ATOM   638  C C     . GLY A 1 81  ? -15.124 -0.510  -2.209  1.00 56.55  ? 430 GLY A C     1 
ATOM   639  O O     . GLY A 1 81  ? -15.548 -1.418  -2.950  1.00 64.09  ? 430 GLY A O     1 
ATOM   640  N N     . THR A 1 82  ? -14.173 0.347   -2.582  1.00 47.20  ? 431 THR A N     1 
ATOM   641  C CA    . THR A 1 82  ? -13.572 0.226   -3.910  1.00 49.31  ? 431 THR A CA    1 
ATOM   642  C C     . THR A 1 82  ? -12.052 0.212   -3.851  1.00 48.94  ? 431 THR A C     1 
ATOM   643  O O     . THR A 1 82  ? -11.426 1.180   -3.390  1.00 52.31  ? 431 THR A O     1 
ATOM   644  C CB    . THR A 1 82  ? -13.997 1.383   -4.792  1.00 56.31  ? 431 THR A CB    1 
ATOM   645  O OG1   . THR A 1 82  ? -15.412 1.559   -4.681  1.00 70.29  ? 431 THR A OG1   1 
ATOM   646  C CG2   . THR A 1 82  ? -13.625 1.125   -6.241  1.00 45.95  ? 431 THR A CG2   1 
ATOM   647  N N     . LEU A 1 83  ? -11.456 -0.877  -4.329  1.00 43.61  ? 432 LEU A N     1 
ATOM   648  C CA    . LEU A 1 83  ? -10.004 -0.999  -4.299  1.00 40.35  ? 432 LEU A CA    1 
ATOM   649  C C     . LEU A 1 83  ? -9.485  -0.877  -5.718  1.00 39.83  ? 432 LEU A C     1 
ATOM   650  O O     . LEU A 1 83  ? -9.697  -1.781  -6.536  1.00 46.49  ? 432 LEU A O     1 
ATOM   651  C CB    . LEU A 1 83  ? -9.608  -2.348  -3.695  1.00 35.49  ? 432 LEU A CB    1 
ATOM   652  C CG    . LEU A 1 83  ? -8.129  -2.644  -3.529  1.00 29.28  ? 432 LEU A CG    1 
ATOM   653  C CD1   . LEU A 1 83  ? -7.464  -1.575  -2.687  1.00 35.34  ? 432 LEU A CD1   1 
ATOM   654  C CD2   . LEU A 1 83  ? -7.989  -4.008  -2.876  1.00 22.24  ? 432 LEU A CD2   1 
ATOM   655  N N     . ILE A 1 84  ? -8.794  0.227   -6.007  1.00 36.49  ? 433 ILE A N     1 
ATOM   656  C CA    . ILE A 1 84  ? -8.273  0.478   -7.360  1.00 40.58  ? 433 ILE A CA    1 
ATOM   657  C C     . ILE A 1 84  ? -6.779  0.261   -7.522  1.00 42.09  ? 433 ILE A C     1 
ATOM   658  O O     . ILE A 1 84  ? -5.995  0.987   -6.921  1.00 49.77  ? 433 ILE A O     1 
ATOM   659  C CB    . ILE A 1 84  ? -8.533  1.902   -7.785  1.00 47.16  ? 433 ILE A CB    1 
ATOM   660  C CG1   . ILE A 1 84  ? -10.034 2.211   -7.718  1.00 54.89  ? 433 ILE A CG1   1 
ATOM   661  C CG2   . ILE A 1 84  ? -7.998  2.106   -9.186  1.00 52.74  ? 433 ILE A CG2   1 
ATOM   662  C CD1   . ILE A 1 84  ? -10.367 3.659   -8.125  1.00 57.94  ? 433 ILE A CD1   1 
ATOM   663  N N     . LEU A 1 85  ? -6.394  -0.715  -8.337  1.00 38.54  ? 434 LEU A N     1 
ATOM   664  C CA    . LEU A 1 85  ? -4.986  -1.001  -8.568  1.00 39.70  ? 434 LEU A CA    1 
ATOM   665  C C     . LEU A 1 85  ? -4.670  -0.449  -9.935  1.00 41.03  ? 434 LEU A C     1 
ATOM   666  O O     . LEU A 1 85  ? -5.423  -0.710  -10.862 1.00 42.48  ? 434 LEU A O     1 
ATOM   667  C CB    . LEU A 1 85  ? -4.737  -2.507  -8.550  1.00 27.80  ? 434 LEU A CB    1 
ATOM   668  C CG    . LEU A 1 85  ? -3.392  -2.994  -9.088  1.00 30.27  ? 434 LEU A CG    1 
ATOM   669  C CD1   . LEU A 1 85  ? -2.236  -2.554  -8.239  1.00 31.57  ? 434 LEU A CD1   1 
ATOM   670  C CD2   . LEU A 1 85  ? -3.440  -4.491  -9.132  1.00 44.29  ? 434 LEU A CD2   1 
ATOM   671  N N     . SER A 1 86  ? -3.565  0.280   -10.089 1.00 40.19  ? 435 SER A N     1 
ATOM   672  C CA    . SER A 1 86  ? -3.263  0.854   -11.398 1.00 45.52  ? 435 SER A CA    1 
ATOM   673  C C     . SER A 1 86  ? -1.789  1.046   -11.706 1.00 53.74  ? 435 SER A C     1 
ATOM   674  O O     . SER A 1 86  ? -0.951  0.963   -10.813 1.00 62.74  ? 435 SER A O     1 
ATOM   675  C CB    . SER A 1 86  ? -4.001  2.183   -11.513 1.00 50.45  ? 435 SER A CB    1 
ATOM   676  O OG    . SER A 1 86  ? -4.083  2.795   -10.232 1.00 37.23  ? 435 SER A OG    1 
ATOM   677  N N     . ALA A 1 87  ? -1.498  1.312   -12.981 1.00 60.41  ? 436 ALA A N     1 
ATOM   678  C CA    . ALA A 1 87  ? -0.129  1.514   -13.467 1.00 66.40  ? 436 ALA A CA    1 
ATOM   679  C C     . ALA A 1 87  ? -0.038  2.165   -14.850 1.00 66.98  ? 436 ALA A C     1 
ATOM   680  O O     . ALA A 1 87  ? -0.541  1.619   -15.821 1.00 67.68  ? 436 ALA A O     1 
ATOM   681  C CB    . ALA A 1 87  ? 0.593   0.170   -13.504 1.00 64.77  ? 436 ALA A CB    1 
ATOM   682  N N     . ARG A 1 88  ? 0.590   3.335   -14.946 1.00 69.19  ? 437 ARG A N     1 
ATOM   683  C CA    . ARG A 1 88  ? 0.734   3.977   -16.245 1.00 81.01  ? 437 ARG A CA    1 
ATOM   684  C C     . ARG A 1 88  ? 2.178   4.327   -16.656 1.00 88.48  ? 437 ARG A C     1 
ATOM   685  O O     . ARG A 1 88  ? 3.147   3.780   -16.069 1.00 82.08  ? 437 ARG A O     1 
ATOM   686  C CB    . ARG A 1 88  ? -0.172  5.214   -16.369 1.00 86.65  ? 437 ARG A CB    1 
ATOM   687  C CG    . ARG A 1 88  ? 0.202   6.334   -15.458 1.00 92.89  ? 437 ARG A CG    1 
ATOM   688  C CD    . ARG A 1 88  ? -0.771  7.478   -15.519 1.00 102.04 ? 437 ARG A CD    1 
ATOM   689  N NE    . ARG A 1 88  ? -0.523  8.360   -14.389 1.00 115.74 ? 437 ARG A NE    1 
ATOM   690  C CZ    . ARG A 1 88  ? -0.562  7.962   -13.122 1.00 122.63 ? 437 ARG A CZ    1 
ATOM   691  N NH1   . ARG A 1 88  ? -0.845  6.702   -12.831 1.00 126.94 ? 437 ARG A NH1   1 
ATOM   692  N NH2   . ARG A 1 88  ? -0.295  8.814   -12.143 1.00 126.28 ? 437 ARG A NH2   1 
ATOM   693  N N     . HIS A 1 89  ? 2.287   5.228   -17.627 1.00 98.87  ? 438 HIS A N     1 
ATOM   694  C CA    . HIS A 1 89  ? 3.569   5.601   -18.185 1.00 106.85 ? 438 HIS A CA    1 
ATOM   695  C C     . HIS A 1 89  ? 3.918   7.003   -17.734 1.00 111.75 ? 438 HIS A C     1 
ATOM   696  O O     . HIS A 1 89  ? 3.256   7.985   -18.101 1.00 119.85 ? 438 HIS A O     1 
ATOM   697  C CB    . HIS A 1 89  ? 3.432   5.594   -19.679 1.00 113.19 ? 438 HIS A CB    1 
ATOM   698  C CG    . HIS A 1 89  ? 4.540   4.902   -20.382 1.00 122.47 ? 438 HIS A CG    1 
ATOM   699  N ND1   . HIS A 1 89  ? 4.908   5.236   -21.672 1.00 123.92 ? 438 HIS A ND1   1 
ATOM   700  C CD2   . HIS A 1 89  ? 5.346   3.878   -20.021 1.00 126.75 ? 438 HIS A CD2   1 
ATOM   701  C CE1   . HIS A 1 89  ? 5.890   4.446   -22.064 1.00 128.25 ? 438 HIS A CE1   1 
ATOM   702  N NE2   . HIS A 1 89  ? 6.172   3.612   -21.079 1.00 129.93 ? 438 HIS A NE2   1 
ATOM   703  N N     . GLU A 1 90  ? 4.991   7.136   -16.996 1.00 111.39 ? 439 GLU A N     1 
ATOM   704  C CA    . GLU A 1 90  ? 5.327   8.438   -16.500 1.00 112.82 ? 439 GLU A CA    1 
ATOM   705  C C     . GLU A 1 90  ? 6.797   8.591   -16.697 1.00 111.49 ? 439 GLU A C     1 
ATOM   706  O O     . GLU A 1 90  ? 7.615   8.220   -15.850 1.00 118.09 ? 439 GLU A O     1 
ATOM   707  C CB    . GLU A 1 90  ? 4.850   8.493   -15.050 1.00 115.89 ? 439 GLU A CB    1 
ATOM   708  C CG    . GLU A 1 90  ? 3.421   9.065   -14.888 1.00 112.84 ? 439 GLU A CG    1 
ATOM   709  C CD    . GLU A 1 90  ? 3.489   10.550  -14.728 1.00 119.15 ? 439 GLU A CD    1 
ATOM   710  O OE1   . GLU A 1 90  ? 4.636   10.974  -14.621 1.00 128.96 ? 439 GLU A OE1   1 
ATOM   711  O OE2   . GLU A 1 90  ? 2.469   11.271  -14.673 1.00 114.41 ? 439 GLU A OE2   1 
ATOM   712  N N     . GLY A 1 91  ? 7.073   9.142   -17.878 1.00 104.82 ? 440 GLY A N     1 
ATOM   713  C CA    . GLY A 1 91  ? 8.407   9.425   -18.321 1.00 105.86 ? 440 GLY A CA    1 
ATOM   714  C C     . GLY A 1 91  ? 8.862   8.086   -18.842 1.00 104.46 ? 440 GLY A C     1 
ATOM   715  O O     . GLY A 1 91  ? 8.311   7.499   -19.772 1.00 100.80 ? 440 GLY A O     1 
ATOM   716  N N     . ASN A 1 92  ? 9.902   7.579   -18.224 1.00 107.41 ? 441 ASN A N     1 
ATOM   717  C CA    . ASN A 1 92  ? 10.425  6.308   -18.590 1.00 111.33 ? 441 ASN A CA    1 
ATOM   718  C C     . ASN A 1 92  ? 10.069  5.422   -17.432 1.00 111.73 ? 441 ASN A C     1 
ATOM   719  O O     . ASN A 1 92  ? 10.454  4.269   -17.400 1.00 117.67 ? 441 ASN A O     1 
ATOM   720  C CB    . ASN A 1 92  ? 11.920  6.446   -18.800 1.00 118.88 ? 441 ASN A CB    1 
ATOM   721  C CG    . ASN A 1 92  ? 12.266  6.646   -20.253 1.00 121.86 ? 441 ASN A CG    1 
ATOM   722  O OD1   . ASN A 1 92  ? 11.938  5.804   -21.084 1.00 120.97 ? 441 ASN A OD1   1 
ATOM   723  N ND2   . ASN A 1 92  ? 12.920  7.752   -20.572 1.00 124.93 ? 441 ASN A ND2   1 
ATOM   724  N N     . ASN A 1 93  ? 9.288   5.999   -16.517 1.00 109.31 ? 442 ASN A N     1 
ATOM   725  C CA    . ASN A 1 93  ? 8.837   5.360   -15.283 1.00 107.55 ? 442 ASN A CA    1 
ATOM   726  C C     . ASN A 1 93  ? 7.424   4.740   -15.242 1.00 103.28 ? 442 ASN A C     1 
ATOM   727  O O     . ASN A 1 93  ? 6.449   5.375   -15.639 1.00 112.07 ? 442 ASN A O     1 
ATOM   728  C CB    . ASN A 1 93  ? 8.914   6.394   -14.154 1.00 115.98 ? 442 ASN A CB    1 
ATOM   729  C CG    . ASN A 1 93  ? 10.312  6.895   -13.910 1.00 118.49 ? 442 ASN A CG    1 
ATOM   730  O OD1   . ASN A 1 93  ? 10.715  7.946   -14.411 1.00 119.14 ? 442 ASN A OD1   1 
ATOM   731  N ND2   . ASN A 1 93  ? 11.068  6.138   -13.130 1.00 124.48 ? 442 ASN A ND2   1 
ATOM   732  N N     . VAL A 1 94  ? 7.317   3.520   -14.725 1.00 90.62  ? 443 VAL A N     1 
ATOM   733  C CA    . VAL A 1 94  ? 6.018   2.867   -14.585 1.00 79.82  ? 443 VAL A CA    1 
ATOM   734  C C     . VAL A 1 94  ? 5.466   3.195   -13.191 1.00 77.31  ? 443 VAL A C     1 
ATOM   735  O O     . VAL A 1 94  ? 5.953   2.684   -12.174 1.00 80.78  ? 443 VAL A O     1 
ATOM   736  C CB    . VAL A 1 94  ? 6.128   1.332   -14.698 1.00 77.72  ? 443 VAL A CB    1 
ATOM   737  C CG1   . VAL A 1 94  ? 4.817   0.681   -14.265 1.00 62.24  ? 443 VAL A CG1   1 
ATOM   738  C CG2   . VAL A 1 94  ? 6.485   0.943   -16.115 1.00 78.06  ? 443 VAL A CG2   1 
ATOM   739  N N     . VAL A 1 95  ? 4.453   4.050   -13.133 1.00 64.92  ? 444 VAL A N     1 
ATOM   740  C CA    . VAL A 1 95  ? 3.889   4.400   -11.847 1.00 45.90  ? 444 VAL A CA    1 
ATOM   741  C C     . VAL A 1 95  ? 2.715   3.504   -11.515 1.00 34.94  ? 444 VAL A C     1 
ATOM   742  O O     . VAL A 1 95  ? 1.685   3.545   -12.171 1.00 42.98  ? 444 VAL A O     1 
ATOM   743  C CB    . VAL A 1 95  ? 3.448   5.877   -11.824 1.00 44.32  ? 444 VAL A CB    1 
ATOM   744  C CG1   . VAL A 1 95  ? 4.660   6.772   -11.914 1.00 52.07  ? 444 VAL A CG1   1 
ATOM   745  C CG2   . VAL A 1 95  ? 2.557   6.171   -12.996 1.00 55.65  ? 444 VAL A CG2   1 
ATOM   746  N N     . ILE A 1 96  ? 2.897   2.671   -10.502 1.00 16.74  ? 445 ILE A N     1 
ATOM   747  C CA    . ILE A 1 96  ? 1.846   1.764   -10.029 1.00 20.43  ? 445 ILE A CA    1 
ATOM   748  C C     . ILE A 1 96  ? 1.301   2.269   -8.710  1.00 28.53  ? 445 ILE A C     1 
ATOM   749  O O     . ILE A 1 96  ? 2.053   2.850   -7.930  1.00 37.13  ? 445 ILE A O     1 
ATOM   750  C CB    . ILE A 1 96  ? 2.398   0.396   -9.762  1.00 22.70  ? 445 ILE A CB    1 
ATOM   751  C CG1   . ILE A 1 96  ? 3.190   -0.077  -10.982 1.00 30.90  ? 445 ILE A CG1   1 
ATOM   752  C CG2   . ILE A 1 96  ? 1.260   -0.567  -9.493  1.00 14.78  ? 445 ILE A CG2   1 
ATOM   753  C CD1   . ILE A 1 96  ? 3.895   -1.405  -10.758 1.00 44.49  ? 445 ILE A CD1   1 
ATOM   754  N N     . GLU A 1 97  ? 0.010   2.060   -8.452  1.00 39.28  ? 446 GLU A N     1 
ATOM   755  C CA    . GLU A 1 97  ? -0.557  2.496   -7.180  1.00 38.93  ? 446 GLU A CA    1 
ATOM   756  C C     . GLU A 1 97  ? -1.789  1.744   -6.740  1.00 33.78  ? 446 GLU A C     1 
ATOM   757  O O     . GLU A 1 97  ? -2.523  1.149   -7.566  1.00 36.09  ? 446 GLU A O     1 
ATOM   758  C CB    . GLU A 1 97  ? -0.862  3.969   -7.182  1.00 42.97  ? 446 GLU A CB    1 
ATOM   759  C CG    . GLU A 1 97  ? -1.779  4.414   -8.278  1.00 53.58  ? 446 GLU A CG    1 
ATOM   760  C CD    . GLU A 1 97  ? -1.864  5.915   -8.347  1.00 63.61  ? 446 GLU A CD    1 
ATOM   761  O OE1   . GLU A 1 97  ? -2.192  6.534   -7.313  1.00 77.41  ? 446 GLU A OE1   1 
ATOM   762  O OE2   . GLU A 1 97  ? -1.605  6.477   -9.430  1.00 71.55  ? 446 GLU A OE2   1 
ATOM   763  N N     . VAL A 1 98  ? -2.014  1.738   -5.431  1.00 24.34  ? 447 VAL A N     1 
ATOM   764  C CA    . VAL A 1 98  ? -3.144  0.977   -4.875  1.00 24.67  ? 447 VAL A CA    1 
ATOM   765  C C     . VAL A 1 98  ? -3.946  1.933   -4.050  1.00 34.23  ? 447 VAL A C     1 
ATOM   766  O O     . VAL A 1 98  ? -3.625  2.174   -2.899  1.00 48.77  ? 447 VAL A O     1 
ATOM   767  C CB    . VAL A 1 98  ? -2.664  -0.112  -3.938  1.00 23.99  ? 447 VAL A CB    1 
ATOM   768  C CG1   . VAL A 1 98  ? -3.847  -0.837  -3.321  1.00 31.65  ? 447 VAL A CG1   1 
ATOM   769  C CG2   . VAL A 1 98  ? -1.707  -1.038  -4.685  1.00 30.52  ? 447 VAL A CG2   1 
ATOM   770  N N     . GLU A 1 99  ? -4.962  2.512   -4.647  1.00 39.26  ? 448 GLU A N     1 
ATOM   771  C CA    . GLU A 1 99  ? -5.826  3.474   -3.961  1.00 34.24  ? 448 GLU A CA    1 
ATOM   772  C C     . GLU A 1 99  ? -6.960  2.716   -3.310  1.00 40.44  ? 448 GLU A C     1 
ATOM   773  O O     . GLU A 1 99  ? -7.424  1.703   -3.909  1.00 36.77  ? 448 GLU A O     1 
ATOM   774  C CB    . GLU A 1 99  ? -6.392  4.390   -5.025  1.00 42.79  ? 448 GLU A CB    1 
ATOM   775  C CG    . GLU A 1 99  ? -6.407  5.859   -4.675  1.00 52.66  ? 448 GLU A CG    1 
ATOM   776  C CD    . GLU A 1 99  ? -7.009  6.685   -5.791  1.00 53.14  ? 448 GLU A CD    1 
ATOM   777  O OE1   . GLU A 1 99  ? -6.607  6.471   -6.961  1.00 49.12  ? 448 GLU A OE1   1 
ATOM   778  O OE2   . GLU A 1 99  ? -7.874  7.534   -5.488  1.00 68.29  ? 448 GLU A OE2   1 
ATOM   779  N N     . ASP A 1 100 ? -7.391  3.130   -2.110  1.00 51.46  ? 449 ASP A N     1 
ATOM   780  C CA    . ASP A 1 100 ? -8.561  2.432   -1.539  1.00 67.45  ? 449 ASP A CA    1 
ATOM   781  C C     . ASP A 1 100 ? -9.410  3.611   -1.008  1.00 71.34  ? 449 ASP A C     1 
ATOM   782  O O     . ASP A 1 100 ? -8.864  4.708   -0.877  1.00 77.65  ? 449 ASP A O     1 
ATOM   783  C CB    . ASP A 1 100 ? -8.224  1.417   -0.430  1.00 61.18  ? 449 ASP A CB    1 
ATOM   784  C CG    . ASP A 1 100 ? -7.702  2.067   0.830   1.00 60.55  ? 449 ASP A CG    1 
ATOM   785  O OD1   . ASP A 1 100 ? -6.521  1.868   1.166   1.00 66.67  ? 449 ASP A OD1   1 
ATOM   786  O OD2   . ASP A 1 100 ? -8.473  2.784   1.497   1.00 58.08  ? 449 ASP A OD2   1 
ATOM   787  N N     . ASP A 1 101 ? -10.712 3.450   -0.780  1.00 59.54  ? 450 ASP A N     1 
ATOM   788  C CA    . ASP A 1 101 ? -11.469 4.602   -0.316  1.00 58.42  ? 450 ASP A CA    1 
ATOM   789  C C     . ASP A 1 101 ? -11.727 4.398   1.131   1.00 57.21  ? 450 ASP A C     1 
ATOM   790  O O     . ASP A 1 101 ? -12.789 4.690   1.682   1.00 49.90  ? 450 ASP A O     1 
ATOM   791  C CB    . ASP A 1 101 ? -12.755 4.743   -1.053  1.00 61.17  ? 450 ASP A CB    1 
ATOM   792  C CG    . ASP A 1 101 ? -13.649 3.614   -0.843  1.00 61.82  ? 450 ASP A CG    1 
ATOM   793  O OD1   . ASP A 1 101 ? -14.824 3.696   -1.305  1.00 54.60  ? 450 ASP A OD1   1 
ATOM   794  O OD2   . ASP A 1 101 ? -13.194 2.636   -0.235  1.00 74.90  ? 450 ASP A OD2   1 
ATOM   795  N N     . GLY A 1 102 ? -10.670 3.902   1.736   1.00 58.46  ? 451 GLY A N     1 
ATOM   796  C CA    . GLY A 1 102 ? -10.650 3.551   3.123   1.00 61.67  ? 451 GLY A CA    1 
ATOM   797  C C     . GLY A 1 102 ? -10.790 4.548   4.228   1.00 68.63  ? 451 GLY A C     1 
ATOM   798  O O     . GLY A 1 102 ? -11.099 5.725   4.106   1.00 82.17  ? 451 GLY A O     1 
ATOM   799  N N     . ARG A 1 103 ? -10.571 3.960   5.376   1.00 69.94  ? 452 ARG A N     1 
ATOM   800  C CA    . ARG A 1 103 ? -10.612 4.610   6.639   1.00 73.50  ? 452 ARG A CA    1 
ATOM   801  C C     . ARG A 1 103 ? -9.380  5.498   6.650   1.00 79.94  ? 452 ARG A C     1 
ATOM   802  O O     . ARG A 1 103 ? -9.449  6.637   7.043   1.00 90.07  ? 452 ARG A O     1 
ATOM   803  C CB    . ARG A 1 103 ? -10.595 3.480   7.652   1.00 75.64  ? 452 ARG A CB    1 
ATOM   804  C CG    . ARG A 1 103 ? -10.328 3.891   9.037   1.00 93.89  ? 452 ARG A CG    1 
ATOM   805  C CD    . ARG A 1 103 ? -10.195 2.629   9.842   1.00 100.41 ? 452 ARG A CD    1 
ATOM   806  N NE    . ARG A 1 103 ? -11.295 2.471   10.778  1.00 100.66 ? 452 ARG A NE    1 
ATOM   807  C CZ    . ARG A 1 103 ? -12.205 1.511   10.712  1.00 93.71  ? 452 ARG A CZ    1 
ATOM   808  N NH1   . ARG A 1 103 ? -12.168 0.613   9.742   1.00 81.30  ? 452 ARG A NH1   1 
ATOM   809  N NH2   . ARG A 1 103 ? -13.135 1.433   11.647  1.00 102.24 ? 452 ARG A NH2   1 
ATOM   810  N N     . GLY A 1 104 ? -8.256  4.956   6.202   1.00 75.99  ? 453 GLY A N     1 
ATOM   811  C CA    . GLY A 1 104 ? -7.052  5.756   6.125   1.00 65.97  ? 453 GLY A CA    1 
ATOM   812  C C     . GLY A 1 104 ? -6.215  5.877   7.367   1.00 66.80  ? 453 GLY A C     1 
ATOM   813  O O     . GLY A 1 104 ? -6.705  5.827   8.500   1.00 77.14  ? 453 GLY A O     1 
ATOM   814  N N     . ILE A 1 105 ? -4.918  6.014   7.157   1.00 70.24  ? 454 ILE A N     1 
ATOM   815  C CA    . ILE A 1 105 ? -4.068  6.156   8.297   1.00 73.24  ? 454 ILE A CA    1 
ATOM   816  C C     . ILE A 1 105 ? -4.120  7.607   8.742   1.00 74.78  ? 454 ILE A C     1 
ATOM   817  O O     . ILE A 1 105 ? -4.213  8.552   7.961   1.00 74.56  ? 454 ILE A O     1 
ATOM   818  C CB    . ILE A 1 105 ? -2.654  5.760   8.010   1.00 66.35  ? 454 ILE A CB    1 
ATOM   819  C CG1   . ILE A 1 105 ? -2.687  4.418   7.287   1.00 47.46  ? 454 ILE A CG1   1 
ATOM   820  C CG2   . ILE A 1 105 ? -1.898  5.669   9.333   1.00 77.55  ? 454 ILE A CG2   1 
ATOM   821  C CD1   . ILE A 1 105 ? -1.334  3.973   6.835   1.00 64.47  ? 454 ILE A CD1   1 
ATOM   822  N N     . ASP A 1 106 ? -4.075  7.735   10.053  1.00 72.07  ? 455 ASP A N     1 
ATOM   823  C CA    . ASP A 1 106 ? -4.103  8.976   10.787  1.00 71.47  ? 455 ASP A CA    1 
ATOM   824  C C     . ASP A 1 106 ? -2.680  9.414   11.088  1.00 68.08  ? 455 ASP A C     1 
ATOM   825  O O     . ASP A 1 106 ? -1.980  8.751   11.834  1.00 62.85  ? 455 ASP A O     1 
ATOM   826  C CB    . ASP A 1 106 ? -4.816  8.736   12.107  1.00 74.90  ? 455 ASP A CB    1 
ATOM   827  C CG    . ASP A 1 106 ? -5.110  10.022  12.830  1.00 79.47  ? 455 ASP A CG    1 
ATOM   828  O OD1   . ASP A 1 106 ? -4.294  10.976  12.694  1.00 74.41  ? 455 ASP A OD1   1 
ATOM   829  O OD2   . ASP A 1 106 ? -6.147  10.085  13.522  1.00 72.17  ? 455 ASP A OD2   1 
ATOM   830  N N     . LYS A 1 107 ? -2.268  10.558  10.541  1.00 61.94  ? 456 LYS A N     1 
ATOM   831  C CA    . LYS A 1 107 ? -0.909  11.079  10.724  1.00 64.73  ? 456 LYS A CA    1 
ATOM   832  C C     . LYS A 1 107 ? -0.471  11.598  12.112  1.00 74.72  ? 456 LYS A C     1 
ATOM   833  O O     . LYS A 1 107 ? 0.679   11.421  12.481  1.00 73.41  ? 456 LYS A O     1 
ATOM   834  C CB    . LYS A 1 107 ? -0.624  12.165  9.661   1.00 59.37  ? 456 LYS A CB    1 
ATOM   835  C CG    . LYS A 1 107 ? -1.011  11.853  8.234   1.00 47.58  ? 456 LYS A CG    1 
ATOM   836  C CD    . LYS A 1 107 ? -0.663  13.045  7.335   1.00 56.78  ? 456 LYS A CD    1 
ATOM   837  C CE    . LYS A 1 107 ? -1.162  12.876  5.907   1.00 65.20  ? 456 LYS A CE    1 
ATOM   838  N NZ    . LYS A 1 107 ? -2.666  12.772  5.813   1.00 43.75  ? 456 LYS A NZ    1 
ATOM   839  N N     . GLU A 1 108 ? -1.366  12.242  12.866  1.00 85.31  ? 457 GLU A N     1 
ATOM   840  C CA    . GLU A 1 108 ? -0.972  12.735  14.197  1.00 96.24  ? 457 GLU A CA    1 
ATOM   841  C C     . GLU A 1 108 ? -0.839  11.628  15.190  1.00 95.35  ? 457 GLU A C     1 
ATOM   842  O O     . GLU A 1 108 ? -0.074  11.704  16.141  1.00 95.16  ? 457 GLU A O     1 
ATOM   843  C CB    . GLU A 1 108 ? -1.979  13.721  14.783  1.00 104.78 ? 457 GLU A CB    1 
ATOM   844  C CG    . GLU A 1 108 ? -1.614  14.445  16.114  1.00 114.13 ? 457 GLU A CG    1 
ATOM   845  C CD    . GLU A 1 108 ? -0.232  15.123  16.156  1.00 112.36 ? 457 GLU A CD    1 
ATOM   846  O OE1   . GLU A 1 108 ? 0.318   15.212  17.275  1.00 106.03 ? 457 GLU A OE1   1 
ATOM   847  O OE2   . GLU A 1 108 ? 0.305   15.577  15.112  1.00 108.08 ? 457 GLU A OE2   1 
ATOM   848  N N     . LYS A 1 109 ? -1.643  10.585  14.982  1.00 95.11  ? 458 LYS A N     1 
ATOM   849  C CA    . LYS A 1 109 ? -1.646  9.397   15.845  1.00 90.97  ? 458 LYS A CA    1 
ATOM   850  C C     . LYS A 1 109 ? -0.315  8.697   15.732  1.00 89.22  ? 458 LYS A C     1 
ATOM   851  O O     . LYS A 1 109 ? 0.178   8.101   16.706  1.00 89.50  ? 458 LYS A O     1 
ATOM   852  C CB    . LYS A 1 109 ? -2.742  8.355   15.478  1.00 83.22  ? 458 LYS A CB    1 
ATOM   853  C CG    . LYS A 1 109 ? -2.398  7.007   16.094  1.00 80.60  ? 458 LYS A CG    1 
ATOM   854  C CD    . LYS A 1 109 ? -3.493  5.943   16.182  1.00 85.84  ? 458 LYS A CD    1 
ATOM   855  C CE    . LYS A 1 109 ? -2.957  4.709   16.971  1.00 88.46  ? 458 LYS A CE    1 
ATOM   856  N NZ    . LYS A 1 109 ? -3.951  3.635   17.227  1.00 72.07  ? 458 LYS A NZ    1 
ATOM   857  N N     . ILE A 1 110 ? 0.247   8.744   14.526  1.00 91.64  ? 459 ILE A N     1 
ATOM   858  C CA    . ILE A 1 110 ? 1.545   8.127   14.268  1.00 88.73  ? 459 ILE A CA    1 
ATOM   859  C C     . ILE A 1 110 ? 2.533   8.849   15.173  1.00 91.86  ? 459 ILE A C     1 
ATOM   860  O O     . ILE A 1 110 ? 3.270   8.224   15.929  1.00 94.01  ? 459 ILE A O     1 
ATOM   861  C CB    . ILE A 1 110 ? 1.961   8.274   12.756  1.00 80.25  ? 459 ILE A CB    1 
ATOM   862  C CG1   . ILE A 1 110 ? 1.788   6.946   12.021  1.00 68.61  ? 459 ILE A CG1   1 
ATOM   863  C CG2   . ILE A 1 110 ? 3.383   8.751   12.634  1.00 80.80  ? 459 ILE A CG2   1 
ATOM   864  C CD1   . ILE A 1 110 ? 0.364   6.547   11.828  1.00 74.36  ? 459 ILE A CD1   1 
ATOM   865  N N     . ILE A 1 111 ? 2.523   10.175  15.104  1.00 94.58  ? 460 ILE A N     1 
ATOM   866  C CA    . ILE A 1 111 ? 3.404   10.970  15.935  1.00 95.46  ? 460 ILE A CA    1 
ATOM   867  C C     . ILE A 1 111 ? 3.218   10.542  17.393  1.00 97.94  ? 460 ILE A C     1 
ATOM   868  O O     . ILE A 1 111 ? 4.184   10.456  18.148  1.00 97.99  ? 460 ILE A O     1 
ATOM   869  C CB    . ILE A 1 111 ? 3.109   12.486  15.770  1.00 90.18  ? 460 ILE A CB    1 
ATOM   870  C CG1   . ILE A 1 111 ? 3.546   12.954  14.376  1.00 79.05  ? 460 ILE A CG1   1 
ATOM   871  C CG2   . ILE A 1 111 ? 3.820   13.277  16.845  1.00 101.29 ? 460 ILE A CG2   1 
ATOM   872  C CD1   . ILE A 1 111 ? 3.482   14.448  14.165  1.00 77.82  ? 460 ILE A CD1   1 
ATOM   873  N N     . ARG A 1 112 ? 1.977   10.240  17.771  1.00 101.97 ? 461 ARG A N     1 
ATOM   874  C CA    . ARG A 1 112 ? 1.678   9.821   19.135  1.00 102.69 ? 461 ARG A CA    1 
ATOM   875  C C     . ARG A 1 112 ? 2.420   8.545   19.496  1.00 105.03 ? 461 ARG A C     1 
ATOM   876  O O     . ARG A 1 112 ? 2.792   8.350   20.648  1.00 108.38 ? 461 ARG A O     1 
ATOM   877  C CB    . ARG A 1 112 ? 0.174   9.624   19.323  1.00 99.31  ? 461 ARG A CB    1 
ATOM   878  C CG    . ARG A 1 112 ? -0.391  10.359  20.536  1.00 101.26 ? 461 ARG A CG    1 
ATOM   879  C CD    . ARG A 1 112 ? -1.898  10.254  20.590  1.00 104.57 ? 461 ARG A CD    1 
ATOM   880  N NE    . ARG A 1 112 ? -2.529  10.935  19.464  1.00 111.52 ? 461 ARG A NE    1 
ATOM   881  C CZ    . ARG A 1 112 ? -3.769  10.693  19.048  1.00 117.72 ? 461 ARG A CZ    1 
ATOM   882  N NH1   . ARG A 1 112 ? -4.507  9.784   19.669  1.00 126.70 ? 461 ARG A NH1   1 
ATOM   883  N NH2   . ARG A 1 112 ? -4.266  11.359  18.017  1.00 121.97 ? 461 ARG A NH2   1 
ATOM   884  N N     . LYS A 1 113 ? 2.633   7.671   18.521  1.00 110.45 ? 462 LYS A N     1 
ATOM   885  C CA    . LYS A 1 113 ? 3.369   6.443   18.787  1.00 114.52 ? 462 LYS A CA    1 
ATOM   886  C C     . LYS A 1 113 ? 4.852   6.613   18.446  1.00 114.72 ? 462 LYS A C     1 
ATOM   887  O O     . LYS A 1 113 ? 5.708   6.069   19.132  1.00 121.06 ? 462 LYS A O     1 
ATOM   888  C CB    . LYS A 1 113 ? 2.778   5.265   18.002  1.00 118.75 ? 462 LYS A CB    1 
ATOM   889  C CG    . LYS A 1 113 ? 1.539   4.630   18.641  1.00 116.03 ? 462 LYS A CG    1 
ATOM   890  C CD    . LYS A 1 113 ? 1.202   3.296   17.963  1.00 123.30 ? 462 LYS A CD    1 
ATOM   891  C CE    . LYS A 1 113 ? 0.074   2.546   18.664  1.00 123.69 ? 462 LYS A CE    1 
ATOM   892  N NZ    . LYS A 1 113 ? -0.225  1.231   18.015  1.00 113.50 ? 462 LYS A NZ    1 
ATOM   893  N N     . ALA A 1 114 ? 5.152   7.380   17.398  1.00 111.02 ? 463 ALA A N     1 
ATOM   894  C CA    . ALA A 1 114 ? 6.541   7.612   16.990  1.00 108.73 ? 463 ALA A CA    1 
ATOM   895  C C     . ALA A 1 114 ? 7.231   8.474   18.023  1.00 110.56 ? 463 ALA A C     1 
ATOM   896  O O     . ALA A 1 114 ? 8.458   8.451   18.151  1.00 107.85 ? 463 ALA A O     1 
ATOM   897  C CB    . ALA A 1 114 ? 6.593   8.296   15.640  1.00 107.58 ? 463 ALA A CB    1 
ATOM   898  N N     . ILE A 1 115 ? 6.423   9.241   18.751  1.00 116.93 ? 464 ILE A N     1 
ATOM   899  C CA    . ILE A 1 115 ? 6.919   10.111  19.805  1.00 120.31 ? 464 ILE A CA    1 
ATOM   900  C C     . ILE A 1 115 ? 6.943   9.346   21.125  1.00 116.27 ? 464 ILE A C     1 
ATOM   901  O O     . ILE A 1 115 ? 7.856   9.512   21.924  1.00 113.49 ? 464 ILE A O     1 
ATOM   902  C CB    . ILE A 1 115 ? 6.032   11.380  19.933  1.00 125.12 ? 464 ILE A CB    1 
ATOM   903  C CG1   . ILE A 1 115 ? 6.564   12.464  18.998  1.00 132.30 ? 464 ILE A CG1   1 
ATOM   904  C CG2   . ILE A 1 115 ? 5.991   11.870  21.366  1.00 127.80 ? 464 ILE A CG2   1 
ATOM   905  C CD1   . ILE A 1 115 ? 7.969   12.852  19.294  1.00 126.62 ? 464 ILE A CD1   1 
ATOM   906  N N     . GLU A 1 116 ? 5.946   8.495   21.339  1.00 118.32 ? 465 GLU A N     1 
ATOM   907  C CA    . GLU A 1 116 ? 5.869   7.692   22.554  1.00 120.91 ? 465 GLU A CA    1 
ATOM   908  C C     . GLU A 1 116 ? 6.979   6.585   22.560  1.00 120.88 ? 465 GLU A C     1 
ATOM   909  O O     . GLU A 1 116 ? 6.851   5.641   23.294  1.00 121.11 ? 465 GLU A O     1 
ATOM   910  C CB    . GLU A 1 116 ? 4.502   6.987   22.637  1.00 120.00 ? 465 GLU A CB    1 
ATOM   911  C CG    . GLU A 1 116 ? 3.468   7.759   23.411  1.00 128.33 ? 465 GLU A CG    1 
ATOM   912  C CD    . GLU A 1 116 ? 2.071   7.227   23.201  1.00 132.43 ? 465 GLU A CD    1 
ATOM   913  O OE1   . GLU A 1 116 ? 1.779   6.109   23.676  1.00 137.79 ? 465 GLU A OE1   1 
ATOM   914  O OE2   . GLU A 1 116 ? 1.265   7.931   22.555  1.00 134.70 ? 465 GLU A OE2   1 
ATOM   915  N N     . LYS A 1 117 ? 8.011   6.836   21.746  1.00 116.65 ? 466 LYS A N     1 
ATOM   916  C CA    . LYS A 1 117 ? 9.127   5.976   21.535  1.00 116.16 ? 466 LYS A CA    1 
ATOM   917  C C     . LYS A 1 117 ? 10.408  6.686   21.105  1.00 119.51 ? 466 LYS A C     1 
ATOM   918  O O     . LYS A 1 117 ? 11.414  6.118   20.913  1.00 119.70 ? 466 LYS A O     1 
ATOM   919  C CB    . LYS A 1 117 ? 8.775   4.875   20.524  1.00 116.00 ? 466 LYS A CB    1 
ATOM   920  C CG    . LYS A 1 117 ? 7.821   3.860   20.944  1.00 112.66 ? 466 LYS A CG    1 
ATOM   921  C CD    . LYS A 1 117 ? 7.469   2.882   19.902  1.00 105.39 ? 466 LYS A CD    1 
ATOM   922  C CE    . LYS A 1 117 ? 6.552   1.831   20.370  1.00 106.69 ? 466 LYS A CE    1 
ATOM   923  N NZ    . LYS A 1 117 ? 6.148   1.025   19.286  1.00 110.70 ? 466 LYS A NZ    1 
ATOM   924  N N     . GLY A 1 118 ? 10.227  7.906   20.849  1.00 121.53 ? 467 GLY A N     1 
ATOM   925  C CA    . GLY A 1 118 ? 11.356  8.807   20.482  1.00 125.34 ? 467 GLY A CA    1 
ATOM   926  C C     . GLY A 1 118 ? 12.169  9.006   19.227  1.00 124.00 ? 467 GLY A C     1 
ATOM   927  O O     . GLY A 1 118 ? 13.342  9.400   19.364  1.00 122.71 ? 467 GLY A O     1 
ATOM   928  N N     . LEU A 1 119 ? 11.684  8.695   18.022  1.00 123.39 ? 468 LEU A N     1 
ATOM   929  C CA    . LEU A 1 119 ? 12.475  8.858   16.792  1.00 124.51 ? 468 LEU A CA    1 
ATOM   930  C C     . LEU A 1 119 ? 12.436  10.340  16.349  1.00 128.04 ? 468 LEU A C     1 
ATOM   931  O O     . LEU A 1 119 ? 13.112  10.765  15.392  1.00 128.43 ? 468 LEU A O     1 
ATOM   932  C CB    . LEU A 1 119 ? 11.900  7.983   15.683  1.00 122.55 ? 468 LEU A CB    1 
ATOM   933  C CG    . LEU A 1 119 ? 12.661  6.822   15.044  1.00 126.51 ? 468 LEU A CG    1 
ATOM   934  C CD1   . LEU A 1 119 ? 14.000  6.545   15.727  1.00 127.85 ? 468 LEU A CD1   1 
ATOM   935  C CD2   . LEU A 1 119 ? 11.765  5.595   15.091  1.00 130.27 ? 468 LEU A CD2   1 
ATOM   936  N N     . ILE A 1 120 ? 11.630  11.110  17.085  1.00 131.78 ? 469 ILE A N     1 
ATOM   937  C CA    . ILE A 1 120 ? 11.395  12.545  16.871  1.00 132.40 ? 469 ILE A CA    1 
ATOM   938  C C     . ILE A 1 120 ? 10.907  13.190  18.170  1.00 136.27 ? 469 ILE A C     1 
ATOM   939  O O     . ILE A 1 120 ? 10.430  12.504  19.067  1.00 134.72 ? 469 ILE A O     1 
ATOM   940  C CB    . ILE A 1 120 ? 10.295  12.763  15.826  1.00 130.71 ? 469 ILE A CB    1 
ATOM   941  C CG1   . ILE A 1 120 ? 10.764  13.795  14.827  1.00 127.87 ? 469 ILE A CG1   1 
ATOM   942  C CG2   . ILE A 1 120 ? 9.003   13.259  16.486  1.00 129.66 ? 469 ILE A CG2   1 
ATOM   943  C CD1   . ILE A 1 120 ? 9.914   13.830  13.620  1.00 130.67 ? 469 ILE A CD1   1 
ATOM   944  N N     . ASP A 1 121 ? 11.030  14.505  18.275  1.00 141.14 ? 470 ASP A N     1 
ATOM   945  C CA    . ASP A 1 121 ? 10.531  15.166  19.465  1.00 148.28 ? 470 ASP A CA    1 
ATOM   946  C C     . ASP A 1 121 ? 9.362   16.074  19.104  1.00 147.63 ? 470 ASP A C     1 
ATOM   947  O O     . ASP A 1 121 ? 8.944   16.132  17.944  1.00 146.58 ? 470 ASP A O     1 
ATOM   948  C CB    . ASP A 1 121 ? 11.647  15.936  20.180  1.00 157.28 ? 470 ASP A CB    1 
ATOM   949  C CG    . ASP A 1 121 ? 11.950  15.362  21.554  1.00 164.69 ? 470 ASP A CG    1 
ATOM   950  O OD1   . ASP A 1 121 ? 12.772  15.947  22.289  1.00 169.70 ? 470 ASP A OD1   1 
ATOM   951  O OD2   . ASP A 1 121 ? 11.357  14.319  21.898  1.00 168.07 ? 470 ASP A OD2   1 
ATOM   952  N N     . GLU A 1 122 ? 8.821   16.754  20.107  1.00 148.24 ? 471 GLU A N     1 
ATOM   953  C CA    . GLU A 1 122 ? 7.683   17.637  19.898  1.00 152.79 ? 471 GLU A CA    1 
ATOM   954  C C     . GLU A 1 122 ? 8.039   18.541  18.755  1.00 153.16 ? 471 GLU A C     1 
ATOM   955  O O     . GLU A 1 122 ? 7.488   18.462  17.650  1.00 157.04 ? 471 GLU A O     1 
ATOM   956  C CB    . GLU A 1 122 ? 7.452   18.470  21.146  1.00 157.51 ? 471 GLU A CB    1 
ATOM   957  C CG    . GLU A 1 122 ? 7.782   17.674  22.394  1.00 166.83 ? 471 GLU A CG    1 
ATOM   958  C CD    . GLU A 1 122 ? 7.104   18.194  23.630  1.00 173.56 ? 471 GLU A CD    1 
ATOM   959  O OE1   . GLU A 1 122 ? 7.279   19.388  23.949  1.00 176.54 ? 471 GLU A OE1   1 
ATOM   960  O OE2   . GLU A 1 122 ? 6.404   17.399  24.288  1.00 180.17 ? 471 GLU A OE2   1 
ATOM   961  N N     . SER A 1 123 ? 9.019   19.377  19.022  1.00 152.00 ? 472 SER A N     1 
ATOM   962  C CA    . SER A 1 123 ? 9.481   20.315  18.046  1.00 151.21 ? 472 SER A CA    1 
ATOM   963  C C     . SER A 1 123 ? 9.690   19.781  16.612  1.00 144.03 ? 472 SER A C     1 
ATOM   964  O O     . SER A 1 123 ? 9.127   20.371  15.705  1.00 140.52 ? 472 SER A O     1 
ATOM   965  C CB    . SER A 1 123 ? 10.724  21.036  18.601  1.00 157.99 ? 472 SER A CB    1 
ATOM   966  O OG    . SER A 1 123 ? 11.332  20.281  19.628  1.00 160.38 ? 472 SER A OG    1 
ATOM   967  N N     . LYS A 1 124 ? 10.441  18.707  16.356  1.00 135.29 ? 473 LYS A N     1 
ATOM   968  C CA    . LYS A 1 124 ? 10.598  18.341  14.928  1.00 125.32 ? 473 LYS A CA    1 
ATOM   969  C C     . LYS A 1 124 ? 9.274   18.322  14.171  1.00 113.03 ? 473 LYS A C     1 
ATOM   970  O O     . LYS A 1 124 ? 9.075   19.059  13.193  1.00 107.03 ? 473 LYS A O     1 
ATOM   971  C CB    . LYS A 1 124 ? 11.279  16.986  14.734  1.00 130.65 ? 473 LYS A CB    1 
ATOM   972  C CG    . LYS A 1 124 ? 12.318  17.004  13.619  1.00 136.95 ? 473 LYS A CG    1 
ATOM   973  C CD    . LYS A 1 124 ? 13.512  17.863  14.038  1.00 150.02 ? 473 LYS A CD    1 
ATOM   974  C CE    . LYS A 1 124 ? 14.616  17.865  12.989  1.00 155.29 ? 473 LYS A CE    1 
ATOM   975  N NZ    . LYS A 1 124 ? 15.775  18.705  13.414  1.00 159.94 ? 473 LYS A NZ    1 
ATOM   976  N N     . ALA A 1 125 ? 8.394   17.457  14.664  1.00 102.61 ? 474 ALA A N     1 
ATOM   977  C CA    . ALA A 1 125 ? 7.036   17.238  14.184  1.00 92.53  ? 474 ALA A CA    1 
ATOM   978  C C     . ALA A 1 125 ? 6.445   18.321  13.284  1.00 90.29  ? 474 ALA A C     1 
ATOM   979  O O     . ALA A 1 125 ? 5.770   18.013  12.307  1.00 104.43 ? 474 ALA A O     1 
ATOM   980  C CB    . ALA A 1 125 ? 6.136   17.037  15.395  1.00 82.12  ? 474 ALA A CB    1 
ATOM   981  N N     . ALA A 1 126 ? 6.685   19.579  13.629  1.00 80.72  ? 475 ALA A N     1 
ATOM   982  C CA    . ALA A 1 126 ? 6.154   20.689  12.874  1.00 70.25  ? 475 ALA A CA    1 
ATOM   983  C C     . ALA A 1 126 ? 6.907   20.969  11.588  1.00 70.15  ? 475 ALA A C     1 
ATOM   984  O O     . ALA A 1 126 ? 6.724   22.015  10.946  1.00 44.02  ? 475 ALA A O     1 
ATOM   985  C CB    . ALA A 1 126 ? 6.130   21.917  13.736  1.00 71.72  ? 475 ALA A CB    1 
ATOM   986  N N     . THR A 1 127 ? 7.768   20.036  11.203  1.00 85.29  ? 476 THR A N     1 
ATOM   987  C CA    . THR A 1 127 ? 8.534   20.198  9.963   1.00 100.33 ? 476 THR A CA    1 
ATOM   988  C C     . THR A 1 127 ? 8.389   18.968  9.081   1.00 102.55 ? 476 THR A C     1 
ATOM   989  O O     . THR A 1 127 ? 8.947   18.904  7.985   1.00 103.83 ? 476 THR A O     1 
ATOM   990  C CB    . THR A 1 127 ? 10.035  20.432  10.213  1.00 103.01 ? 476 THR A CB    1 
ATOM   991  O OG1   . THR A 1 127 ? 10.202  21.447  11.207  1.00 110.40 ? 476 THR A OG1   1 
ATOM   992  C CG2   . THR A 1 127 ? 10.714  20.895  8.923   1.00 99.82  ? 476 THR A CG2   1 
ATOM   993  N N     . LEU A 1 128 ? 7.629   17.992  9.572   1.00 100.17 ? 477 LEU A N     1 
ATOM   994  C CA    . LEU A 1 128 ? 7.376   16.764  8.830   1.00 95.86  ? 477 LEU A CA    1 
ATOM   995  C C     . LEU A 1 128 ? 6.221   16.939  7.852   1.00 97.42  ? 477 LEU A C     1 
ATOM   996  O O     . LEU A 1 128 ? 5.060   16.970  8.255   1.00 102.46 ? 477 LEU A O     1 
ATOM   997  C CB    . LEU A 1 128 ? 7.045   15.621  9.789   1.00 80.54  ? 477 LEU A CB    1 
ATOM   998  C CG    . LEU A 1 128 ? 8.197   15.080  10.627  1.00 71.30  ? 477 LEU A CG    1 
ATOM   999  C CD1   . LEU A 1 128 ? 7.630   14.150  11.681  1.00 67.57  ? 477 LEU A CD1   1 
ATOM   1000 C CD2   . LEU A 1 128 ? 9.199   14.345  9.733   1.00 62.60  ? 477 LEU A CD2   1 
ATOM   1001 N N     . SER A 1 129 ? 6.545   17.065  6.568   1.00 94.32  ? 478 SER A N     1 
ATOM   1002 C CA    . SER A 1 129 ? 5.519   17.196  5.540   1.00 87.15  ? 478 SER A CA    1 
ATOM   1003 C C     . SER A 1 129 ? 4.683   15.914  5.629   1.00 79.37  ? 478 SER A C     1 
ATOM   1004 O O     . SER A 1 129 ? 5.195   14.855  6.014   1.00 69.33  ? 478 SER A O     1 
ATOM   1005 C CB    . SER A 1 129 ? 6.160   17.297  4.153   1.00 95.81  ? 478 SER A CB    1 
ATOM   1006 O OG    . SER A 1 129 ? 6.803   16.076  3.799   1.00 101.83 ? 478 SER A OG    1 
ATOM   1007 N N     . ASP A 1 130 ? 3.402   16.006  5.287   1.00 77.72  ? 479 ASP A N     1 
ATOM   1008 C CA    . ASP A 1 130 ? 2.535   14.839  5.358   1.00 75.06  ? 479 ASP A CA    1 
ATOM   1009 C C     . ASP A 1 130 ? 3.237   13.581  4.843   1.00 67.91  ? 479 ASP A C     1 
ATOM   1010 O O     . ASP A 1 130 ? 3.022   12.475  5.359   1.00 55.91  ? 479 ASP A O     1 
ATOM   1011 C CB    . ASP A 1 130 ? 1.245   15.087  4.569   1.00 83.03  ? 479 ASP A CB    1 
ATOM   1012 C CG    . ASP A 1 130 ? 0.434   16.253  5.126   1.00 81.84  ? 479 ASP A CG    1 
ATOM   1013 O OD1   . ASP A 1 130 ? 0.342   16.361  6.374   1.00 76.97  ? 479 ASP A OD1   1 
ATOM   1014 O OD2   . ASP A 1 130 ? -0.111  17.048  4.322   1.00 80.05  ? 479 ASP A OD2   1 
ATOM   1015 N N     . GLN A 1 131 ? 4.069   13.747  3.817   1.00 61.57  ? 480 GLN A N     1 
ATOM   1016 C CA    . GLN A 1 131 ? 4.789   12.622  3.254   1.00 59.64  ? 480 GLN A CA    1 
ATOM   1017 C C     . GLN A 1 131 ? 5.679   12.033  4.313   1.00 63.20  ? 480 GLN A C     1 
ATOM   1018 O O     . GLN A 1 131 ? 5.499   10.887  4.709   1.00 68.46  ? 480 GLN A O     1 
ATOM   1019 C CB    . GLN A 1 131 ? 5.663   13.051  2.097   1.00 64.30  ? 480 GLN A CB    1 
ATOM   1020 C CG    . GLN A 1 131 ? 6.497   11.896  1.546   1.00 84.05  ? 480 GLN A CG    1 
ATOM   1021 C CD    . GLN A 1 131 ? 5.635   10.788  0.955   1.00 92.64  ? 480 GLN A CD    1 
ATOM   1022 O OE1   . GLN A 1 131 ? 5.054   10.948  -0.127  1.00 91.53  ? 480 GLN A OE1   1 
ATOM   1023 N NE2   . GLN A 1 131 ? 5.539   9.661   1.671   1.00 82.42  ? 480 GLN A NE2   1 
ATOM   1024 N N     . GLU A 1 132 ? 6.646   12.827  4.770   1.00 66.70  ? 481 GLU A N     1 
ATOM   1025 C CA    . GLU A 1 132 ? 7.588   12.394  5.808   1.00 64.81  ? 481 GLU A CA    1 
ATOM   1026 C C     . GLU A 1 132 ? 6.900   11.795  7.041   1.00 59.25  ? 481 GLU A C     1 
ATOM   1027 O O     . GLU A 1 132 ? 7.415   10.870  7.647   1.00 54.30  ? 481 GLU A O     1 
ATOM   1028 C CB    . GLU A 1 132 ? 8.447   13.581  6.263   1.00 67.99  ? 481 GLU A CB    1 
ATOM   1029 C CG    . GLU A 1 132 ? 9.189   14.305  5.155   1.00 82.76  ? 481 GLU A CG    1 
ATOM   1030 C CD    . GLU A 1 132 ? 10.059  15.421  5.703   1.00 97.25  ? 481 GLU A CD    1 
ATOM   1031 O OE1   . GLU A 1 132 ? 10.896  15.149  6.597   1.00 99.19  ? 481 GLU A OE1   1 
ATOM   1032 O OE2   . GLU A 1 132 ? 9.912   16.573  5.241   1.00 112.05 ? 481 GLU A OE2   1 
ATOM   1033 N N     . ILE A 1 133 ? 5.749   12.333  7.429   1.00 56.70  ? 482 ILE A N     1 
ATOM   1034 C CA    . ILE A 1 133 ? 5.069   11.822  8.614   1.00 51.49  ? 482 ILE A CA    1 
ATOM   1035 C C     . ILE A 1 133 ? 4.608   10.403  8.377   1.00 53.79  ? 482 ILE A C     1 
ATOM   1036 O O     . ILE A 1 133 ? 4.463   9.611   9.327   1.00 45.01  ? 482 ILE A O     1 
ATOM   1037 C CB    . ILE A 1 133 ? 3.820   12.682  9.002   1.00 54.40  ? 482 ILE A CB    1 
ATOM   1038 C CG1   . ILE A 1 133 ? 4.206   14.158  9.165   1.00 52.26  ? 482 ILE A CG1   1 
ATOM   1039 C CG2   . ILE A 1 133 ? 3.216   12.142  10.286  1.00 46.07  ? 482 ILE A CG2   1 
ATOM   1040 C CD1   . ILE A 1 133 ? 3.046   15.065  9.572   1.00 40.19  ? 482 ILE A CD1   1 
ATOM   1041 N N     . LEU A 1 134 ? 4.352   10.079  7.109   1.00 60.31  ? 483 LEU A N     1 
ATOM   1042 C CA    . LEU A 1 134 ? 3.880   8.735   6.774   1.00 61.99  ? 483 LEU A CA    1 
ATOM   1043 C C     . LEU A 1 134 ? 5.020   7.783   6.494   1.00 64.37  ? 483 LEU A C     1 
ATOM   1044 O O     . LEU A 1 134 ? 4.945   6.602   6.895   1.00 63.42  ? 483 LEU A O     1 
ATOM   1045 C CB    . LEU A 1 134 ? 2.907   8.754   5.584   1.00 49.49  ? 483 LEU A CB    1 
ATOM   1046 C CG    . LEU A 1 134 ? 1.419   8.959   5.971   1.00 51.25  ? 483 LEU A CG    1 
ATOM   1047 C CD1   . LEU A 1 134 ? 0.555   9.067   4.699   1.00 45.40  ? 483 LEU A CD1   1 
ATOM   1048 C CD2   . LEU A 1 134 ? 0.922   7.798   6.808   1.00 22.24  ? 483 LEU A CD2   1 
ATOM   1049 N N     . ASN A 1 135 ? 6.078   8.290   5.842   1.00 67.86  ? 484 ASN A N     1 
ATOM   1050 C CA    . ASN A 1 135 ? 7.238   7.452   5.540   1.00 69.91  ? 484 ASN A CA    1 
ATOM   1051 C C     . ASN A 1 135 ? 7.651   6.666   6.772   1.00 75.92  ? 484 ASN A C     1 
ATOM   1052 O O     . ASN A 1 135 ? 8.377   5.688   6.673   1.00 81.48  ? 484 ASN A O     1 
ATOM   1053 C CB    . ASN A 1 135 ? 8.418   8.290   5.084   1.00 62.72  ? 484 ASN A CB    1 
ATOM   1054 C CG    . ASN A 1 135 ? 8.475   8.456   3.582   1.00 69.00  ? 484 ASN A CG    1 
ATOM   1055 O OD1   . ASN A 1 135 ? 8.514   7.475   2.836   1.00 80.75  ? 484 ASN A OD1   1 
ATOM   1056 N ND2   . ASN A 1 135 ? 8.504   9.708   3.124   1.00 43.74  ? 484 ASN A ND2   1 
ATOM   1057 N N     . PHE A 1 136 ? 7.166   7.089   7.931   1.00 83.08  ? 485 PHE A N     1 
ATOM   1058 C CA    . PHE A 1 136 ? 7.483   6.419   9.172   1.00 89.53  ? 485 PHE A CA    1 
ATOM   1059 C C     . PHE A 1 136 ? 7.140   4.941   9.205   1.00 85.62  ? 485 PHE A C     1 
ATOM   1060 O O     . PHE A 1 136 ? 7.936   4.162   9.732   1.00 83.60  ? 485 PHE A O     1 
ATOM   1061 C CB    . PHE A 1 136 ? 6.827   7.148   10.349  1.00 110.02 ? 485 PHE A CB    1 
ATOM   1062 C CG    . PHE A 1 136 ? 7.705   8.203   10.968  1.00 133.79 ? 485 PHE A CG    1 
ATOM   1063 C CD1   . PHE A 1 136 ? 7.222   9.030   11.972  1.00 144.24 ? 485 PHE A CD1   1 
ATOM   1064 C CD2   . PHE A 1 136 ? 9.025   8.363   10.545  1.00 142.53 ? 485 PHE A CD2   1 
ATOM   1065 C CE1   . PHE A 1 136 ? 8.038   10.005  12.547  1.00 151.95 ? 485 PHE A CE1   1 
ATOM   1066 C CE2   . PHE A 1 136 ? 9.846   9.331   11.111  1.00 150.70 ? 485 PHE A CE2   1 
ATOM   1067 C CZ    . PHE A 1 136 ? 9.350   10.153  12.116  1.00 153.57 ? 485 PHE A CZ    1 
ATOM   1068 N N     . LEU A 1 137 ? 5.997   4.524   8.664   1.00 82.61  ? 486 LEU A N     1 
ATOM   1069 C CA    . LEU A 1 137 ? 5.697   3.096   8.722   1.00 90.38  ? 486 LEU A CA    1 
ATOM   1070 C C     . LEU A 1 137 ? 6.740   2.293   7.935   1.00 97.01  ? 486 LEU A C     1 
ATOM   1071 O O     . LEU A 1 137 ? 6.687   1.067   7.897   1.00 91.42  ? 486 LEU A O     1 
ATOM   1072 C CB    . LEU A 1 137 ? 4.305   2.786   8.173   1.00 94.56  ? 486 LEU A CB    1 
ATOM   1073 C CG    . LEU A 1 137 ? 3.095   3.692   8.381   1.00 90.69  ? 486 LEU A CG    1 
ATOM   1074 C CD1   . LEU A 1 137 ? 2.965   4.110   9.826   1.00 92.65  ? 486 LEU A CD1   1 
ATOM   1075 C CD2   . LEU A 1 137 ? 3.242   4.891   7.493   1.00 86.40  ? 486 LEU A CD2   1 
ATOM   1076 N N     . PHE A 1 138 ? 7.677   2.989   7.295   1.00 105.82 ? 487 PHE A N     1 
ATOM   1077 C CA    . PHE A 1 138 ? 8.728   2.316   6.533   1.00 120.14 ? 487 PHE A CA    1 
ATOM   1078 C C     . PHE A 1 138 ? 9.792   1.826   7.481   1.00 130.45 ? 487 PHE A C     1 
ATOM   1079 O O     . PHE A 1 138 ? 10.566  0.912   7.184   1.00 138.88 ? 487 PHE A O     1 
ATOM   1080 C CB    . PHE A 1 138 ? 9.346   3.256   5.511   1.00 116.79 ? 487 PHE A CB    1 
ATOM   1081 C CG    . PHE A 1 138 ? 8.530   3.385   4.276   1.00 117.60 ? 487 PHE A CG    1 
ATOM   1082 C CD1   . PHE A 1 138 ? 8.691   4.471   3.426   1.00 123.67 ? 487 PHE A CD1   1 
ATOM   1083 C CD2   . PHE A 1 138 ? 7.583   2.407   3.959   1.00 113.89 ? 487 PHE A CD2   1 
ATOM   1084 C CE1   . PHE A 1 138 ? 7.923   4.591   2.282   1.00 123.80 ? 487 PHE A CE1   1 
ATOM   1085 C CE2   . PHE A 1 138 ? 6.818   2.515   2.828   1.00 121.61 ? 487 PHE A CE2   1 
ATOM   1086 C CZ    . PHE A 1 138 ? 6.982   3.606   1.985   1.00 126.75 ? 487 PHE A CZ    1 
ATOM   1087 N N     . VAL A 1 139 ? 9.844   2.463   8.648   1.00 137.32 ? 488 VAL A N     1 
ATOM   1088 C CA    . VAL A 1 139 ? 10.812  2.092   9.661   1.00 137.37 ? 488 VAL A CA    1 
ATOM   1089 C C     . VAL A 1 139 ? 10.606  0.684   10.199  1.00 135.27 ? 488 VAL A C     1 
ATOM   1090 O O     . VAL A 1 139 ? 9.515   0.319   10.646  1.00 135.41 ? 488 VAL A O     1 
ATOM   1091 C CB    . VAL A 1 139 ? 10.761  3.041   10.864  1.00 138.39 ? 488 VAL A CB    1 
ATOM   1092 C CG1   . VAL A 1 139 ? 11.803  2.616   11.888  1.00 139.60 ? 488 VAL A CG1   1 
ATOM   1093 C CG2   . VAL A 1 139 ? 10.980  4.473   10.436  1.00 132.61 ? 488 VAL A CG2   1 
ATOM   1094 N N     . PRO A 1 140 ? 11.682  -0.124  10.113  1.00 131.05 ? 489 PRO A N     1 
ATOM   1095 C CA    . PRO A 1 140 ? 11.749  -1.516  10.557  1.00 127.45 ? 489 PRO A CA    1 
ATOM   1096 C C     . PRO A 1 140 ? 11.397  -1.466  12.035  1.00 124.64 ? 489 PRO A C     1 
ATOM   1097 O O     . PRO A 1 140 ? 12.041  -0.741  12.797  1.00 134.39 ? 489 PRO A O     1 
ATOM   1098 C CB    . PRO A 1 140 ? 13.220  -1.828  10.378  1.00 127.61 ? 489 PRO A CB    1 
ATOM   1099 C CG    . PRO A 1 140 ? 13.557  -1.122  9.128   1.00 127.34 ? 489 PRO A CG    1 
ATOM   1100 C CD    . PRO A 1 140 ? 12.790  0.194   9.213   1.00 129.83 ? 489 PRO A CD    1 
ATOM   1101 N N     . GLY A 1 141 ? 10.362  -2.182  12.477  1.00 109.37 ? 490 GLY A N     1 
ATOM   1102 C CA    . GLY A 1 141 ? 10.058  -2.112  13.894  1.00 98.47  ? 490 GLY A CA    1 
ATOM   1103 C C     . GLY A 1 141 ? 9.144   -0.993  14.300  1.00 99.73  ? 490 GLY A C     1 
ATOM   1104 O O     . GLY A 1 141 ? 8.821   -0.875  15.477  1.00 98.33  ? 490 GLY A O     1 
ATOM   1105 N N     . PHE A 1 142 ? 8.704   -0.194  13.329  1.00 103.05 ? 491 PHE A N     1 
ATOM   1106 C CA    . PHE A 1 142 ? 7.796   0.928   13.625  1.00 115.51 ? 491 PHE A CA    1 
ATOM   1107 C C     . PHE A 1 142 ? 6.458   0.545   14.335  1.00 123.42 ? 491 PHE A C     1 
ATOM   1108 O O     . PHE A 1 142 ? 6.175   1.120   15.389  1.00 130.38 ? 491 PHE A O     1 
ATOM   1109 C CB    . PHE A 1 142 ? 7.531   1.748   12.356  1.00 113.99 ? 491 PHE A CB    1 
ATOM   1110 C CG    . PHE A 1 142 ? 7.110   3.165   12.625  1.00 113.66 ? 491 PHE A CG    1 
ATOM   1111 C CD1   . PHE A 1 142 ? 8.027   4.215   12.579  1.00 113.35 ? 491 PHE A CD1   1 
ATOM   1112 C CD2   . PHE A 1 142 ? 5.798   3.442   12.971  1.00 110.76 ? 491 PHE A CD2   1 
ATOM   1113 C CE1   . PHE A 1 142 ? 7.627   5.518   12.886  1.00 109.65 ? 491 PHE A CE1   1 
ATOM   1114 C CE2   . PHE A 1 142 ? 5.400   4.727   13.276  1.00 103.63 ? 491 PHE A CE2   1 
ATOM   1115 C CZ    . PHE A 1 142 ? 6.312   5.765   13.236  1.00 105.37 ? 491 PHE A CZ    1 
ATOM   1116 N N     . SER A 1 143 ? 5.632   -0.367  13.813  1.00 122.76 ? 492 SER A N     1 
ATOM   1117 C CA    . SER A 1 143 ? 4.453   -0.696  14.631  1.00 123.59 ? 492 SER A CA    1 
ATOM   1118 C C     . SER A 1 143 ? 4.947   -1.551  15.835  1.00 124.56 ? 492 SER A C     1 
ATOM   1119 O O     . SER A 1 143 ? 5.353   -2.688  15.581  1.00 123.69 ? 492 SER A O     1 
ATOM   1120 C CB    . SER A 1 143 ? 3.421   -1.519  13.842  1.00 122.82 ? 492 SER A CB    1 
ATOM   1121 O OG    . SER A 1 143 ? 3.908   -2.846  13.608  1.00 131.47 ? 492 SER A OG    1 
ATOM   1122 N N     . THR A 1 144 ? 4.980   -1.045  17.081  1.00 128.40 ? 493 THR A N     1 
ATOM   1123 C CA    . THR A 1 144 ? 5.442   -1.909  18.147  1.00 138.03 ? 493 THR A CA    1 
ATOM   1124 C C     . THR A 1 144 ? 4.333   -2.595  18.864  1.00 145.20 ? 493 THR A C     1 
ATOM   1125 O O     . THR A 1 144 ? 4.352   -2.746  20.067  1.00 152.88 ? 493 THR A O     1 
ATOM   1126 C CB    . THR A 1 144 ? 6.320   -1.188  19.111  1.00 137.24 ? 493 THR A CB    1 
ATOM   1127 N N     . LYS A 1 145 ? 3.348   -3.026  18.083  1.00 147.78 ? 494 LYS A N     1 
ATOM   1128 C CA    . LYS A 1 145 ? 2.211   -3.747  18.646  1.00 153.17 ? 494 LYS A CA    1 
ATOM   1129 C C     . LYS A 1 145 ? 2.677   -5.188  18.798  1.00 161.61 ? 494 LYS A C     1 
ATOM   1130 O O     . LYS A 1 145 ? 2.716   -5.722  19.909  1.00 164.99 ? 494 LYS A O     1 
ATOM   1131 C CB    . LYS A 1 145 ? 1.024   -3.692  17.685  1.00 144.14 ? 494 LYS A CB    1 
ATOM   1132 C CG    . LYS A 1 145 ? -0.164  -4.467  18.182  1.00 143.11 ? 494 LYS A CG    1 
ATOM   1133 C CD    . LYS A 1 145 ? -0.924  -5.080  17.026  1.00 137.97 ? 494 LYS A CD    1 
ATOM   1134 C CE    . LYS A 1 145 ? -2.009  -6.023  17.520  1.00 133.93 ? 494 LYS A CE    1 
ATOM   1135 N NZ    . LYS A 1 145 ? -2.733  -6.639  16.374  1.00 134.68 ? 494 LYS A NZ    1 
ATOM   1136 N N     . GLU A 1 146 ? 3.042   -5.811  17.678  1.00 168.48 ? 495 GLU A N     1 
ATOM   1137 C CA    . GLU A 1 146 ? 3.540   -7.181  17.698  1.00 174.90 ? 495 GLU A CA    1 
ATOM   1138 C C     . GLU A 1 146 ? 4.952   -7.127  18.238  1.00 177.62 ? 495 GLU A C     1 
ATOM   1139 O O     . GLU A 1 146 ? 5.753   -6.315  17.772  1.00 182.59 ? 495 GLU A O     1 
ATOM   1140 C CB    . GLU A 1 146 ? 3.586   -7.774  16.291  1.00 176.31 ? 495 GLU A CB    1 
ATOM   1141 C CG    . GLU A 1 146 ? 2.262   -7.898  15.592  1.00 186.17 ? 495 GLU A CG    1 
ATOM   1142 C CD    . GLU A 1 146 ? 2.364   -8.791  14.376  1.00 193.00 ? 495 GLU A CD    1 
ATOM   1143 O OE1   . GLU A 1 146 ? 3.328   -8.623  13.599  1.00 194.97 ? 495 GLU A OE1   1 
ATOM   1144 O OE2   . GLU A 1 146 ? 1.482   -9.657  14.197  1.00 194.97 ? 495 GLU A OE2   1 
ATOM   1145 N N     . LYS A 1 147 ? 5.272   -7.983  19.206  1.00 177.74 ? 496 LYS A N     1 
ATOM   1146 C CA    . LYS A 1 147 ? 6.618   -7.964  19.761  1.00 176.42 ? 496 LYS A CA    1 
ATOM   1147 C C     . LYS A 1 147 ? 7.031   -9.062  20.747  1.00 174.21 ? 496 LYS A C     1 
ATOM   1148 O O     . LYS A 1 147 ? 8.076   -9.686  20.570  1.00 176.24 ? 496 LYS A O     1 
ATOM   1149 C CB    . LYS A 1 147 ? 6.886   -6.592  20.384  1.00 175.46 ? 496 LYS A CB    1 
ATOM   1150 N N     . VAL A 1 148 ? 6.220   -9.307  21.773  1.00 168.96 ? 497 VAL A N     1 
ATOM   1151 C CA    . VAL A 1 148 ? 6.576   -10.282 22.803  1.00 162.46 ? 497 VAL A CA    1 
ATOM   1152 C C     . VAL A 1 148 ? 6.357   -11.792 22.605  1.00 163.49 ? 497 VAL A C     1 
ATOM   1153 O O     . VAL A 1 148 ? 7.248   -12.578 22.911  1.00 163.63 ? 497 VAL A O     1 
ATOM   1154 C CB    . VAL A 1 148 ? 5.963   -9.848  24.156  1.00 159.52 ? 497 VAL A CB    1 
ATOM   1155 C CG1   . VAL A 1 148 ? 6.818   -8.747  24.779  1.00 149.73 ? 497 VAL A CG1   1 
ATOM   1156 C CG2   . VAL A 1 148 ? 4.548   -9.333  23.949  1.00 155.55 ? 497 VAL A CG2   1 
ATOM   1157 N N     . SER A 1 149 ? 5.194   -12.215 22.120  1.00 164.66 ? 498 SER A N     1 
ATOM   1158 C CA    . SER A 1 149 ? 4.946   -13.644 21.907  1.00 164.53 ? 498 SER A CA    1 
ATOM   1159 C C     . SER A 1 149 ? 3.946   -13.812 20.782  1.00 167.60 ? 498 SER A C     1 
ATOM   1160 O O     . SER A 1 149 ? 4.064   -14.722 19.955  1.00 169.16 ? 498 SER A O     1 
ATOM   1161 C CB    . SER A 1 149 ? 4.396   -14.301 23.169  1.00 160.61 ? 498 SER A CB    1 
ATOM   1162 O OG    . SER A 1 149 ? 4.339   -13.378 24.232  1.00 155.75 ? 498 SER A OG    1 
ATOM   1163 N N     . GLU A 1 150 ? 2.951   -12.926 20.764  1.00 168.23 ? 499 GLU A N     1 
ATOM   1164 C CA    . GLU A 1 150 ? 1.936   -12.939 19.721  1.00 167.16 ? 499 GLU A CA    1 
ATOM   1165 C C     . GLU A 1 150 ? 2.689   -12.593 18.450  1.00 166.99 ? 499 GLU A C     1 
ATOM   1166 O O     . GLU A 1 150 ? 2.092   -12.346 17.400  1.00 169.01 ? 499 GLU A O     1 
ATOM   1167 C CB    . GLU A 1 150 ? 0.840   -11.907 20.001  1.00 166.72 ? 499 GLU A CB    1 
ATOM   1168 C CG    . GLU A 1 150 ? 0.005   -12.218 21.233  1.00 171.04 ? 499 GLU A CG    1 
ATOM   1169 C CD    . GLU A 1 150 ? 0.801   -12.112 22.518  1.00 176.51 ? 499 GLU A CD    1 
ATOM   1170 O OE1   . GLU A 1 150 ? 1.252   -10.994 22.845  1.00 179.20 ? 499 GLU A OE1   1 
ATOM   1171 O OE2   . GLU A 1 150 ? 0.979   -13.145 23.200  1.00 183.55 ? 499 GLU A OE2   1 
ATOM   1172 N N     . VAL A 1 151 ? 4.012   -12.542 18.581  1.00 164.87 ? 500 VAL A N     1 
ATOM   1173 C CA    . VAL A 1 151 ? 4.897   -12.299 17.457  1.00 161.57 ? 500 VAL A CA    1 
ATOM   1174 C C     . VAL A 1 151 ? 4.800   -13.624 16.734  1.00 162.37 ? 500 VAL A C     1 
ATOM   1175 O O     . VAL A 1 151 ? 5.430   -14.600 17.143  1.00 162.08 ? 500 VAL A O     1 
ATOM   1176 C CB    . VAL A 1 151 ? 6.377   -12.110 17.885  1.00 158.47 ? 500 VAL A CB    1 
ATOM   1177 C CG1   . VAL A 1 151 ? 6.710   -10.639 17.987  1.00 158.18 ? 500 VAL A CG1   1 
ATOM   1178 C CG2   . VAL A 1 151 ? 6.637   -12.814 19.212  1.00 157.99 ? 500 VAL A CG2   1 
ATOM   1179 N N     . SER A 1 152 ? 3.975   -13.681 15.697  1.00 164.04 ? 501 SER A N     1 
ATOM   1180 C CA    . SER A 1 152 ? 3.831   -14.916 14.950  1.00 162.16 ? 501 SER A CA    1 
ATOM   1181 C C     . SER A 1 152 ? 5.063   -15.071 14.069  1.00 157.50 ? 501 SER A C     1 
ATOM   1182 O O     . SER A 1 152 ? 5.578   -14.097 13.522  1.00 159.88 ? 501 SER A O     1 
ATOM   1183 C CB    . SER A 1 152 ? 2.546   -14.909 14.112  1.00 166.82 ? 501 SER A CB    1 
ATOM   1184 O OG    . SER A 1 152 ? 2.511   -13.831 13.195  1.00 178.95 ? 501 SER A OG    1 
ATOM   1185 N N     . GLY A 1 153 ? 5.534   -16.308 13.958  1.00 152.77 ? 502 GLY A N     1 
ATOM   1186 C CA    . GLY A 1 153 ? 6.722   -16.614 13.173  1.00 143.21 ? 502 GLY A CA    1 
ATOM   1187 C C     . GLY A 1 153 ? 6.963   -15.802 11.893  1.00 135.73 ? 502 GLY A C     1 
ATOM   1188 O O     . GLY A 1 153 ? 8.145   -15.682 11.508  1.00 128.69 ? 502 GLY A O     1 
ATOM   1189 N N     . ARG A 1 154 ? 5.921   -15.275 11.259  1.00 135.26 ? 503 ARG A N     1 
ATOM   1190 C CA    . ARG A 1 154 ? 6.093   -14.533 10.024  1.00 137.53 ? 503 ARG A CA    1 
ATOM   1191 C C     . ARG A 1 154 ? 5.661   -13.072 10.083  1.00 138.93 ? 503 ARG A C     1 
ATOM   1192 O O     . ARG A 1 154 ? 5.537   -12.433 11.124  1.00 142.23 ? 503 ARG A O     1 
ATOM   1193 C CB    . ARG A 1 154 ? 5.385   -15.243 8.880   1.00 130.73 ? 503 ARG A CB    1 
ATOM   1194 N N     . GLY A 1 155 ? 5.431   -12.512 8.890   1.00 137.89 ? 504 GLY A N     1 
ATOM   1195 C CA    . GLY A 1 155 ? 5.025   -11.124 8.737   1.00 135.56 ? 504 GLY A CA    1 
ATOM   1196 C C     . GLY A 1 155 ? 5.869   -10.417 7.688   1.00 133.63 ? 504 GLY A C     1 
ATOM   1197 O O     . GLY A 1 155 ? 6.775   -11.016 7.114   1.00 134.24 ? 504 GLY A O     1 
ATOM   1198 N N     . VAL A 1 156 ? 5.563   -9.149  7.455   1.00 129.94 ? 505 VAL A N     1 
ATOM   1199 C CA    . VAL A 1 156 ? 6.295   -8.349  6.492   1.00 124.18 ? 505 VAL A CA    1 
ATOM   1200 C C     . VAL A 1 156 ? 6.210   -6.867  6.856   1.00 125.14 ? 505 VAL A C     1 
ATOM   1201 O O     . VAL A 1 156 ? 5.187   -6.211  6.640   1.00 125.16 ? 505 VAL A O     1 
ATOM   1202 C CB    . VAL A 1 156 ? 5.762   -8.597  5.055   1.00 119.55 ? 505 VAL A CB    1 
ATOM   1203 C CG1   . VAL A 1 156 ? 5.682   -7.303  4.277   1.00 119.42 ? 505 VAL A CG1   1 
ATOM   1204 C CG2   . VAL A 1 156 ? 6.678   -9.572  4.332   1.00 117.75 ? 505 VAL A CG2   1 
ATOM   1205 N N     . GLY A 1 157 ? 7.290   -6.356  7.440   1.00 125.43 ? 506 GLY A N     1 
ATOM   1206 C CA    . GLY A 1 157 ? 7.317   -4.958  7.809   1.00 121.89 ? 506 GLY A CA    1 
ATOM   1207 C C     . GLY A 1 157 ? 6.978   -4.251  6.524   1.00 120.35 ? 506 GLY A C     1 
ATOM   1208 O O     . GLY A 1 157 ? 7.333   -4.727  5.454   1.00 119.39 ? 506 GLY A O     1 
ATOM   1209 N N     . MET A 1 158 ? 6.277   -3.130  6.607   1.00 123.40 ? 507 MET A N     1 
ATOM   1210 C CA    . MET A 1 158 ? 5.921   -2.400  5.401   1.00 123.75 ? 507 MET A CA    1 
ATOM   1211 C C     . MET A 1 158 ? 7.209   -1.928  4.750   1.00 123.88 ? 507 MET A C     1 
ATOM   1212 O O     . MET A 1 158 ? 7.190   -1.194  3.771   1.00 122.97 ? 507 MET A O     1 
ATOM   1213 C CB    . MET A 1 158 ? 5.043   -1.196  5.746   1.00 129.38 ? 507 MET A CB    1 
ATOM   1214 C CG    . MET A 1 158 ? 4.038   -0.798  4.670   1.00 127.68 ? 507 MET A CG    1 
ATOM   1215 S SD    . MET A 1 158 ? 2.687   -1.983  4.515   1.00 130.18 ? 507 MET A SD    1 
ATOM   1216 C CE    . MET A 1 158 ? 1.806   -1.691  6.032   1.00 132.29 ? 507 MET A CE    1 
ATOM   1217 N N     . ASP A 1 159 ? 8.339   -2.349  5.310   1.00 128.51 ? 508 ASP A N     1 
ATOM   1218 C CA    . ASP A 1 159 ? 9.638   -1.981  4.765   1.00 132.01 ? 508 ASP A CA    1 
ATOM   1219 C C     . ASP A 1 159 ? 10.070  -3.025  3.746   1.00 130.32 ? 508 ASP A C     1 
ATOM   1220 O O     . ASP A 1 159 ? 10.831  -2.723  2.831   1.00 132.45 ? 508 ASP A O     1 
ATOM   1221 C CB    . ASP A 1 159 ? 10.690  -1.885  5.871   1.00 137.55 ? 508 ASP A CB    1 
ATOM   1222 C CG    . ASP A 1 159 ? 11.986  -1.274  5.381   1.00 141.95 ? 508 ASP A CG    1 
ATOM   1223 O OD1   . ASP A 1 159 ? 12.957  -1.221  6.163   1.00 148.40 ? 508 ASP A OD1   1 
ATOM   1224 O OD2   . ASP A 1 159 ? 12.032  -0.839  4.210   1.00 140.38 ? 508 ASP A OD2   1 
ATOM   1225 N N     . VAL A 1 160 ? 9.590   -4.257  3.907   1.00 124.97 ? 509 VAL A N     1 
ATOM   1226 C CA    . VAL A 1 160 ? 9.946   -5.305  2.961   1.00 109.26 ? 509 VAL A CA    1 
ATOM   1227 C C     . VAL A 1 160 ? 9.422   -4.811  1.622   1.00 102.97 ? 509 VAL A C     1 
ATOM   1228 O O     . VAL A 1 160 ? 9.935   -5.197  0.570   1.00 106.83 ? 509 VAL A O     1 
ATOM   1229 C CB    . VAL A 1 160 ? 9.274   -6.665  3.283   1.00 109.30 ? 509 VAL A CB    1 
ATOM   1230 C CG1   . VAL A 1 160 ? 9.140   -6.849  4.795   1.00 109.10 ? 509 VAL A CG1   1 
ATOM   1231 C CG2   . VAL A 1 160 ? 7.931   -6.766  2.564   1.00 99.28  ? 509 VAL A CG2   1 
ATOM   1232 N N     . VAL A 1 161 ? 8.394   -3.958  1.671   1.00 91.84  ? 510 VAL A N     1 
ATOM   1233 C CA    . VAL A 1 161 ? 7.820   -3.399  0.450   1.00 75.78  ? 510 VAL A CA    1 
ATOM   1234 C C     . VAL A 1 161 ? 8.698   -2.240  -0.001  1.00 80.28  ? 510 VAL A C     1 
ATOM   1235 O O     . VAL A 1 161 ? 8.772   -1.959  -1.191  1.00 80.90  ? 510 VAL A O     1 
ATOM   1236 C CB    . VAL A 1 161 ? 6.373   -2.913  0.643   1.00 61.91  ? 510 VAL A CB    1 
ATOM   1237 C CG1   . VAL A 1 161 ? 5.831   -2.410  -0.696  1.00 48.66  ? 510 VAL A CG1   1 
ATOM   1238 C CG2   . VAL A 1 161 ? 5.473   -4.058  1.178   1.00 55.07  ? 510 VAL A CG2   1 
ATOM   1239 N N     . LYS A 1 162 ? 9.373   -1.570  0.938   1.00 88.84  ? 511 LYS A N     1 
ATOM   1240 C CA    . LYS A 1 162 ? 10.288  -0.484  0.553   1.00 101.59 ? 511 LYS A CA    1 
ATOM   1241 C C     . LYS A 1 162 ? 11.622  -1.143  0.253   1.00 111.24 ? 511 LYS A C     1 
ATOM   1242 O O     . LYS A 1 162 ? 12.559  -0.505  -0.235  1.00 108.71 ? 511 LYS A O     1 
ATOM   1243 C CB    . LYS A 1 162 ? 10.481  0.573   1.658   1.00 97.88  ? 511 LYS A CB    1 
ATOM   1244 C CG    . LYS A 1 162 ? 11.459  1.695   1.228   1.00 91.73  ? 511 LYS A CG    1 
ATOM   1245 C CD    . LYS A 1 162 ? 11.333  3.002   2.032   1.00 80.59  ? 511 LYS A CD    1 
ATOM   1246 C CE    . LYS A 1 162 ? 12.031  4.147   1.297   1.00 77.96  ? 511 LYS A CE    1 
ATOM   1247 N NZ    . LYS A 1 162 ? 11.789  5.502   1.882   1.00 70.08  ? 511 LYS A NZ    1 
ATOM   1248 N N     . ASN A 1 163 ? 11.692  -2.434  0.566   1.00 123.86 ? 512 ASN A N     1 
ATOM   1249 C CA    . ASN A 1 163 ? 12.880  -3.242  0.318   1.00 132.48 ? 512 ASN A CA    1 
ATOM   1250 C C     . ASN A 1 163 ? 12.685  -3.775  -1.096  1.00 133.98 ? 512 ASN A C     1 
ATOM   1251 O O     . ASN A 1 163 ? 13.480  -3.492  -1.988  1.00 139.59 ? 512 ASN A O     1 
ATOM   1252 C CB    . ASN A 1 163 ? 12.960  -4.400  1.319   1.00 132.54 ? 512 ASN A CB    1 
ATOM   1253 N N     . VAL A 1 164 ? 11.605  -4.525  -1.292  1.00 126.27 ? 513 VAL A N     1 
ATOM   1254 C CA    . VAL A 1 164 ? 11.298  -5.066  -2.602  1.00 115.23 ? 513 VAL A CA    1 
ATOM   1255 C C     . VAL A 1 164 ? 11.287  -3.907  -3.585  1.00 113.59 ? 513 VAL A C     1 
ATOM   1256 O O     . VAL A 1 164 ? 11.583  -4.093  -4.751  1.00 116.67 ? 513 VAL A O     1 
ATOM   1257 C CB    . VAL A 1 164 ? 9.922   -5.752  -2.636  1.00 108.51 ? 513 VAL A CB    1 
ATOM   1258 C CG1   . VAL A 1 164 ? 9.600   -6.174  -4.056  1.00 109.69 ? 513 VAL A CG1   1 
ATOM   1259 C CG2   . VAL A 1 164 ? 9.919   -6.962  -1.732  1.00 107.13 ? 513 VAL A CG2   1 
ATOM   1260 N N     . VAL A 1 165 ? 10.949  -2.712  -3.106  1.00 110.45 ? 514 VAL A N     1 
ATOM   1261 C CA    . VAL A 1 165 ? 10.918  -1.535  -3.967  1.00 110.03 ? 514 VAL A CA    1 
ATOM   1262 C C     . VAL A 1 165 ? 12.332  -0.997  -4.061  1.00 111.48 ? 514 VAL A C     1 
ATOM   1263 O O     . VAL A 1 165 ? 12.745  -0.522  -5.113  1.00 113.84 ? 514 VAL A O     1 
ATOM   1264 C CB    . VAL A 1 165 ? 9.977   -0.420  -3.407  1.00 109.62 ? 514 VAL A CB    1 
ATOM   1265 C CG1   . VAL A 1 165 ? 10.763  0.556   -2.556  1.00 116.40 ? 514 VAL A CG1   1 
ATOM   1266 C CG2   . VAL A 1 165 ? 9.281   0.317   -4.553  1.00 93.67  ? 514 VAL A CG2   1 
ATOM   1267 N N     . GLU A 1 166 ? 13.072  -1.078  -2.959  1.00 114.93 ? 515 GLU A N     1 
ATOM   1268 C CA    . GLU A 1 166 ? 14.437  -0.581  -2.954  1.00 122.33 ? 515 GLU A CA    1 
ATOM   1269 C C     . GLU A 1 166 ? 15.415  -1.583  -3.509  1.00 126.17 ? 515 GLU A C     1 
ATOM   1270 O O     . GLU A 1 166 ? 16.557  -1.241  -3.833  1.00 136.68 ? 515 GLU A O     1 
ATOM   1271 C CB    . GLU A 1 166 ? 14.905  -0.185  -1.562  1.00 122.53 ? 515 GLU A CB    1 
ATOM   1272 C CG    . GLU A 1 166 ? 14.718  1.297   -1.282  1.00 125.63 ? 515 GLU A CG    1 
ATOM   1273 C CD    . GLU A 1 166 ? 15.319  2.186   -2.359  1.00 130.26 ? 515 GLU A CD    1 
ATOM   1274 O OE1   . GLU A 1 166 ? 16.528  2.059   -2.659  1.00 133.08 ? 515 GLU A OE1   1 
ATOM   1275 O OE2   . GLU A 1 166 ? 14.573  3.017   -2.910  1.00 131.84 ? 515 GLU A OE2   1 
ATOM   1276 N N     . SER A 1 167 ? 15.013  -2.835  -3.625  1.00 120.67 ? 516 SER A N     1 
ATOM   1277 C CA    . SER A 1 167 ? 15.955  -3.778  -4.197  1.00 112.47 ? 516 SER A CA    1 
ATOM   1278 C C     . SER A 1 167 ? 15.880  -3.362  -5.637  1.00 107.80 ? 516 SER A C     1 
ATOM   1279 O O     . SER A 1 167 ? 16.786  -3.608  -6.422  1.00 109.59 ? 516 SER A O     1 
ATOM   1280 C CB    . SER A 1 167 ? 15.439  -5.201  -4.176  1.00 107.90 ? 516 SER A CB    1 
ATOM   1281 O OG    . SER A 1 167 ? 15.127  -5.643  -2.864  1.00 105.45 ? 516 SER A OG    1 
ATOM   1282 N N     . LEU A 1 168 ? 14.782  -2.706  -5.970  1.00 102.92 ? 517 LEU A N     1 
ATOM   1283 C CA    . LEU A 1 168 ? 14.557  -2.371  -7.340  1.00 97.55  ? 517 LEU A CA    1 
ATOM   1284 C C     . LEU A 1 168 ? 14.857  -0.984  -7.761  1.00 93.63  ? 517 LEU A C     1 
ATOM   1285 O O     . LEU A 1 168 ? 14.679  -0.640  -8.927  1.00 85.17  ? 517 LEU A O     1 
ATOM   1286 C CB    . LEU A 1 168 ? 13.123  -2.749  -7.683  1.00 100.56 ? 517 LEU A CB    1 
ATOM   1287 C CG    . LEU A 1 168 ? 12.701  -4.152  -7.203  1.00 105.13 ? 517 LEU A CG    1 
ATOM   1288 C CD1   . LEU A 1 168 ? 11.202  -4.280  -7.349  1.00 107.50 ? 517 LEU A CD1   1 
ATOM   1289 C CD2   . LEU A 1 168 ? 13.404  -5.249  -7.980  1.00 109.08 ? 517 LEU A CD2   1 
ATOM   1290 N N     . ASN A 1 169 ? 15.300  -0.171  -6.818  1.00 99.69  ? 518 ASN A N     1 
ATOM   1291 C CA    . ASN A 1 169 ? 15.626  1.195   -7.160  1.00 108.78 ? 518 ASN A CA    1 
ATOM   1292 C C     . ASN A 1 169 ? 14.335  1.972   -7.352  1.00 105.79 ? 518 ASN A C     1 
ATOM   1293 O O     . ASN A 1 169 ? 14.281  3.002   -8.031  1.00 97.81  ? 518 ASN A O     1 
ATOM   1294 C CB    . ASN A 1 169 ? 16.490  1.168   -8.388  1.00 117.71 ? 518 ASN A CB    1 
ATOM   1295 C CG    . ASN A 1 169 ? 17.758  0.370   -8.145  1.00 123.54 ? 518 ASN A CG    1 
ATOM   1296 O OD1   . ASN A 1 169 ? 18.579  0.184   -9.040  1.00 135.15 ? 518 ASN A OD1   1 
ATOM   1297 N ND2   . ASN A 1 169 ? 17.929  -0.096  -6.904  1.00 112.25 ? 518 ASN A ND2   1 
ATOM   1298 N N     . GLY A 1 170 ? 13.298  1.450   -6.705  1.00 104.74 ? 519 GLY A N     1 
ATOM   1299 C CA    . GLY A 1 170 ? 11.964  2.026   -6.736  1.00 99.89  ? 519 GLY A CA    1 
ATOM   1300 C C     . GLY A 1 170 ? 11.776  3.026   -5.622  1.00 94.88  ? 519 GLY A C     1 
ATOM   1301 O O     . GLY A 1 170 ? 12.628  3.176   -4.755  1.00 99.02  ? 519 GLY A O     1 
ATOM   1302 N N     . SER A 1 171 ? 10.624  3.691   -5.647  1.00 89.66  ? 520 SER A N     1 
ATOM   1303 C CA    . SER A 1 171 ? 10.255  4.738   -4.682  1.00 77.44  ? 520 SER A CA    1 
ATOM   1304 C C     . SER A 1 171 ? 8.768   4.678   -4.353  1.00 69.66  ? 520 SER A C     1 
ATOM   1305 O O     . SER A 1 171 ? 7.941   4.683   -5.263  1.00 68.15  ? 520 SER A O     1 
ATOM   1306 C CB    . SER A 1 171 ? 10.538  6.105   -5.295  1.00 79.00  ? 520 SER A CB    1 
ATOM   1307 O OG    . SER A 1 171 ? 9.369   6.897   -5.309  1.00 72.65  ? 520 SER A OG    1 
ATOM   1308 N N     . ILE A 1 172 ? 8.417   4.634   -3.072  1.00 67.53  ? 521 ILE A N     1 
ATOM   1309 C CA    . ILE A 1 172 ? 7.010   4.592   -2.724  1.00 64.33  ? 521 ILE A CA    1 
ATOM   1310 C C     . ILE A 1 172 ? 6.559   5.813   -1.925  1.00 58.77  ? 521 ILE A C     1 
ATOM   1311 O O     . ILE A 1 172 ? 7.296   6.319   -1.090  1.00 63.14  ? 521 ILE A O     1 
ATOM   1312 C CB    . ILE A 1 172 ? 6.667   3.327   -1.929  1.00 61.24  ? 521 ILE A CB    1 
ATOM   1313 C CG1   . ILE A 1 172 ? 5.244   3.423   -1.373  1.00 66.60  ? 521 ILE A CG1   1 
ATOM   1314 C CG2   . ILE A 1 172 ? 7.639   3.154   -0.838  1.00 64.81  ? 521 ILE A CG2   1 
ATOM   1315 C CD1   . ILE A 1 172 ? 4.706   2.110   -0.903  1.00 68.49  ? 521 ILE A CD1   1 
ATOM   1316 N N     . SER A 1 173 ? 5.345   6.284   -2.196  1.00 49.34  ? 522 SER A N     1 
ATOM   1317 C CA    . SER A 1 173 ? 4.781   7.434   -1.499  1.00 44.11  ? 522 SER A CA    1 
ATOM   1318 C C     . SER A 1 173 ? 3.453   7.021   -0.900  1.00 43.36  ? 522 SER A C     1 
ATOM   1319 O O     . SER A 1 173 ? 2.851   6.051   -1.361  1.00 35.44  ? 522 SER A O     1 
ATOM   1320 C CB    . SER A 1 173 ? 4.623   8.632   -2.449  1.00 36.95  ? 522 SER A CB    1 
ATOM   1321 O OG    . SER A 1 173 ? 4.668   8.223   -3.782  1.00 40.90  ? 522 SER A OG    1 
ATOM   1322 N N     . ILE A 1 174 ? 3.014   7.724   0.142   1.00 55.70  ? 523 ILE A N     1 
ATOM   1323 C CA    . ILE A 1 174 ? 1.744   7.406   0.781   1.00 58.54  ? 523 ILE A CA    1 
ATOM   1324 C C     . ILE A 1 174 ? 0.931   8.652   1.098   1.00 56.78  ? 523 ILE A C     1 
ATOM   1325 O O     . ILE A 1 174 ? 1.393   9.545   1.803   1.00 59.64  ? 523 ILE A O     1 
ATOM   1326 C CB    . ILE A 1 174 ? 1.981   6.595   2.062   1.00 56.68  ? 523 ILE A CB    1 
ATOM   1327 C CG1   . ILE A 1 174 ? 2.686   5.293   1.705   1.00 56.53  ? 523 ILE A CG1   1 
ATOM   1328 C CG2   . ILE A 1 174 ? 0.658   6.215   2.756   1.00 47.04  ? 523 ILE A CG2   1 
ATOM   1329 C CD1   . ILE A 1 174 ? 2.895   4.351   2.853   1.00 59.58  ? 523 ILE A CD1   1 
ATOM   1330 N N     . GLU A 1 175 ? -0.286  8.695   0.552   1.00 48.92  ? 524 GLU A N     1 
ATOM   1331 C CA    . GLU A 1 175 ? -1.206  9.820   0.730   1.00 51.93  ? 524 GLU A CA    1 
ATOM   1332 C C     . GLU A 1 175 ? -2.497  9.327   1.350   1.00 52.63  ? 524 GLU A C     1 
ATOM   1333 O O     . GLU A 1 175 ? -3.252  8.579   0.723   1.00 44.26  ? 524 GLU A O     1 
ATOM   1334 C CB    . GLU A 1 175 ? -1.506  10.468  -0.617  1.00 52.85  ? 524 GLU A CB    1 
ATOM   1335 C CG    . GLU A 1 175 ? -0.327  11.218  -1.192  1.00 65.98  ? 524 GLU A CG    1 
ATOM   1336 C CD    . GLU A 1 175 ? -0.240  11.081  -2.691  1.00 77.98  ? 524 GLU A CD    1 
ATOM   1337 O OE1   . GLU A 1 175 ? 0.228   10.016  -3.160  1.00 77.76  ? 524 GLU A OE1   1 
ATOM   1338 O OE2   . GLU A 1 175 ? -0.648  12.027  -3.402  1.00 83.46  ? 524 GLU A OE2   1 
ATOM   1339 N N     . SER A 1 176 ? -2.736  9.740   2.588   1.00 59.03  ? 525 SER A N     1 
ATOM   1340 C CA    . SER A 1 176 ? -3.929  9.327   3.286   1.00 56.48  ? 525 SER A CA    1 
ATOM   1341 C C     . SER A 1 176 ? -4.669  10.526  3.825   1.00 58.05  ? 525 SER A C     1 
ATOM   1342 O O     . SER A 1 176 ? -4.150  11.657  3.806   1.00 58.42  ? 525 SER A O     1 
ATOM   1343 C CB    . SER A 1 176 ? -3.582  8.390   4.418   1.00 42.25  ? 525 SER A CB    1 
ATOM   1344 O OG    . SER A 1 176 ? -4.610  7.412   4.581   1.00 42.43  ? 525 SER A OG    1 
ATOM   1345 N N     . GLU A 1 177 ? -5.879  10.268  4.313   1.00 57.12  ? 526 GLU A N     1 
ATOM   1346 C CA    . GLU A 1 177 ? -6.751  11.325  4.825   1.00 60.76  ? 526 GLU A CA    1 
ATOM   1347 C C     . GLU A 1 177 ? -7.843  10.619  5.622   1.00 62.27  ? 526 GLU A C     1 
ATOM   1348 O O     . GLU A 1 177 ? -8.688  9.943   5.061   1.00 62.46  ? 526 GLU A O     1 
ATOM   1349 C CB    . GLU A 1 177 ? -7.346  12.104  3.635   1.00 64.45  ? 526 GLU A CB    1 
ATOM   1350 C CG    . GLU A 1 177 ? -8.031  13.427  3.945   1.00 84.72  ? 526 GLU A CG    1 
ATOM   1351 C CD    . GLU A 1 177 ? -8.454  14.174  2.668   1.00 103.62 ? 526 GLU A CD    1 
ATOM   1352 O OE1   . GLU A 1 177 ? -7.579  14.469  1.820   1.00 112.88 ? 526 GLU A OE1   1 
ATOM   1353 O OE2   . GLU A 1 177 ? -9.660  14.460  2.507   1.00 112.92 ? 526 GLU A OE2   1 
ATOM   1354 N N     . LYS A 1 178 ? -7.796  10.767  6.939   1.00 66.81  ? 527 LYS A N     1 
ATOM   1355 C CA    . LYS A 1 178 ? -8.760  10.146  7.836   1.00 71.57  ? 527 LYS A CA    1 
ATOM   1356 C C     . LYS A 1 178 ? -10.144 9.987   7.214   1.00 71.94  ? 527 LYS A C     1 
ATOM   1357 O O     . LYS A 1 178 ? -10.726 10.957  6.752   1.00 76.79  ? 527 LYS A O     1 
ATOM   1358 C CB    . LYS A 1 178 ? -8.899  10.978  9.115   1.00 88.13  ? 527 LYS A CB    1 
ATOM   1359 C CG    . LYS A 1 178 ? -7.605  11.320  9.867   1.00 112.52 ? 527 LYS A CG    1 
ATOM   1360 C CD    . LYS A 1 178 ? -7.923  12.255  11.050  1.00 133.71 ? 527 LYS A CD    1 
ATOM   1361 C CE    . LYS A 1 178 ? -6.681  12.762  11.789  1.00 142.62 ? 527 LYS A CE    1 
ATOM   1362 N NZ    . LYS A 1 178 ? -7.030  13.738  12.877  1.00 151.77 ? 527 LYS A NZ    1 
ATOM   1363 N N     . ASP A 1 179 ? -10.653 8.754   7.220   1.00 80.31  ? 528 ASP A N     1 
ATOM   1364 C CA    . ASP A 1 179 ? -11.975 8.383   6.691   1.00 78.18  ? 528 ASP A CA    1 
ATOM   1365 C C     . ASP A 1 179 ? -12.315 8.547   5.208   1.00 70.26  ? 528 ASP A C     1 
ATOM   1366 O O     . ASP A 1 179 ? -13.416 8.206   4.799   1.00 68.91  ? 528 ASP A O     1 
ATOM   1367 C CB    . ASP A 1 179 ? -13.068 9.042   7.522   1.00 83.59  ? 528 ASP A CB    1 
ATOM   1368 C CG    . ASP A 1 179 ? -13.239 8.383   8.879   1.00 95.49  ? 528 ASP A CG    1 
ATOM   1369 O OD1   . ASP A 1 179 ? -13.608 7.192   8.923   1.00 100.29 ? 528 ASP A OD1   1 
ATOM   1370 O OD2   . ASP A 1 179 ? -13.001 9.048   9.903   1.00 114.91 ? 528 ASP A OD2   1 
ATOM   1371 N N     . LYS A 1 180 ? -11.390 9.057   4.403   1.00 67.44  ? 529 LYS A N     1 
ATOM   1372 C CA    . LYS A 1 180 ? -11.631 9.206   2.966   1.00 67.56  ? 529 LYS A CA    1 
ATOM   1373 C C     . LYS A 1 180 ? -10.996 8.021   2.230   1.00 68.80  ? 529 LYS A C     1 
ATOM   1374 O O     . LYS A 1 180 ? -11.574 7.462   1.297   1.00 61.94  ? 529 LYS A O     1 
ATOM   1375 C CB    . LYS A 1 180 ? -11.025 10.516  2.435   1.00 66.82  ? 529 LYS A CB    1 
ATOM   1376 C CG    . LYS A 1 180 ? -11.761 11.780  2.855   1.00 60.91  ? 529 LYS A CG    1 
ATOM   1377 C CD    . LYS A 1 180 ? -12.788 12.278  1.797   1.00 65.43  ? 529 LYS A CD    1 
ATOM   1378 C CE    . LYS A 1 180 ? -12.142 13.107  0.679   1.00 77.45  ? 529 LYS A CE    1 
ATOM   1379 N NZ    . LYS A 1 180 ? -13.148 13.816  -0.190  1.00 62.38  ? 529 LYS A NZ    1 
ATOM   1380 N N     . GLY A 1 181 ? -9.796  7.644   2.661   1.00 67.57  ? 530 GLY A N     1 
ATOM   1381 C CA    . GLY A 1 181 ? -9.095  6.524   2.048   1.00 69.83  ? 530 GLY A CA    1 
ATOM   1382 C C     . GLY A 1 181 ? -7.580  6.659   2.093   1.00 65.10  ? 530 GLY A C     1 
ATOM   1383 O O     . GLY A 1 181 ? -7.054  7.502   2.833   1.00 59.66  ? 530 GLY A O     1 
ATOM   1384 N N     . THR A 1 182 ? -6.890  5.845   1.292   1.00 61.80  ? 531 THR A N     1 
ATOM   1385 C CA    . THR A 1 182 ? -5.429  5.872   1.242   1.00 51.69  ? 531 THR A CA    1 
ATOM   1386 C C     . THR A 1 182 ? -4.885  5.556   -0.150  1.00 51.70  ? 531 THR A C     1 
ATOM   1387 O O     . THR A 1 182 ? -5.281  4.555   -0.782  1.00 45.19  ? 531 THR A O     1 
ATOM   1388 C CB    . THR A 1 182 ? -4.836  4.853   2.232   1.00 45.39  ? 531 THR A CB    1 
ATOM   1389 O OG1   . THR A 1 182 ? -5.667  4.796   3.395   1.00 38.97  ? 531 THR A OG1   1 
ATOM   1390 C CG2   . THR A 1 182 ? -3.463  5.269   2.654   1.00 41.27  ? 531 THR A CG2   1 
ATOM   1391 N N     . LYS A 1 183 ? -3.958  6.385   -0.629  1.00 45.99  ? 532 LYS A N     1 
ATOM   1392 C CA    . LYS A 1 183 ? -3.383  6.155   -1.960  1.00 51.57  ? 532 LYS A CA    1 
ATOM   1393 C C     . LYS A 1 183 ? -1.866  5.934   -1.851  1.00 55.56  ? 532 LYS A C     1 
ATOM   1394 O O     . LYS A 1 183 ? -1.098  6.811   -1.474  1.00 56.44  ? 532 LYS A O     1 
ATOM   1395 C CB    . LYS A 1 183 ? -3.642  7.363   -2.893  1.00 54.88  ? 532 LYS A CB    1 
ATOM   1396 C CG    . LYS A 1 183 ? -3.263  7.110   -4.346  1.00 47.72  ? 532 LYS A CG    1 
ATOM   1397 C CD    . LYS A 1 183 ? -3.411  8.319   -5.282  1.00 40.68  ? 532 LYS A CD    1 
ATOM   1398 C CE    . LYS A 1 183 ? -2.296  9.365   -5.040  1.00 55.13  ? 532 LYS A CE    1 
ATOM   1399 N NZ    . LYS A 1 183 ? -2.377  10.475  -6.027  1.00 61.54  ? 532 LYS A NZ    1 
ATOM   1400 N N     . VAL A 1 184 ? -1.419  4.735   -2.196  1.00 57.95  ? 533 VAL A N     1 
ATOM   1401 C CA    . VAL A 1 184 ? 0.000   4.405   -2.132  1.00 53.37  ? 533 VAL A CA    1 
ATOM   1402 C C     . VAL A 1 184 ? 0.572   4.228   -3.525  1.00 54.81  ? 533 VAL A C     1 
ATOM   1403 O O     . VAL A 1 184 ? 0.112   3.413   -4.306  1.00 64.10  ? 533 VAL A O     1 
ATOM   1404 C CB    . VAL A 1 184 ? 0.253   3.079   -1.356  1.00 45.81  ? 533 VAL A CB    1 
ATOM   1405 C CG1   . VAL A 1 184 ? 1.716   2.800   -1.334  1.00 59.12  ? 533 VAL A CG1   1 
ATOM   1406 C CG2   . VAL A 1 184 ? -0.297  3.167   0.073   1.00 52.95  ? 533 VAL A CG2   1 
ATOM   1407 N N     . THR A 1 185 ? 1.590   5.009   -3.839  1.00 57.06  ? 534 THR A N     1 
ATOM   1408 C CA    . THR A 1 185 ? 2.235   4.913   -5.141  1.00 45.97  ? 534 THR A CA    1 
ATOM   1409 C C     . THR A 1 185 ? 3.574   4.176   -5.024  1.00 49.32  ? 534 THR A C     1 
ATOM   1410 O O     . THR A 1 185 ? 4.168   4.075   -3.934  1.00 49.98  ? 534 THR A O     1 
ATOM   1411 C CB    . THR A 1 185 ? 2.553   6.277   -5.712  1.00 43.72  ? 534 THR A CB    1 
ATOM   1412 O OG1   . THR A 1 185 ? 1.358   7.066   -5.744  1.00 54.28  ? 534 THR A OG1   1 
ATOM   1413 C CG2   . THR A 1 185 ? 3.084   6.128   -7.116  1.00 42.99  ? 534 THR A CG2   1 
ATOM   1414 N N     . ILE A 1 186 ? 4.036   3.647   -6.155  1.00 53.16  ? 535 ILE A N     1 
ATOM   1415 C CA    . ILE A 1 186 ? 5.323   2.944   -6.230  1.00 48.20  ? 535 ILE A CA    1 
ATOM   1416 C C     . ILE A 1 186 ? 5.909   3.313   -7.586  1.00 52.10  ? 535 ILE A C     1 
ATOM   1417 O O     . ILE A 1 186 ? 5.585   2.680   -8.583  1.00 57.74  ? 535 ILE A O     1 
ATOM   1418 C CB    . ILE A 1 186 ? 5.142   1.412   -6.177  1.00 29.85  ? 535 ILE A CB    1 
ATOM   1419 C CG1   . ILE A 1 186 ? 4.530   0.995   -4.854  1.00 37.01  ? 535 ILE A CG1   1 
ATOM   1420 C CG2   . ILE A 1 186 ? 6.457   0.705   -6.355  1.00 28.29  ? 535 ILE A CG2   1 
ATOM   1421 C CD1   . ILE A 1 186 ? 4.446   -0.576  -4.705  1.00 25.27  ? 535 ILE A CD1   1 
ATOM   1422 N N     . ARG A 1 187 ? 6.729   4.361   -7.645  1.00 64.51  ? 536 ARG A N     1 
ATOM   1423 C CA    . ARG A 1 187 ? 7.313   4.762   -8.929  1.00 70.66  ? 536 ARG A CA    1 
ATOM   1424 C C     . ARG A 1 187 ? 8.547   3.933   -9.272  1.00 68.50  ? 536 ARG A C     1 
ATOM   1425 O O     . ARG A 1 187 ? 9.474   3.839   -8.485  1.00 69.60  ? 536 ARG A O     1 
ATOM   1426 C CB    . ARG A 1 187 ? 7.675   6.265   -8.955  1.00 68.18  ? 536 ARG A CB    1 
ATOM   1427 C CG    . ARG A 1 187 ? 8.378   6.676   -10.248 1.00 57.73  ? 536 ARG A CG    1 
ATOM   1428 C CD    . ARG A 1 187 ? 8.293   8.192   -10.533 1.00 67.76  ? 536 ARG A CD    1 
ATOM   1429 N NE    . ARG A 1 187 ? 6.932   8.672   -10.797 1.00 75.81  ? 536 ARG A NE    1 
ATOM   1430 C CZ    . ARG A 1 187 ? 6.652   9.869   -11.311 1.00 70.92  ? 536 ARG A CZ    1 
ATOM   1431 N NH1   . ARG A 1 187 ? 7.636   10.702  -11.623 1.00 79.10  ? 536 ARG A NH1   1 
ATOM   1432 N NH2   . ARG A 1 187 ? 5.395   10.241  -11.503 1.00 70.08  ? 536 ARG A NH2   1 
ATOM   1433 N N     . LEU A 1 188 ? 8.545   3.333   -10.457 1.00 64.69  ? 537 LEU A N     1 
ATOM   1434 C CA    . LEU A 1 188 ? 9.664   2.528   -10.912 1.00 60.05  ? 537 LEU A CA    1 
ATOM   1435 C C     . LEU A 1 188 ? 10.293  3.033   -12.220 1.00 70.75  ? 537 LEU A C     1 
ATOM   1436 O O     . LEU A 1 188 ? 9.654   3.741   -13.014 1.00 64.79  ? 537 LEU A O     1 
ATOM   1437 C CB    . LEU A 1 188 ? 9.224   1.086   -11.060 1.00 36.14  ? 537 LEU A CB    1 
ATOM   1438 C CG    . LEU A 1 188 ? 9.635   0.210   -9.868  1.00 38.93  ? 537 LEU A CG    1 
ATOM   1439 C CD1   . LEU A 1 188 ? 9.452   0.974   -8.575  1.00 39.30  ? 537 LEU A CD1   1 
ATOM   1440 C CD2   . LEU A 1 188 ? 8.795   -1.082  -9.831  1.00 35.19  ? 537 LEU A CD2   1 
ATOM   1441 N N     . PRO A 1 189 ? 11.580  2.691   -12.441 1.00 79.11  ? 538 PRO A N     1 
ATOM   1442 C CA    . PRO A 1 189 ? 12.404  3.045   -13.606 1.00 79.50  ? 538 PRO A CA    1 
ATOM   1443 C C     . PRO A 1 189 ? 12.275  2.068   -14.782 1.00 88.22  ? 538 PRO A C     1 
ATOM   1444 O O     . PRO A 1 189 ? 12.323  0.851   -14.591 1.00 87.42  ? 538 PRO A O     1 
ATOM   1445 C CB    . PRO A 1 189 ? 13.802  3.035   -13.023 1.00 71.48  ? 538 PRO A CB    1 
ATOM   1446 C CG    . PRO A 1 189 ? 13.736  1.865   -12.095 1.00 66.23  ? 538 PRO A CG    1 
ATOM   1447 C CD    . PRO A 1 189 ? 12.411  2.050   -11.400 1.00 70.12  ? 538 PRO A CD    1 
ATOM   1448 N N     . LEU A 1 190 ? 12.127  2.613   -15.987 1.00 98.16  ? 539 LEU A N     1 
ATOM   1449 C CA    . LEU A 1 190 ? 11.967  1.834   -17.222 1.00 107.35 ? 539 LEU A CA    1 
ATOM   1450 C C     . LEU A 1 190 ? 10.490  1.696   -17.605 1.00 116.98 ? 539 LEU A C     1 
ATOM   1451 O O     . LEU A 1 190 ? 9.789   0.876   -16.975 1.00 120.21 ? 539 LEU A O     1 
ATOM   1452 C CB    . LEU A 1 190 ? 12.602  0.440   -17.101 1.00 93.63  ? 539 LEU A CB    1 
ATOM   1453 C CG    . LEU A 1 190 ? 14.122  0.365   -17.270 1.00 88.76  ? 539 LEU A CG    1 
ATOM   1454 C CD1   . LEU A 1 190 ? 14.703  -0.717  -16.375 1.00 86.36  ? 539 LEU A CD1   1 
ATOM   1455 C CD2   . LEU A 1 190 ? 14.454  0.110   -18.724 1.00 84.51  ? 539 LEU A CD2   1 
HETATM 1456 S S     . SO4 B 2 .   ? -1.114  11.992  -10.659 1.00 88.92  ? 1   SO4 A S     1 
HETATM 1457 O O1    . SO4 B 2 .   ? -2.394  11.477  -11.144 1.00 90.17  ? 1   SO4 A O1    1 
HETATM 1458 O O2    . SO4 B 2 .   ? -1.039  13.452  -10.900 1.00 74.03  ? 1   SO4 A O2    1 
HETATM 1459 O O3    . SO4 B 2 .   ? -0.005  11.308  -11.350 1.00 87.68  ? 1   SO4 A O3    1 
HETATM 1460 O O4    . SO4 B 2 .   ? -1.010  11.710  -9.207  1.00 98.74  ? 1   SO4 A O4    1 
HETATM 1461 S S     . SO4 C 2 .   ? 1.021   -14.928 5.486   0.50 94.32  ? 2   SO4 A S     1 
HETATM 1462 O O1    . SO4 C 2 .   ? 1.738   -14.055 4.530   0.50 89.03  ? 2   SO4 A O1    1 
HETATM 1463 O O2    . SO4 C 2 .   ? 1.953   -15.358 6.545   0.50 90.10  ? 2   SO4 A O2    1 
HETATM 1464 O O3    . SO4 C 2 .   ? 0.494   -16.108 4.770   0.50 87.44  ? 2   SO4 A O3    1 
HETATM 1465 O O4    . SO4 C 2 .   ? -0.097  -14.188 6.094   0.50 90.71  ? 2   SO4 A O4    1 
HETATM 1466 P PG    . 128 D 3 .   ? -2.667  -4.625  13.143  1.00 171.99 ? 999 128 A PG    1 
HETATM 1467 O O1G   . 128 D 3 .   ? -2.048  -4.048  14.415  1.00 171.11 ? 999 128 A O1G   1 
HETATM 1468 O O2G   . 128 D 3 .   ? -1.828  -4.252  11.928  1.00 168.48 ? 999 128 A O2G   1 
HETATM 1469 O O3G   . 128 D 3 .   ? -3.165  -6.116  13.194  1.00 175.42 ? 999 128 A O3G   1 
HETATM 1470 P PB    . 128 D 3 .   ? -5.609  -3.678  13.702  1.00 177.80 ? 999 128 A PB    1 
HETATM 1471 O O1B   . 128 D 3 .   ? -5.129  -3.762  15.166  1.00 178.81 ? 999 128 A O1B   1 
HETATM 1472 O O2B   . 128 D 3 .   ? -6.681  -4.679  13.295  1.00 180.38 ? 999 128 A O2B   1 
HETATM 1473 O O3B   . 128 D 3 .   ? -4.224  -3.893  12.874  1.00 175.93 ? 999 128 A O3B   1 
HETATM 1474 P PA    . 128 D 3 .   ? -7.151  -1.330  12.431  1.00 171.58 ? 999 128 A PA    1 
HETATM 1475 O O1A   . 128 D 3 .   ? -7.637  -2.331  11.318  1.00 166.23 ? 999 128 A O1A   1 
HETATM 1476 O O2A   . 128 D 3 .   ? -8.263  -0.449  12.939  1.00 169.97 ? 999 128 A O2A   1 
HETATM 1477 O O3A   . 128 D 3 .   ? -6.484  -2.206  13.582  1.00 173.88 ? 999 128 A O3A   1 
HETATM 1478 O "O5'" . 128 D 3 .   ? -5.776  -0.771  11.712  1.00 161.81 ? 999 128 A "O5'" 1 
HETATM 1479 C "C5'" . 128 D 3 .   ? -4.692  -1.695  11.233  1.00 140.26 ? 999 128 A "C5'" 1 
HETATM 1480 C "C4'" . 128 D 3 .   ? -3.363  -0.777  11.211  1.00 127.58 ? 999 128 A "C4'" 1 
HETATM 1481 O "O4'" . 128 D 3 .   ? -2.716  -0.780  9.932   1.00 121.73 ? 999 128 A "O4'" 1 
HETATM 1482 C "C3'" . 128 D 3 .   ? -3.450  0.630   11.510  1.00 124.37 ? 999 128 A "C3'" 1 
HETATM 1483 O "O3'" . 128 D 3 .   ? -2.430  0.877   12.456  1.00 137.80 ? 999 128 A "O3'" 1 
HETATM 1484 C "C2'" . 128 D 3 .   ? -2.987  1.407   10.259  1.00 115.89 ? 999 128 A "C2'" 1 
HETATM 1485 O "O2'" . 128 D 3 .   ? -2.221  2.582   10.607  1.00 122.34 ? 999 128 A "O2'" 1 
HETATM 1486 C "C1'" . 128 D 3 .   ? -2.167  0.396   9.397   1.00 114.55 ? 999 128 A "C1'" 1 
HETATM 1487 N N9    . 128 D 3 .   ? -2.647  0.466   7.868   1.00 109.56 ? 999 128 A N9    1 
HETATM 1488 C C8    . 128 D 3 .   ? -1.910  0.067   6.789   1.00 104.64 ? 999 128 A C8    1 
HETATM 1489 N N7    . 128 D 3 .   ? -2.597  0.253   5.654   1.00 95.36  ? 999 128 A N7    1 
HETATM 1490 C C5    . 128 D 3 .   ? -3.772  0.776   6.014   1.00 94.03  ? 999 128 A C5    1 
HETATM 1491 C C6    . 128 D 3 .   ? -4.890  1.159   5.191   1.00 84.94  ? 999 128 A C6    1 
HETATM 1492 N N6    . 128 D 3 .   ? -4.811  1.023   3.854   1.00 62.11  ? 999 128 A N6    1 
HETATM 1493 N N1    . 128 D 3 .   ? -6.033  1.686   5.787   1.00 79.35  ? 999 128 A N1    1 
HETATM 1494 C C2    . 128 D 3 .   ? -6.033  1.797   7.141   1.00 87.43  ? 999 128 A C2    1 
HETATM 1495 N N3    . 128 D 3 .   ? -4.985  1.430   7.909   1.00 104.47 ? 999 128 A N3    1 
HETATM 1496 C C4    . 128 D 3 .   ? -3.828  0.913   7.396   1.00 102.68 ? 999 128 A C4    1 
HETATM 1497 C C1F   . 128 D 3 .   ? -1.958  2.222   12.048  1.00 138.14 ? 999 128 A C1F   1 
HETATM 1498 C C2F   . 128 D 3 .   ? -2.548  3.367   12.730  1.00 144.90 ? 999 128 A C2F   1 
HETATM 1499 C C3F   . 128 D 3 .   ? -1.842  4.127   13.597  1.00 152.09 ? 999 128 A C3F   1 
HETATM 1500 C C4F   . 128 D 3 .   ? -0.540  3.945   13.928  1.00 155.98 ? 999 128 A C4F   1 
HETATM 1501 C C5F   . 128 D 3 .   ? 0.093   2.888   13.309  1.00 148.43 ? 999 128 A C5F   1 
HETATM 1502 C C6F   . 128 D 3 .   ? -0.561  2.000   12.365  1.00 140.77 ? 999 128 A C6F   1 
HETATM 1503 N N2F   . 128 D 3 .   ? -3.912  3.740   12.515  1.00 149.11 ? 999 128 A N2F   1 
HETATM 1504 N N4F   . 128 D 3 .   ? 0.175   4.672   14.771  1.00 161.76 ? 999 128 A N4F   1 
HETATM 1505 N N6F   . 128 D 3 .   ? 0.237   0.984   11.834  1.00 137.24 ? 999 128 A N6F   1 
HETATM 1506 O O2F   . 128 D 3 .   ? -4.659  3.154   11.779  1.00 153.45 ? 999 128 A O2F   1 
HETATM 1507 O O3F   . 128 D 3 .   ? -4.385  4.689   13.099  1.00 153.98 ? 999 128 A O3F   1 
HETATM 1508 O O4F   . 128 D 3 .   ? 1.335   4.449   15.025  1.00 161.98 ? 999 128 A O4F   1 
HETATM 1509 O O5F   . 128 D 3 .   ? -0.304  5.592   15.350  1.00 167.14 ? 999 128 A O5F   1 
HETATM 1510 O O6F   . 128 D 3 .   ? 1.394   0.914   12.184  1.00 130.38 ? 999 128 A O6F   1 
HETATM 1511 O O7F   . 128 D 3 .   ? -0.131  0.160   11.057  1.00 131.02 ? 999 128 A O7F   1 
HETATM 1512 O O     . HOH E 4 .   ? -6.206  10.510  -0.356  1.00 23.42  ? 5   HOH A O     1 
HETATM 1513 O O     . HOH E 4 .   ? 2.220   17.967  7.939   1.00 28.13  ? 6   HOH A O     1 
HETATM 1514 O O     . HOH E 4 .   ? 4.575   -0.147  -21.400 1.00 37.31  ? 7   HOH A O     1 
HETATM 1515 O O     . HOH E 4 .   ? -2.894  12.517  -4.533  1.00 56.80  ? 8   HOH A O     1 
HETATM 1516 O O     . HOH E 4 .   ? -6.899  5.154   -11.927 1.00 49.23  ? 9   HOH A O     1 
HETATM 1517 O O     . HOH E 4 .   ? 2.169   -13.330 0.647   1.00 43.64  ? 10  HOH A O     1 
HETATM 1518 O O     . HOH E 4 .   ? -11.288 -7.549  20.128  1.00 66.33  ? 11  HOH A O     1 
HETATM 1519 O O     . HOH E 4 .   ? 3.884   2.260   -23.173 1.00 43.44  ? 12  HOH A O     1 
HETATM 1520 O O     . HOH E 4 .   ? -16.264 2.930   -2.668  1.00 53.58  ? 13  HOH A O     1 
HETATM 1521 O O     . HOH E 4 .   ? -8.305  -17.722 9.756   1.00 65.43  ? 14  HOH A O     1 
HETATM 1522 O O     . HOH E 4 .   ? 0.832   4.084   -22.609 1.00 52.98  ? 15  HOH A O     1 
HETATM 1523 O O     . HOH E 4 .   ? -2.615  -0.857  -26.087 1.00 71.56  ? 16  HOH A O     1 
HETATM 1524 O O     . HOH E 4 .   ? -5.015  -14.011 -14.291 1.00 108.37 ? 17  HOH A O     1 
HETATM 1525 O O     . HOH E 4 .   ? 7.436   6.725   -21.931 1.00 52.68  ? 18  HOH A O     1 
HETATM 1526 O O     . HOH E 4 .   ? 19.694  4.290   -5.533  1.00 45.12  ? 19  HOH A O     1 
HETATM 1527 O O     . HOH E 4 .   ? 4.995   11.203  -19.099 1.00 41.13  ? 20  HOH A O     1 
HETATM 1528 O O     . HOH E 4 .   ? 6.487   1.854   -25.543 1.00 48.32  ? 21  HOH A O     1 
HETATM 1529 O O     . HOH E 4 .   ? -4.801  -4.855  22.058  1.00 77.15  ? 22  HOH A O     1 
HETATM 1530 O O     . HOH E 4 .   ? 20.760  -7.360  -18.158 1.00 62.56  ? 23  HOH A O     1 
HETATM 1531 O O     . HOH E 4 .   ? 20.143  1.267   -2.742  1.00 93.80  ? 24  HOH A O     1 
HETATM 1532 O O     . HOH E 4 .   ? -3.659  -9.808  15.769  1.00 48.34  ? 25  HOH A O     1 
HETATM 1533 O O     . HOH E 4 .   ? 10.765  -4.025  8.295   1.00 62.00  ? 26  HOH A O     1 
HETATM 1534 O O     . HOH E 4 .   ? 7.286   -0.917  9.732   1.00 54.67  ? 27  HOH A O     1 
HETATM 1535 O O     . HOH E 4 .   ? 11.135  6.497   -0.667  1.00 80.69  ? 29  HOH A O     1 
HETATM 1536 O O     . HOH E 4 .   ? -23.873 1.901   4.579   1.00 56.58  ? 30  HOH A O     1 
HETATM 1537 O O     . HOH E 4 .   ? -15.743 -6.943  -6.402  1.00 36.95  ? 31  HOH A O     1 
HETATM 1538 O O     . HOH E 4 .   ? 9.558   20.375  25.599  1.00 56.56  ? 32  HOH A O     1 
HETATM 1539 O O     . HOH E 4 .   ? 15.078  1.427   -4.755  1.00 89.90  ? 33  HOH A O     1 
HETATM 1540 O O     . HOH E 4 .   ? 9.851   10.564  19.794  1.00 109.16 ? 34  HOH A O     1 
HETATM 1541 O O     . HOH E 4 .   ? 24.122  -0.672  -24.699 1.00 59.34  ? 35  HOH A O     1 
HETATM 1542 O O     . HOH E 4 .   ? 19.673  -4.013  -5.736  1.00 81.94  ? 36  HOH A O     1 
HETATM 1543 O O     . HOH E 4 .   ? 9.360   3.126   -25.412 1.00 104.77 ? 37  HOH A O     1 
HETATM 1544 O O     . HOH E 4 .   ? -3.266  1.713   -26.282 1.00 90.18  ? 38  HOH A O     1 
HETATM 1545 O O     . HOH E 4 .   ? -24.626 4.173   9.330   1.00 84.99  ? 39  HOH A O     1 
HETATM 1546 O O     . HOH E 4 .   ? -13.628 13.717  14.171  1.00 116.22 ? 40  HOH A O     1 
HETATM 1547 O O     . HOH E 4 .   ? 0.935   2.220   9.876   1.00 80.83  ? 41  HOH A O     1 
HETATM 1548 O O     . HOH E 4 .   ? 8.775   10.491  16.794  1.00 46.59  ? 42  HOH A O     1 
HETATM 1549 O O     . HOH E 4 .   ? 16.135  5.924   -2.099  1.00 74.79  ? 43  HOH A O     1 
HETATM 1550 O O     . HOH E 4 .   ? 7.923   -3.659  12.507  1.00 59.20  ? 44  HOH A O     1 
HETATM 1551 O O     . HOH E 4 .   ? 0.436   3.042   -19.750 1.00 64.84  ? 45  HOH A O     1 
HETATM 1552 O O     . HOH E 4 .   ? 12.590  18.335  4.686   1.00 68.12  ? 46  HOH A O     1 
HETATM 1553 O O     . HOH E 4 .   ? 14.061  -0.112  1.860   1.00 51.47  ? 47  HOH A O     1 
HETATM 1554 O O     . HOH E 4 .   ? -3.148  -8.277  7.504   1.00 66.87  ? 94  HOH A O     1 
HETATM 1555 O O     . HOH E 4 .   ? -7.629  -4.140  14.960  1.00 120.04 ? 95  HOH A O     1 
HETATM 1556 O O     . HOH E 4 .   ? -0.749  -0.232  3.418   1.00 60.91  ? 96  HOH A O     1 
HETATM 1557 O O     . HOH E 4 .   ? -2.794  -0.010  1.299   1.00 59.14  ? 97  HOH A O     1 
HETATM 1558 O O     . HOH E 4 .   ? -4.792  0.858   -0.640  1.00 76.48  ? 98  HOH A O     1 
# 
loop_
_pdbx_poly_seq_scheme.asym_id 
_pdbx_poly_seq_scheme.entity_id 
_pdbx_poly_seq_scheme.seq_id 
_pdbx_poly_seq_scheme.mon_id 
_pdbx_poly_seq_scheme.ndb_seq_num 
_pdbx_poly_seq_scheme.pdb_seq_num 
_pdbx_poly_seq_scheme.auth_seq_num 
_pdbx_poly_seq_scheme.pdb_mon_id 
_pdbx_poly_seq_scheme.auth_mon_id 
_pdbx_poly_seq_scheme.pdb_strand_id 
_pdbx_poly_seq_scheme.pdb_ins_code 
_pdbx_poly_seq_scheme.hetero 
A 1 1   VAL 1   350 350 VAL VAL A . n 
A 1 2   MET 2   351 351 MET MET A . n 
A 1 3   LYS 3   352 352 LYS LYS A . n 
A 1 4   ILE 4   353 353 ILE ILE A . n 
A 1 5   ARG 5   354 354 ARG ARG A . n 
A 1 6   MET 6   355 355 MET MET A . n 
A 1 7   VAL 7   356 356 VAL VAL A . n 
A 1 8   PRO 8   357 357 PRO PRO A . n 
A 1 9   ILE 9   358 358 ILE ILE A . n 
A 1 10  SER 10  359 359 SER SER A . n 
A 1 11  PHE 11  360 360 PHE PHE A . n 
A 1 12  VAL 12  361 361 VAL VAL A . n 
A 1 13  PHE 13  362 362 PHE PHE A . n 
A 1 14  ASN 14  363 363 ASN ASN A . n 
A 1 15  ARG 15  364 364 ARG ARG A . n 
A 1 16  PHE 16  365 365 PHE PHE A . n 
A 1 17  PRO 17  366 366 PRO PRO A . n 
A 1 18  ARG 18  367 367 ARG ARG A . n 
A 1 19  MET 19  368 368 MET MET A . n 
A 1 20  VAL 20  369 369 VAL VAL A . n 
A 1 21  ARG 21  370 370 ARG ARG A . n 
A 1 22  ASP 22  371 371 ASP ASP A . n 
A 1 23  LEU 23  372 372 LEU LEU A . n 
A 1 24  ALA 24  373 373 ALA ALA A . n 
A 1 25  LYS 25  374 374 LYS LYS A . n 
A 1 26  LYS 26  375 375 LYS LYS A . n 
A 1 27  MET 27  376 376 MET MET A . n 
A 1 28  ASN 28  377 377 ASN ASN A . n 
A 1 29  LYS 29  378 378 LYS LYS A . n 
A 1 30  GLU 30  379 379 GLU GLU A . n 
A 1 31  VAL 31  380 380 VAL VAL A . n 
A 1 32  ASN 32  381 381 ASN ASN A . n 
A 1 33  PHE 33  382 382 PHE PHE A . n 
A 1 34  ILE 34  383 383 ILE ILE A . n 
A 1 35  MET 35  384 384 MET MET A . n 
A 1 36  ARG 36  385 385 ARG ARG A . n 
A 1 37  GLY 37  386 386 GLY GLY A . n 
A 1 38  GLU 38  387 387 GLU GLU A . n 
A 1 39  ASP 39  388 388 ASP ASP A . n 
A 1 40  THR 40  389 389 THR THR A . n 
A 1 41  GLU 41  390 390 GLU GLU A . n 
A 1 42  LEU 42  391 391 LEU LEU A . n 
A 1 43  ASP 43  392 392 ASP ASP A . n 
A 1 44  ARG 44  393 393 ARG ARG A . n 
A 1 45  THR 45  394 394 THR THR A . n 
A 1 46  PHE 46  395 395 PHE PHE A . n 
A 1 47  VAL 47  396 396 VAL VAL A . n 
A 1 48  GLU 48  397 397 GLU GLU A . n 
A 1 49  GLU 49  398 398 GLU GLU A . n 
A 1 50  ILE 50  399 399 ILE ILE A . n 
A 1 51  GLY 51  400 400 GLY GLY A . n 
A 1 52  GLU 52  401 401 GLU GLU A . n 
A 1 53  PRO 53  402 402 PRO PRO A . n 
A 1 54  LEU 54  403 403 LEU LEU A . n 
A 1 55  LEU 55  404 404 LEU LEU A . n 
A 1 56  HIS 56  405 405 HIS HIS A . n 
A 1 57  LEU 57  406 406 LEU LEU A . n 
A 1 58  LEU 58  407 407 LEU LEU A . n 
A 1 59  ARG 59  408 408 ARG ARG A . n 
A 1 60  ASN 60  409 409 ASN ASN A . n 
A 1 61  ALA 61  410 410 ALA ALA A . n 
A 1 62  ILE 62  411 411 ILE ILE A . n 
A 1 63  ASP 63  412 412 ASP ASP A . n 
A 1 64  HIS 64  413 413 HIS HIS A . n 
A 1 65  GLY 65  414 414 GLY GLY A . n 
A 1 66  ILE 66  415 415 ILE ILE A . n 
A 1 67  GLU 67  416 416 GLU GLU A . n 
A 1 68  PRO 68  417 417 PRO PRO A . n 
A 1 69  LYS 69  418 418 LYS LYS A . n 
A 1 70  GLU 70  419 419 GLU GLU A . n 
A 1 71  GLU 71  420 420 GLU GLU A . n 
A 1 72  ARG 72  421 421 ARG ARG A . n 
A 1 73  ILE 73  422 422 ILE ILE A . n 
A 1 74  ALA 74  423 423 ALA ALA A . n 
A 1 75  LYS 75  424 424 LYS LYS A . n 
A 1 76  GLY 76  425 425 GLY GLY A . n 
A 1 77  LYS 77  426 426 LYS LYS A . n 
A 1 78  PRO 78  427 427 PRO PRO A . n 
A 1 79  PRO 79  428 428 PRO PRO A . n 
A 1 80  ILE 80  429 429 ILE ILE A . n 
A 1 81  GLY 81  430 430 GLY GLY A . n 
A 1 82  THR 82  431 431 THR THR A . n 
A 1 83  LEU 83  432 432 LEU LEU A . n 
A 1 84  ILE 84  433 433 ILE ILE A . n 
A 1 85  LEU 85  434 434 LEU LEU A . n 
A 1 86  SER 86  435 435 SER SER A . n 
A 1 87  ALA 87  436 436 ALA ALA A . n 
A 1 88  ARG 88  437 437 ARG ARG A . n 
A 1 89  HIS 89  438 438 HIS HIS A . n 
A 1 90  GLU 90  439 439 GLU GLU A . n 
A 1 91  GLY 91  440 440 GLY GLY A . n 
A 1 92  ASN 92  441 441 ASN ASN A . n 
A 1 93  ASN 93  442 442 ASN ASN A . n 
A 1 94  VAL 94  443 443 VAL VAL A . n 
A 1 95  VAL 95  444 444 VAL VAL A . n 
A 1 96  ILE 96  445 445 ILE ILE A . n 
A 1 97  GLU 97  446 446 GLU GLU A . n 
A 1 98  VAL 98  447 447 VAL VAL A . n 
A 1 99  GLU 99  448 448 GLU GLU A . n 
A 1 100 ASP 100 449 449 ASP ASP A . n 
A 1 101 ASP 101 450 450 ASP ASP A . n 
A 1 102 GLY 102 451 451 GLY GLY A . n 
A 1 103 ARG 103 452 452 ARG ARG A . n 
A 1 104 GLY 104 453 453 GLY GLY A . n 
A 1 105 ILE 105 454 454 ILE ILE A . n 
A 1 106 ASP 106 455 455 ASP ASP A . n 
A 1 107 LYS 107 456 456 LYS LYS A . n 
A 1 108 GLU 108 457 457 GLU GLU A . n 
A 1 109 LYS 109 458 458 LYS LYS A . n 
A 1 110 ILE 110 459 459 ILE ILE A . n 
A 1 111 ILE 111 460 460 ILE ILE A . n 
A 1 112 ARG 112 461 461 ARG ARG A . n 
A 1 113 LYS 113 462 462 LYS LYS A . n 
A 1 114 ALA 114 463 463 ALA ALA A . n 
A 1 115 ILE 115 464 464 ILE ILE A . n 
A 1 116 GLU 116 465 465 GLU GLU A . n 
A 1 117 LYS 117 466 466 LYS LYS A . n 
A 1 118 GLY 118 467 467 GLY GLY A . n 
A 1 119 LEU 119 468 468 LEU LEU A . n 
A 1 120 ILE 120 469 469 ILE ILE A . n 
A 1 121 ASP 121 470 470 ASP ASP A . n 
A 1 122 GLU 122 471 471 GLU GLU A . n 
A 1 123 SER 123 472 472 SER SER A . n 
A 1 124 LYS 124 473 473 LYS LYS A . n 
A 1 125 ALA 125 474 474 ALA ALA A . n 
A 1 126 ALA 126 475 475 ALA ALA A . n 
A 1 127 THR 127 476 476 THR THR A . n 
A 1 128 LEU 128 477 477 LEU LEU A . n 
A 1 129 SER 129 478 478 SER SER A . n 
A 1 130 ASP 130 479 479 ASP ASP A . n 
A 1 131 GLN 131 480 480 GLN GLN A . n 
A 1 132 GLU 132 481 481 GLU GLU A . n 
A 1 133 ILE 133 482 482 ILE ILE A . n 
A 1 134 LEU 134 483 483 LEU LEU A . n 
A 1 135 ASN 135 484 484 ASN ASN A . n 
A 1 136 PHE 136 485 485 PHE PHE A . n 
A 1 137 LEU 137 486 486 LEU LEU A . n 
A 1 138 PHE 138 487 487 PHE PHE A . n 
A 1 139 VAL 139 488 488 VAL VAL A . n 
A 1 140 PRO 140 489 489 PRO PRO A . n 
A 1 141 GLY 141 490 490 GLY GLY A . n 
A 1 142 PHE 142 491 491 PHE PHE A . n 
A 1 143 SER 143 492 492 SER SER A . n 
A 1 144 THR 144 493 493 THR THR A . n 
A 1 145 LYS 145 494 494 LYS LYS A . n 
A 1 146 GLU 146 495 495 GLU GLU A . n 
A 1 147 LYS 147 496 496 LYS LYS A . n 
A 1 148 VAL 148 497 497 VAL VAL A . n 
A 1 149 SER 149 498 498 SER SER A . n 
A 1 150 GLU 150 499 499 GLU GLU A . n 
A 1 151 VAL 151 500 500 VAL VAL A . n 
A 1 152 SER 152 501 501 SER SER A . n 
A 1 153 GLY 153 502 502 GLY GLY A . n 
A 1 154 ARG 154 503 503 ARG ARG A . n 
A 1 155 GLY 155 504 504 GLY GLY A . n 
A 1 156 VAL 156 505 505 VAL VAL A . n 
A 1 157 GLY 157 506 506 GLY GLY A . n 
A 1 158 MET 158 507 507 MET MET A . n 
A 1 159 ASP 159 508 508 ASP ASP A . n 
A 1 160 VAL 160 509 509 VAL VAL A . n 
A 1 161 VAL 161 510 510 VAL VAL A . n 
A 1 162 LYS 162 511 511 LYS LYS A . n 
A 1 163 ASN 163 512 512 ASN ASN A . n 
A 1 164 VAL 164 513 513 VAL VAL A . n 
A 1 165 VAL 165 514 514 VAL VAL A . n 
A 1 166 GLU 166 515 515 GLU GLU A . n 
A 1 167 SER 167 516 516 SER SER A . n 
A 1 168 LEU 168 517 517 LEU LEU A . n 
A 1 169 ASN 169 518 518 ASN ASN A . n 
A 1 170 GLY 170 519 519 GLY GLY A . n 
A 1 171 SER 171 520 520 SER SER A . n 
A 1 172 ILE 172 521 521 ILE ILE A . n 
A 1 173 SER 173 522 522 SER SER A . n 
A 1 174 ILE 174 523 523 ILE ILE A . n 
A 1 175 GLU 175 524 524 GLU GLU A . n 
A 1 176 SER 176 525 525 SER SER A . n 
A 1 177 GLU 177 526 526 GLU GLU A . n 
A 1 178 LYS 178 527 527 LYS LYS A . n 
A 1 179 ASP 179 528 528 ASP ASP A . n 
A 1 180 LYS 180 529 529 LYS LYS A . n 
A 1 181 GLY 181 530 530 GLY GLY A . n 
A 1 182 THR 182 531 531 THR THR A . n 
A 1 183 LYS 183 532 532 LYS LYS A . n 
A 1 184 VAL 184 533 533 VAL VAL A . n 
A 1 185 THR 185 534 534 THR THR A . n 
A 1 186 ILE 186 535 535 ILE ILE A . n 
A 1 187 ARG 187 536 536 ARG ARG A . n 
A 1 188 LEU 188 537 537 LEU LEU A . n 
A 1 189 PRO 189 538 538 PRO PRO A . n 
A 1 190 LEU 190 539 539 LEU LEU A . n 
A 1 191 THR 191 540 ?   ?   ?   A . n 
# 
loop_
_pdbx_nonpoly_scheme.asym_id 
_pdbx_nonpoly_scheme.entity_id 
_pdbx_nonpoly_scheme.mon_id 
_pdbx_nonpoly_scheme.ndb_seq_num 
_pdbx_nonpoly_scheme.pdb_seq_num 
_pdbx_nonpoly_scheme.auth_seq_num 
_pdbx_nonpoly_scheme.pdb_mon_id 
_pdbx_nonpoly_scheme.auth_mon_id 
_pdbx_nonpoly_scheme.pdb_strand_id 
_pdbx_nonpoly_scheme.pdb_ins_code 
B 2 SO4 1  1   1   SO4 SO4 A . 
C 2 SO4 1  2   2   SO4 SO4 A . 
D 3 128 1  999 999 128 128 A . 
E 4 HOH 1  5   5   HOH HOH A . 
E 4 HOH 2  6   6   HOH HOH A . 
E 4 HOH 3  7   7   HOH HOH A . 
E 4 HOH 4  8   8   HOH HOH A . 
E 4 HOH 5  9   9   HOH HOH A . 
E 4 HOH 6  10  10  HOH HOH A . 
E 4 HOH 7  11  11  HOH HOH A . 
E 4 HOH 8  12  12  HOH HOH A . 
E 4 HOH 9  13  13  HOH HOH A . 
E 4 HOH 10 14  14  HOH HOH A . 
E 4 HOH 11 15  15  HOH HOH A . 
E 4 HOH 12 16  16  HOH HOH A . 
E 4 HOH 13 17  17  HOH HOH A . 
E 4 HOH 14 18  18  HOH HOH A . 
E 4 HOH 15 19  19  HOH HOH A . 
E 4 HOH 16 20  20  HOH HOH A . 
E 4 HOH 17 21  21  HOH HOH A . 
E 4 HOH 18 22  22  HOH HOH A . 
E 4 HOH 19 23  23  HOH HOH A . 
E 4 HOH 20 24  24  HOH HOH A . 
E 4 HOH 21 25  25  HOH HOH A . 
E 4 HOH 22 26  26  HOH HOH A . 
E 4 HOH 23 27  27  HOH HOH A . 
E 4 HOH 24 29  29  HOH HOH A . 
E 4 HOH 25 30  30  HOH HOH A . 
E 4 HOH 26 31  31  HOH HOH A . 
E 4 HOH 27 32  32  HOH HOH A . 
E 4 HOH 28 33  33  HOH HOH A . 
E 4 HOH 29 34  34  HOH HOH A . 
E 4 HOH 30 35  35  HOH HOH A . 
E 4 HOH 31 36  36  HOH HOH A . 
E 4 HOH 32 37  37  HOH HOH A . 
E 4 HOH 33 38  38  HOH HOH A . 
E 4 HOH 34 39  39  HOH HOH A . 
E 4 HOH 35 40  40  HOH HOH A . 
E 4 HOH 36 41  41  HOH HOH A . 
E 4 HOH 37 42  42  HOH HOH A . 
E 4 HOH 38 43  43  HOH HOH A . 
E 4 HOH 39 44  44  HOH HOH A . 
E 4 HOH 40 45  45  HOH HOH A . 
E 4 HOH 41 46  46  HOH HOH A . 
E 4 HOH 42 47  47  HOH HOH A . 
E 4 HOH 43 94  94  HOH HOH A . 
E 4 HOH 44 95  95  HOH HOH A . 
E 4 HOH 45 96  96  HOH HOH A . 
E 4 HOH 46 97  97  HOH HOH A . 
E 4 HOH 47 98  98  HOH HOH A . 
# 
_pdbx_struct_assembly.id                   1 
_pdbx_struct_assembly.details              author_defined_assembly 
_pdbx_struct_assembly.method_details       ? 
_pdbx_struct_assembly.oligomeric_details   monomeric 
_pdbx_struct_assembly.oligomeric_count     1 
# 
_pdbx_struct_assembly_gen.assembly_id       1 
_pdbx_struct_assembly_gen.oper_expression   1 
_pdbx_struct_assembly_gen.asym_id_list      A,B,C,D,E 
# 
_pdbx_struct_oper_list.id                   1 
_pdbx_struct_oper_list.type                 'identity operation' 
_pdbx_struct_oper_list.name                 1_555 
_pdbx_struct_oper_list.symmetry_operation   x,y,z 
_pdbx_struct_oper_list.matrix[1][1]         1.0000000000 
_pdbx_struct_oper_list.matrix[1][2]         0.0000000000 
_pdbx_struct_oper_list.matrix[1][3]         0.0000000000 
_pdbx_struct_oper_list.vector[1]            0.0000000000 
_pdbx_struct_oper_list.matrix[2][1]         0.0000000000 
_pdbx_struct_oper_list.matrix[2][2]         1.0000000000 
_pdbx_struct_oper_list.matrix[2][3]         0.0000000000 
_pdbx_struct_oper_list.vector[2]            0.0000000000 
_pdbx_struct_oper_list.matrix[3][1]         0.0000000000 
_pdbx_struct_oper_list.matrix[3][2]         0.0000000000 
_pdbx_struct_oper_list.matrix[3][3]         1.0000000000 
_pdbx_struct_oper_list.vector[3]            0.0000000000 
# 
loop_
_pdbx_audit_revision_history.ordinal 
_pdbx_audit_revision_history.data_content_type 
_pdbx_audit_revision_history.major_revision 
_pdbx_audit_revision_history.minor_revision 
_pdbx_audit_revision_history.revision_date 
1 'Structure model' 1 0 2001-08-26 
2 'Structure model' 1 1 2008-04-27 
3 'Structure model' 1 2 2011-07-13 
4 'Structure model' 1 3 2015-09-23 
5 'Structure model' 1 4 2023-08-09 
# 
_pdbx_audit_revision_details.ordinal             1 
_pdbx_audit_revision_details.revision_ordinal    1 
_pdbx_audit_revision_details.data_content_type   'Structure model' 
_pdbx_audit_revision_details.provider            repository 
_pdbx_audit_revision_details.type                'Initial release' 
_pdbx_audit_revision_details.description         ? 
_pdbx_audit_revision_details.details             ? 
# 
loop_
_pdbx_audit_revision_group.ordinal 
_pdbx_audit_revision_group.revision_ordinal 
_pdbx_audit_revision_group.data_content_type 
_pdbx_audit_revision_group.group 
1 2 'Structure model' 'Version format compliance' 
2 3 'Structure model' 'Version format compliance' 
3 4 'Structure model' 'Non-polymer description'   
4 5 'Structure model' 'Data collection'           
5 5 'Structure model' 'Database references'       
6 5 'Structure model' 'Derived calculations'      
7 5 'Structure model' 'Refinement description'    
# 
loop_
_pdbx_audit_revision_category.ordinal 
_pdbx_audit_revision_category.revision_ordinal 
_pdbx_audit_revision_category.data_content_type 
_pdbx_audit_revision_category.category 
1 5 'Structure model' chem_comp_atom                
2 5 'Structure model' chem_comp_bond                
3 5 'Structure model' database_2                    
4 5 'Structure model' pdbx_initial_refinement_model 
5 5 'Structure model' pdbx_validate_chiral          
6 5 'Structure model' struct_site                   
# 
loop_
_pdbx_audit_revision_item.ordinal 
_pdbx_audit_revision_item.revision_ordinal 
_pdbx_audit_revision_item.data_content_type 
_pdbx_audit_revision_item.item 
1 5 'Structure model' '_database_2.pdbx_DOI'                
2 5 'Structure model' '_database_2.pdbx_database_accession' 
3 5 'Structure model' '_struct_site.pdbx_auth_asym_id'      
4 5 'Structure model' '_struct_site.pdbx_auth_comp_id'      
5 5 'Structure model' '_struct_site.pdbx_auth_seq_id'       
# 
loop_
_software.name 
_software.classification 
_software.version 
_software.citation_id 
_software.pdbx_ordinal 
AMoRE     phasing          . ? 1 
CNS       refinement       . ? 2 
DENZO     'data reduction' . ? 3 
SCALEPACK 'data scaling'   . ? 4 
# 
loop_
_pdbx_validate_close_contact.id 
_pdbx_validate_close_contact.PDB_model_num 
_pdbx_validate_close_contact.auth_atom_id_1 
_pdbx_validate_close_contact.auth_asym_id_1 
_pdbx_validate_close_contact.auth_comp_id_1 
_pdbx_validate_close_contact.auth_seq_id_1 
_pdbx_validate_close_contact.PDB_ins_code_1 
_pdbx_validate_close_contact.label_alt_id_1 
_pdbx_validate_close_contact.auth_atom_id_2 
_pdbx_validate_close_contact.auth_asym_id_2 
_pdbx_validate_close_contact.auth_comp_id_2 
_pdbx_validate_close_contact.auth_seq_id_2 
_pdbx_validate_close_contact.PDB_ins_code_2 
_pdbx_validate_close_contact.label_alt_id_2 
_pdbx_validate_close_contact.dist 
1 1 O2B A 128 999 ? ? O A HOH 95 ? ? 1.99 
2 1 OD1 A ASP 450 ? ? O A HOH 13 ? ? 2.13 
3 1 O   A ILE 469 ? ? O A HOH 34 ? ? 2.15 
# 
_pdbx_validate_symm_contact.id                1 
_pdbx_validate_symm_contact.PDB_model_num     1 
_pdbx_validate_symm_contact.auth_atom_id_1    OE1 
_pdbx_validate_symm_contact.auth_asym_id_1    A 
_pdbx_validate_symm_contact.auth_comp_id_1    GLU 
_pdbx_validate_symm_contact.auth_seq_id_1     439 
_pdbx_validate_symm_contact.PDB_ins_code_1    ? 
_pdbx_validate_symm_contact.label_alt_id_1    ? 
_pdbx_validate_symm_contact.site_symmetry_1   1_555 
_pdbx_validate_symm_contact.auth_atom_id_2    CB 
_pdbx_validate_symm_contact.auth_asym_id_2    A 
_pdbx_validate_symm_contact.auth_comp_id_2    GLU 
_pdbx_validate_symm_contact.auth_seq_id_2     457 
_pdbx_validate_symm_contact.PDB_ins_code_2    ? 
_pdbx_validate_symm_contact.label_alt_id_2    ? 
_pdbx_validate_symm_contact.site_symmetry_2   6_565 
_pdbx_validate_symm_contact.dist              2.10 
# 
loop_
_pdbx_validate_rmsd_angle.id 
_pdbx_validate_rmsd_angle.PDB_model_num 
_pdbx_validate_rmsd_angle.auth_atom_id_1 
_pdbx_validate_rmsd_angle.auth_asym_id_1 
_pdbx_validate_rmsd_angle.auth_comp_id_1 
_pdbx_validate_rmsd_angle.auth_seq_id_1 
_pdbx_validate_rmsd_angle.PDB_ins_code_1 
_pdbx_validate_rmsd_angle.label_alt_id_1 
_pdbx_validate_rmsd_angle.auth_atom_id_2 
_pdbx_validate_rmsd_angle.auth_asym_id_2 
_pdbx_validate_rmsd_angle.auth_comp_id_2 
_pdbx_validate_rmsd_angle.auth_seq_id_2 
_pdbx_validate_rmsd_angle.PDB_ins_code_2 
_pdbx_validate_rmsd_angle.label_alt_id_2 
_pdbx_validate_rmsd_angle.auth_atom_id_3 
_pdbx_validate_rmsd_angle.auth_asym_id_3 
_pdbx_validate_rmsd_angle.auth_comp_id_3 
_pdbx_validate_rmsd_angle.auth_seq_id_3 
_pdbx_validate_rmsd_angle.PDB_ins_code_3 
_pdbx_validate_rmsd_angle.label_alt_id_3 
_pdbx_validate_rmsd_angle.angle_value 
_pdbx_validate_rmsd_angle.angle_target_value 
_pdbx_validate_rmsd_angle.angle_deviation 
_pdbx_validate_rmsd_angle.angle_standard_deviation 
_pdbx_validate_rmsd_angle.linker_flag 
1 1 N A LYS 418 ? ? CA A LYS 418 ? ? C A LYS 418 ? ? 127.96 111.00 16.96 2.70 N 
2 1 N A GLY 467 ? ? CA A GLY 467 ? ? C A GLY 467 ? ? 133.84 113.10 20.74 2.50 N 
# 
loop_
_pdbx_validate_torsion.id 
_pdbx_validate_torsion.PDB_model_num 
_pdbx_validate_torsion.auth_comp_id 
_pdbx_validate_torsion.auth_asym_id 
_pdbx_validate_torsion.auth_seq_id 
_pdbx_validate_torsion.PDB_ins_code 
_pdbx_validate_torsion.label_alt_id 
_pdbx_validate_torsion.phi 
_pdbx_validate_torsion.psi 
1  1 LYS A 352 ? ? -173.64 88.88   
2  1 ASN A 363 ? ? -45.82  -8.50   
3  1 ASN A 377 ? ? 33.78   73.33   
4  1 ASP A 392 ? ? -33.50  134.79  
5  1 VAL A 396 ? ? -29.72  -45.84  
6  1 PRO A 402 ? ? -44.69  -72.51  
7  1 ALA A 436 ? ? -164.51 119.15  
8  1 ARG A 437 ? ? -124.74 -161.75 
9  1 ASP A 450 ? ? -104.79 40.68   
10 1 GLU A 465 ? ? -70.46  20.83   
11 1 LYS A 466 ? ? -153.70 -8.18   
12 1 ALA A 474 ? ? -16.57  -41.48  
13 1 ASN A 484 ? ? -47.07  -16.30  
14 1 THR A 493 ? ? -95.05  39.98   
15 1 LYS A 496 ? ? -172.46 -50.04  
16 1 SER A 498 ? ? -151.97 -39.23  
17 1 GLU A 499 ? ? -65.66  7.76    
18 1 ARG A 503 ? ? -118.07 -160.47 
19 1 MET A 507 ? ? -63.66  5.37    
20 1 GLU A 526 ? ? -164.96 109.31  
21 1 LYS A 527 ? ? -31.10  125.20  
22 1 ASP A 528 ? ? 62.93   -1.01   
# 
loop_
_pdbx_unobs_or_zero_occ_atoms.id 
_pdbx_unobs_or_zero_occ_atoms.PDB_model_num 
_pdbx_unobs_or_zero_occ_atoms.polymer_flag 
_pdbx_unobs_or_zero_occ_atoms.occupancy_flag 
_pdbx_unobs_or_zero_occ_atoms.auth_asym_id 
_pdbx_unobs_or_zero_occ_atoms.auth_comp_id 
_pdbx_unobs_or_zero_occ_atoms.auth_seq_id 
_pdbx_unobs_or_zero_occ_atoms.PDB_ins_code 
_pdbx_unobs_or_zero_occ_atoms.auth_atom_id 
_pdbx_unobs_or_zero_occ_atoms.label_alt_id 
_pdbx_unobs_or_zero_occ_atoms.label_asym_id 
_pdbx_unobs_or_zero_occ_atoms.label_comp_id 
_pdbx_unobs_or_zero_occ_atoms.label_seq_id 
_pdbx_unobs_or_zero_occ_atoms.label_atom_id 
1  1 Y 1 A VAL 350 ? CG1 ? A VAL 1   CG1 
2  1 Y 1 A VAL 350 ? CG2 ? A VAL 1   CG2 
3  1 Y 1 A MET 351 ? CG  ? A MET 2   CG  
4  1 Y 1 A MET 351 ? SD  ? A MET 2   SD  
5  1 Y 1 A MET 351 ? CE  ? A MET 2   CE  
6  1 Y 1 A LYS 352 ? CG  ? A LYS 3   CG  
7  1 Y 1 A LYS 352 ? CD  ? A LYS 3   CD  
8  1 Y 1 A LYS 352 ? CE  ? A LYS 3   CE  
9  1 Y 1 A LYS 352 ? NZ  ? A LYS 3   NZ  
10 1 Y 1 A ARG 354 ? CG  ? A ARG 5   CG  
11 1 Y 1 A ARG 354 ? CD  ? A ARG 5   CD  
12 1 Y 1 A ARG 354 ? NE  ? A ARG 5   NE  
13 1 Y 1 A ARG 354 ? CZ  ? A ARG 5   CZ  
14 1 Y 1 A ARG 354 ? NH1 ? A ARG 5   NH1 
15 1 Y 1 A ARG 354 ? NH2 ? A ARG 5   NH2 
16 1 Y 1 A LYS 374 ? CG  ? A LYS 25  CG  
17 1 Y 1 A LYS 374 ? CD  ? A LYS 25  CD  
18 1 Y 1 A LYS 374 ? CE  ? A LYS 25  CE  
19 1 Y 1 A LYS 374 ? NZ  ? A LYS 25  NZ  
20 1 Y 1 A GLU 398 ? CG  ? A GLU 49  CG  
21 1 Y 1 A GLU 398 ? CD  ? A GLU 49  CD  
22 1 Y 1 A GLU 398 ? OE1 ? A GLU 49  OE1 
23 1 Y 1 A GLU 398 ? OE2 ? A GLU 49  OE2 
24 1 Y 1 A THR 493 ? OG1 ? A THR 144 OG1 
25 1 Y 1 A THR 493 ? CG2 ? A THR 144 CG2 
26 1 Y 1 A LYS 496 ? CG  ? A LYS 147 CG  
27 1 Y 1 A LYS 496 ? CD  ? A LYS 147 CD  
28 1 Y 1 A LYS 496 ? CE  ? A LYS 147 CE  
29 1 Y 1 A LYS 496 ? NZ  ? A LYS 147 NZ  
30 1 Y 1 A ARG 503 ? CG  ? A ARG 154 CG  
31 1 Y 1 A ARG 503 ? CD  ? A ARG 154 CD  
32 1 Y 1 A ARG 503 ? NE  ? A ARG 154 NE  
33 1 Y 1 A ARG 503 ? CZ  ? A ARG 154 CZ  
34 1 Y 1 A ARG 503 ? NH1 ? A ARG 154 NH1 
35 1 Y 1 A ARG 503 ? NH2 ? A ARG 154 NH2 
36 1 Y 1 A ASN 512 ? CG  ? A ASN 163 CG  
37 1 Y 1 A ASN 512 ? OD1 ? A ASN 163 OD1 
38 1 Y 1 A ASN 512 ? ND2 ? A ASN 163 ND2 
# 
_pdbx_unobs_or_zero_occ_residues.id               1 
_pdbx_unobs_or_zero_occ_residues.PDB_model_num    1 
_pdbx_unobs_or_zero_occ_residues.polymer_flag     Y 
_pdbx_unobs_or_zero_occ_residues.occupancy_flag   1 
_pdbx_unobs_or_zero_occ_residues.auth_asym_id     A 
_pdbx_unobs_or_zero_occ_residues.auth_comp_id     THR 
_pdbx_unobs_or_zero_occ_residues.auth_seq_id      540 
_pdbx_unobs_or_zero_occ_residues.PDB_ins_code     ? 
_pdbx_unobs_or_zero_occ_residues.label_asym_id    A 
_pdbx_unobs_or_zero_occ_residues.label_comp_id    THR 
_pdbx_unobs_or_zero_occ_residues.label_seq_id     191 
# 
loop_
_chem_comp_atom.comp_id 
_chem_comp_atom.atom_id 
_chem_comp_atom.type_symbol 
_chem_comp_atom.pdbx_aromatic_flag 
_chem_comp_atom.pdbx_stereo_config 
_chem_comp_atom.pdbx_ordinal 
128 PG     P N N 1   
128 O1G    O N N 2   
128 O2G    O N N 3   
128 O3G    O N N 4   
128 PB     P N N 5   
128 O1B    O N N 6   
128 O2B    O N N 7   
128 O3B    O N N 8   
128 PA     P N N 9   
128 O1A    O N N 10  
128 O2A    O N N 11  
128 O3A    O N N 12  
128 "O5'"  O N N 13  
128 "C5'"  C N N 14  
128 "C4'"  C N R 15  
128 "O4'"  O N N 16  
128 "C3'"  C N R 17  
128 "O3'"  O N N 18  
128 "C2'"  C N R 19  
128 "O2'"  O N N 20  
128 "C1'"  C N R 21  
128 N9     N Y N 22  
128 C8     C Y N 23  
128 N7     N Y N 24  
128 C5     C Y N 25  
128 C6     C Y N 26  
128 N6     N N N 27  
128 N1     N Y N 28  
128 C2     C Y N 29  
128 N3     N Y N 30  
128 C4     C Y N 31  
128 C1F    C N N 32  
128 C2F    C N N 33  
128 C3F    C N N 34  
128 C4F    C N N 35  
128 C5F    C N N 36  
128 C6F    C N N 37  
128 N2F    N N N 38  
128 N4F    N N N 39  
128 N6F    N N N 40  
128 O2F    O N N 41  
128 O3F    O N N 42  
128 O4F    O N N 43  
128 O5F    O N N 44  
128 O6F    O N N 45  
128 O7F    O N N 46  
128 HOG2   H N N 47  
128 HOG3   H N N 48  
128 HOB2   H N N 49  
128 HOA2   H N N 50  
128 "H5'"  H N N 51  
128 "H5''" H N N 52  
128 "H4'"  H N N 53  
128 "H3'"  H N N 54  
128 "H2'"  H N N 55  
128 "H1'"  H N N 56  
128 H8     H N N 57  
128 HN61   H N N 58  
128 HN62   H N N 59  
128 H2     H N N 60  
128 H3F    H N N 61  
128 H4F    H N N 62  
128 H5F    H N N 63  
ALA N      N N N 64  
ALA CA     C N S 65  
ALA C      C N N 66  
ALA O      O N N 67  
ALA CB     C N N 68  
ALA OXT    O N N 69  
ALA H      H N N 70  
ALA H2     H N N 71  
ALA HA     H N N 72  
ALA HB1    H N N 73  
ALA HB2    H N N 74  
ALA HB3    H N N 75  
ALA HXT    H N N 76  
ARG N      N N N 77  
ARG CA     C N S 78  
ARG C      C N N 79  
ARG O      O N N 80  
ARG CB     C N N 81  
ARG CG     C N N 82  
ARG CD     C N N 83  
ARG NE     N N N 84  
ARG CZ     C N N 85  
ARG NH1    N N N 86  
ARG NH2    N N N 87  
ARG OXT    O N N 88  
ARG H      H N N 89  
ARG H2     H N N 90  
ARG HA     H N N 91  
ARG HB2    H N N 92  
ARG HB3    H N N 93  
ARG HG2    H N N 94  
ARG HG3    H N N 95  
ARG HD2    H N N 96  
ARG HD3    H N N 97  
ARG HE     H N N 98  
ARG HH11   H N N 99  
ARG HH12   H N N 100 
ARG HH21   H N N 101 
ARG HH22   H N N 102 
ARG HXT    H N N 103 
ASN N      N N N 104 
ASN CA     C N S 105 
ASN C      C N N 106 
ASN O      O N N 107 
ASN CB     C N N 108 
ASN CG     C N N 109 
ASN OD1    O N N 110 
ASN ND2    N N N 111 
ASN OXT    O N N 112 
ASN H      H N N 113 
ASN H2     H N N 114 
ASN HA     H N N 115 
ASN HB2    H N N 116 
ASN HB3    H N N 117 
ASN HD21   H N N 118 
ASN HD22   H N N 119 
ASN HXT    H N N 120 
ASP N      N N N 121 
ASP CA     C N S 122 
ASP C      C N N 123 
ASP O      O N N 124 
ASP CB     C N N 125 
ASP CG     C N N 126 
ASP OD1    O N N 127 
ASP OD2    O N N 128 
ASP OXT    O N N 129 
ASP H      H N N 130 
ASP H2     H N N 131 
ASP HA     H N N 132 
ASP HB2    H N N 133 
ASP HB3    H N N 134 
ASP HD2    H N N 135 
ASP HXT    H N N 136 
GLN N      N N N 137 
GLN CA     C N S 138 
GLN C      C N N 139 
GLN O      O N N 140 
GLN CB     C N N 141 
GLN CG     C N N 142 
GLN CD     C N N 143 
GLN OE1    O N N 144 
GLN NE2    N N N 145 
GLN OXT    O N N 146 
GLN H      H N N 147 
GLN H2     H N N 148 
GLN HA     H N N 149 
GLN HB2    H N N 150 
GLN HB3    H N N 151 
GLN HG2    H N N 152 
GLN HG3    H N N 153 
GLN HE21   H N N 154 
GLN HE22   H N N 155 
GLN HXT    H N N 156 
GLU N      N N N 157 
GLU CA     C N S 158 
GLU C      C N N 159 
GLU O      O N N 160 
GLU CB     C N N 161 
GLU CG     C N N 162 
GLU CD     C N N 163 
GLU OE1    O N N 164 
GLU OE2    O N N 165 
GLU OXT    O N N 166 
GLU H      H N N 167 
GLU H2     H N N 168 
GLU HA     H N N 169 
GLU HB2    H N N 170 
GLU HB3    H N N 171 
GLU HG2    H N N 172 
GLU HG3    H N N 173 
GLU HE2    H N N 174 
GLU HXT    H N N 175 
GLY N      N N N 176 
GLY CA     C N N 177 
GLY C      C N N 178 
GLY O      O N N 179 
GLY OXT    O N N 180 
GLY H      H N N 181 
GLY H2     H N N 182 
GLY HA2    H N N 183 
GLY HA3    H N N 184 
GLY HXT    H N N 185 
HIS N      N N N 186 
HIS CA     C N S 187 
HIS C      C N N 188 
HIS O      O N N 189 
HIS CB     C N N 190 
HIS CG     C Y N 191 
HIS ND1    N Y N 192 
HIS CD2    C Y N 193 
HIS CE1    C Y N 194 
HIS NE2    N Y N 195 
HIS OXT    O N N 196 
HIS H      H N N 197 
HIS H2     H N N 198 
HIS HA     H N N 199 
HIS HB2    H N N 200 
HIS HB3    H N N 201 
HIS HD1    H N N 202 
HIS HD2    H N N 203 
HIS HE1    H N N 204 
HIS HE2    H N N 205 
HIS HXT    H N N 206 
HOH O      O N N 207 
HOH H1     H N N 208 
HOH H2     H N N 209 
ILE N      N N N 210 
ILE CA     C N S 211 
ILE C      C N N 212 
ILE O      O N N 213 
ILE CB     C N S 214 
ILE CG1    C N N 215 
ILE CG2    C N N 216 
ILE CD1    C N N 217 
ILE OXT    O N N 218 
ILE H      H N N 219 
ILE H2     H N N 220 
ILE HA     H N N 221 
ILE HB     H N N 222 
ILE HG12   H N N 223 
ILE HG13   H N N 224 
ILE HG21   H N N 225 
ILE HG22   H N N 226 
ILE HG23   H N N 227 
ILE HD11   H N N 228 
ILE HD12   H N N 229 
ILE HD13   H N N 230 
ILE HXT    H N N 231 
LEU N      N N N 232 
LEU CA     C N S 233 
LEU C      C N N 234 
LEU O      O N N 235 
LEU CB     C N N 236 
LEU CG     C N N 237 
LEU CD1    C N N 238 
LEU CD2    C N N 239 
LEU OXT    O N N 240 
LEU H      H N N 241 
LEU H2     H N N 242 
LEU HA     H N N 243 
LEU HB2    H N N 244 
LEU HB3    H N N 245 
LEU HG     H N N 246 
LEU HD11   H N N 247 
LEU HD12   H N N 248 
LEU HD13   H N N 249 
LEU HD21   H N N 250 
LEU HD22   H N N 251 
LEU HD23   H N N 252 
LEU HXT    H N N 253 
LYS N      N N N 254 
LYS CA     C N S 255 
LYS C      C N N 256 
LYS O      O N N 257 
LYS CB     C N N 258 
LYS CG     C N N 259 
LYS CD     C N N 260 
LYS CE     C N N 261 
LYS NZ     N N N 262 
LYS OXT    O N N 263 
LYS H      H N N 264 
LYS H2     H N N 265 
LYS HA     H N N 266 
LYS HB2    H N N 267 
LYS HB3    H N N 268 
LYS HG2    H N N 269 
LYS HG3    H N N 270 
LYS HD2    H N N 271 
LYS HD3    H N N 272 
LYS HE2    H N N 273 
LYS HE3    H N N 274 
LYS HZ1    H N N 275 
LYS HZ2    H N N 276 
LYS HZ3    H N N 277 
LYS HXT    H N N 278 
MET N      N N N 279 
MET CA     C N S 280 
MET C      C N N 281 
MET O      O N N 282 
MET CB     C N N 283 
MET CG     C N N 284 
MET SD     S N N 285 
MET CE     C N N 286 
MET OXT    O N N 287 
MET H      H N N 288 
MET H2     H N N 289 
MET HA     H N N 290 
MET HB2    H N N 291 
MET HB3    H N N 292 
MET HG2    H N N 293 
MET HG3    H N N 294 
MET HE1    H N N 295 
MET HE2    H N N 296 
MET HE3    H N N 297 
MET HXT    H N N 298 
PHE N      N N N 299 
PHE CA     C N S 300 
PHE C      C N N 301 
PHE O      O N N 302 
PHE CB     C N N 303 
PHE CG     C Y N 304 
PHE CD1    C Y N 305 
PHE CD2    C Y N 306 
PHE CE1    C Y N 307 
PHE CE2    C Y N 308 
PHE CZ     C Y N 309 
PHE OXT    O N N 310 
PHE H      H N N 311 
PHE H2     H N N 312 
PHE HA     H N N 313 
PHE HB2    H N N 314 
PHE HB3    H N N 315 
PHE HD1    H N N 316 
PHE HD2    H N N 317 
PHE HE1    H N N 318 
PHE HE2    H N N 319 
PHE HZ     H N N 320 
PHE HXT    H N N 321 
PRO N      N N N 322 
PRO CA     C N S 323 
PRO C      C N N 324 
PRO O      O N N 325 
PRO CB     C N N 326 
PRO CG     C N N 327 
PRO CD     C N N 328 
PRO OXT    O N N 329 
PRO H      H N N 330 
PRO HA     H N N 331 
PRO HB2    H N N 332 
PRO HB3    H N N 333 
PRO HG2    H N N 334 
PRO HG3    H N N 335 
PRO HD2    H N N 336 
PRO HD3    H N N 337 
PRO HXT    H N N 338 
SER N      N N N 339 
SER CA     C N S 340 
SER C      C N N 341 
SER O      O N N 342 
SER CB     C N N 343 
SER OG     O N N 344 
SER OXT    O N N 345 
SER H      H N N 346 
SER H2     H N N 347 
SER HA     H N N 348 
SER HB2    H N N 349 
SER HB3    H N N 350 
SER HG     H N N 351 
SER HXT    H N N 352 
SO4 S      S N N 353 
SO4 O1     O N N 354 
SO4 O2     O N N 355 
SO4 O3     O N N 356 
SO4 O4     O N N 357 
THR N      N N N 358 
THR CA     C N S 359 
THR C      C N N 360 
THR O      O N N 361 
THR CB     C N R 362 
THR OG1    O N N 363 
THR CG2    C N N 364 
THR OXT    O N N 365 
THR H      H N N 366 
THR H2     H N N 367 
THR HA     H N N 368 
THR HB     H N N 369 
THR HG1    H N N 370 
THR HG21   H N N 371 
THR HG22   H N N 372 
THR HG23   H N N 373 
THR HXT    H N N 374 
VAL N      N N N 375 
VAL CA     C N S 376 
VAL C      C N N 377 
VAL O      O N N 378 
VAL CB     C N N 379 
VAL CG1    C N N 380 
VAL CG2    C N N 381 
VAL OXT    O N N 382 
VAL H      H N N 383 
VAL H2     H N N 384 
VAL HA     H N N 385 
VAL HB     H N N 386 
VAL HG11   H N N 387 
VAL HG12   H N N 388 
VAL HG13   H N N 389 
VAL HG21   H N N 390 
VAL HG22   H N N 391 
VAL HG23   H N N 392 
VAL HXT    H N N 393 
# 
loop_
_chem_comp_bond.comp_id 
_chem_comp_bond.atom_id_1 
_chem_comp_bond.atom_id_2 
_chem_comp_bond.value_order 
_chem_comp_bond.pdbx_aromatic_flag 
_chem_comp_bond.pdbx_stereo_config 
_chem_comp_bond.pdbx_ordinal 
128 PG    O1G    doub N N 1   
128 PG    O2G    sing N N 2   
128 PG    O3G    sing N N 3   
128 PG    O3B    sing N N 4   
128 O2G   HOG2   sing N N 5   
128 O3G   HOG3   sing N N 6   
128 PB    O1B    doub N N 7   
128 PB    O2B    sing N N 8   
128 PB    O3B    sing N N 9   
128 PB    O3A    sing N N 10  
128 O2B   HOB2   sing N N 11  
128 PA    O1A    doub N N 12  
128 PA    O2A    sing N N 13  
128 PA    O3A    sing N N 14  
128 PA    "O5'"  sing N N 15  
128 O2A   HOA2   sing N N 16  
128 "O5'" "C5'"  sing N N 17  
128 "C5'" "C4'"  sing N N 18  
128 "C5'" "H5'"  sing N N 19  
128 "C5'" "H5''" sing N N 20  
128 "C4'" "O4'"  sing N N 21  
128 "C4'" "C3'"  sing N N 22  
128 "C4'" "H4'"  sing N N 23  
128 "O4'" "C1'"  sing N N 24  
128 "C3'" "O3'"  sing N N 25  
128 "C3'" "C2'"  sing N N 26  
128 "C3'" "H3'"  sing N N 27  
128 "O3'" C1F    sing N N 28  
128 "C2'" "O2'"  sing N N 29  
128 "C2'" "C1'"  sing N N 30  
128 "C2'" "H2'"  sing N N 31  
128 "O2'" C1F    sing N N 32  
128 "C1'" N9     sing N N 33  
128 "C1'" "H1'"  sing N N 34  
128 N9    C8     sing Y N 35  
128 N9    C4     sing Y N 36  
128 C8    N7     doub Y N 37  
128 C8    H8     sing N N 38  
128 N7    C5     sing Y N 39  
128 C5    C6     sing Y N 40  
128 C5    C4     doub Y N 41  
128 C6    N6     sing N N 42  
128 C6    N1     doub Y N 43  
128 N6    HN61   sing N N 44  
128 N6    HN62   sing N N 45  
128 N1    C2     sing Y N 46  
128 C2    N3     doub Y N 47  
128 C2    H2     sing N N 48  
128 N3    C4     sing Y N 49  
128 C1F   C2F    sing N N 50  
128 C1F   C6F    sing N N 51  
128 C2F   C3F    doub N N 52  
128 C2F   N2F    sing N N 53  
128 C3F   C4F    sing N N 54  
128 C3F   H3F    sing N N 55  
128 C4F   C5F    sing N N 56  
128 C4F   N4F    doub N N 57  
128 O4F   H4F    sing N N 58  
128 C5F   C6F    doub N N 59  
128 C5F   H5F    sing N N 60  
128 C6F   N6F    sing N N 61  
128 N2F   O2F    doub N N 62  
128 N2F   O3F    sing N N 63  
128 N4F   O4F    sing N N 64  
128 N4F   O5F    sing N N 65  
128 N6F   O6F    doub N N 66  
128 N6F   O7F    sing N N 67  
ALA N     CA     sing N N 68  
ALA N     H      sing N N 69  
ALA N     H2     sing N N 70  
ALA CA    C      sing N N 71  
ALA CA    CB     sing N N 72  
ALA CA    HA     sing N N 73  
ALA C     O      doub N N 74  
ALA C     OXT    sing N N 75  
ALA CB    HB1    sing N N 76  
ALA CB    HB2    sing N N 77  
ALA CB    HB3    sing N N 78  
ALA OXT   HXT    sing N N 79  
ARG N     CA     sing N N 80  
ARG N     H      sing N N 81  
ARG N     H2     sing N N 82  
ARG CA    C      sing N N 83  
ARG CA    CB     sing N N 84  
ARG CA    HA     sing N N 85  
ARG C     O      doub N N 86  
ARG C     OXT    sing N N 87  
ARG CB    CG     sing N N 88  
ARG CB    HB2    sing N N 89  
ARG CB    HB3    sing N N 90  
ARG CG    CD     sing N N 91  
ARG CG    HG2    sing N N 92  
ARG CG    HG3    sing N N 93  
ARG CD    NE     sing N N 94  
ARG CD    HD2    sing N N 95  
ARG CD    HD3    sing N N 96  
ARG NE    CZ     sing N N 97  
ARG NE    HE     sing N N 98  
ARG CZ    NH1    sing N N 99  
ARG CZ    NH2    doub N N 100 
ARG NH1   HH11   sing N N 101 
ARG NH1   HH12   sing N N 102 
ARG NH2   HH21   sing N N 103 
ARG NH2   HH22   sing N N 104 
ARG OXT   HXT    sing N N 105 
ASN N     CA     sing N N 106 
ASN N     H      sing N N 107 
ASN N     H2     sing N N 108 
ASN CA    C      sing N N 109 
ASN CA    CB     sing N N 110 
ASN CA    HA     sing N N 111 
ASN C     O      doub N N 112 
ASN C     OXT    sing N N 113 
ASN CB    CG     sing N N 114 
ASN CB    HB2    sing N N 115 
ASN CB    HB3    sing N N 116 
ASN CG    OD1    doub N N 117 
ASN CG    ND2    sing N N 118 
ASN ND2   HD21   sing N N 119 
ASN ND2   HD22   sing N N 120 
ASN OXT   HXT    sing N N 121 
ASP N     CA     sing N N 122 
ASP N     H      sing N N 123 
ASP N     H2     sing N N 124 
ASP CA    C      sing N N 125 
ASP CA    CB     sing N N 126 
ASP CA    HA     sing N N 127 
ASP C     O      doub N N 128 
ASP C     OXT    sing N N 129 
ASP CB    CG     sing N N 130 
ASP CB    HB2    sing N N 131 
ASP CB    HB3    sing N N 132 
ASP CG    OD1    doub N N 133 
ASP CG    OD2    sing N N 134 
ASP OD2   HD2    sing N N 135 
ASP OXT   HXT    sing N N 136 
GLN N     CA     sing N N 137 
GLN N     H      sing N N 138 
GLN N     H2     sing N N 139 
GLN CA    C      sing N N 140 
GLN CA    CB     sing N N 141 
GLN CA    HA     sing N N 142 
GLN C     O      doub N N 143 
GLN C     OXT    sing N N 144 
GLN CB    CG     sing N N 145 
GLN CB    HB2    sing N N 146 
GLN CB    HB3    sing N N 147 
GLN CG    CD     sing N N 148 
GLN CG    HG2    sing N N 149 
GLN CG    HG3    sing N N 150 
GLN CD    OE1    doub N N 151 
GLN CD    NE2    sing N N 152 
GLN NE2   HE21   sing N N 153 
GLN NE2   HE22   sing N N 154 
GLN OXT   HXT    sing N N 155 
GLU N     CA     sing N N 156 
GLU N     H      sing N N 157 
GLU N     H2     sing N N 158 
GLU CA    C      sing N N 159 
GLU CA    CB     sing N N 160 
GLU CA    HA     sing N N 161 
GLU C     O      doub N N 162 
GLU C     OXT    sing N N 163 
GLU CB    CG     sing N N 164 
GLU CB    HB2    sing N N 165 
GLU CB    HB3    sing N N 166 
GLU CG    CD     sing N N 167 
GLU CG    HG2    sing N N 168 
GLU CG    HG3    sing N N 169 
GLU CD    OE1    doub N N 170 
GLU CD    OE2    sing N N 171 
GLU OE2   HE2    sing N N 172 
GLU OXT   HXT    sing N N 173 
GLY N     CA     sing N N 174 
GLY N     H      sing N N 175 
GLY N     H2     sing N N 176 
GLY CA    C      sing N N 177 
GLY CA    HA2    sing N N 178 
GLY CA    HA3    sing N N 179 
GLY C     O      doub N N 180 
GLY C     OXT    sing N N 181 
GLY OXT   HXT    sing N N 182 
HIS N     CA     sing N N 183 
HIS N     H      sing N N 184 
HIS N     H2     sing N N 185 
HIS CA    C      sing N N 186 
HIS CA    CB     sing N N 187 
HIS CA    HA     sing N N 188 
HIS C     O      doub N N 189 
HIS C     OXT    sing N N 190 
HIS CB    CG     sing N N 191 
HIS CB    HB2    sing N N 192 
HIS CB    HB3    sing N N 193 
HIS CG    ND1    sing Y N 194 
HIS CG    CD2    doub Y N 195 
HIS ND1   CE1    doub Y N 196 
HIS ND1   HD1    sing N N 197 
HIS CD2   NE2    sing Y N 198 
HIS CD2   HD2    sing N N 199 
HIS CE1   NE2    sing Y N 200 
HIS CE1   HE1    sing N N 201 
HIS NE2   HE2    sing N N 202 
HIS OXT   HXT    sing N N 203 
HOH O     H1     sing N N 204 
HOH O     H2     sing N N 205 
ILE N     CA     sing N N 206 
ILE N     H      sing N N 207 
ILE N     H2     sing N N 208 
ILE CA    C      sing N N 209 
ILE CA    CB     sing N N 210 
ILE CA    HA     sing N N 211 
ILE C     O      doub N N 212 
ILE C     OXT    sing N N 213 
ILE CB    CG1    sing N N 214 
ILE CB    CG2    sing N N 215 
ILE CB    HB     sing N N 216 
ILE CG1   CD1    sing N N 217 
ILE CG1   HG12   sing N N 218 
ILE CG1   HG13   sing N N 219 
ILE CG2   HG21   sing N N 220 
ILE CG2   HG22   sing N N 221 
ILE CG2   HG23   sing N N 222 
ILE CD1   HD11   sing N N 223 
ILE CD1   HD12   sing N N 224 
ILE CD1   HD13   sing N N 225 
ILE OXT   HXT    sing N N 226 
LEU N     CA     sing N N 227 
LEU N     H      sing N N 228 
LEU N     H2     sing N N 229 
LEU CA    C      sing N N 230 
LEU CA    CB     sing N N 231 
LEU CA    HA     sing N N 232 
LEU C     O      doub N N 233 
LEU C     OXT    sing N N 234 
LEU CB    CG     sing N N 235 
LEU CB    HB2    sing N N 236 
LEU CB    HB3    sing N N 237 
LEU CG    CD1    sing N N 238 
LEU CG    CD2    sing N N 239 
LEU CG    HG     sing N N 240 
LEU CD1   HD11   sing N N 241 
LEU CD1   HD12   sing N N 242 
LEU CD1   HD13   sing N N 243 
LEU CD2   HD21   sing N N 244 
LEU CD2   HD22   sing N N 245 
LEU CD2   HD23   sing N N 246 
LEU OXT   HXT    sing N N 247 
LYS N     CA     sing N N 248 
LYS N     H      sing N N 249 
LYS N     H2     sing N N 250 
LYS CA    C      sing N N 251 
LYS CA    CB     sing N N 252 
LYS CA    HA     sing N N 253 
LYS C     O      doub N N 254 
LYS C     OXT    sing N N 255 
LYS CB    CG     sing N N 256 
LYS CB    HB2    sing N N 257 
LYS CB    HB3    sing N N 258 
LYS CG    CD     sing N N 259 
LYS CG    HG2    sing N N 260 
LYS CG    HG3    sing N N 261 
LYS CD    CE     sing N N 262 
LYS CD    HD2    sing N N 263 
LYS CD    HD3    sing N N 264 
LYS CE    NZ     sing N N 265 
LYS CE    HE2    sing N N 266 
LYS CE    HE3    sing N N 267 
LYS NZ    HZ1    sing N N 268 
LYS NZ    HZ2    sing N N 269 
LYS NZ    HZ3    sing N N 270 
LYS OXT   HXT    sing N N 271 
MET N     CA     sing N N 272 
MET N     H      sing N N 273 
MET N     H2     sing N N 274 
MET CA    C      sing N N 275 
MET CA    CB     sing N N 276 
MET CA    HA     sing N N 277 
MET C     O      doub N N 278 
MET C     OXT    sing N N 279 
MET CB    CG     sing N N 280 
MET CB    HB2    sing N N 281 
MET CB    HB3    sing N N 282 
MET CG    SD     sing N N 283 
MET CG    HG2    sing N N 284 
MET CG    HG3    sing N N 285 
MET SD    CE     sing N N 286 
MET CE    HE1    sing N N 287 
MET CE    HE2    sing N N 288 
MET CE    HE3    sing N N 289 
MET OXT   HXT    sing N N 290 
PHE N     CA     sing N N 291 
PHE N     H      sing N N 292 
PHE N     H2     sing N N 293 
PHE CA    C      sing N N 294 
PHE CA    CB     sing N N 295 
PHE CA    HA     sing N N 296 
PHE C     O      doub N N 297 
PHE C     OXT    sing N N 298 
PHE CB    CG     sing N N 299 
PHE CB    HB2    sing N N 300 
PHE CB    HB3    sing N N 301 
PHE CG    CD1    doub Y N 302 
PHE CG    CD2    sing Y N 303 
PHE CD1   CE1    sing Y N 304 
PHE CD1   HD1    sing N N 305 
PHE CD2   CE2    doub Y N 306 
PHE CD2   HD2    sing N N 307 
PHE CE1   CZ     doub Y N 308 
PHE CE1   HE1    sing N N 309 
PHE CE2   CZ     sing Y N 310 
PHE CE2   HE2    sing N N 311 
PHE CZ    HZ     sing N N 312 
PHE OXT   HXT    sing N N 313 
PRO N     CA     sing N N 314 
PRO N     CD     sing N N 315 
PRO N     H      sing N N 316 
PRO CA    C      sing N N 317 
PRO CA    CB     sing N N 318 
PRO CA    HA     sing N N 319 
PRO C     O      doub N N 320 
PRO C     OXT    sing N N 321 
PRO CB    CG     sing N N 322 
PRO CB    HB2    sing N N 323 
PRO CB    HB3    sing N N 324 
PRO CG    CD     sing N N 325 
PRO CG    HG2    sing N N 326 
PRO CG    HG3    sing N N 327 
PRO CD    HD2    sing N N 328 
PRO CD    HD3    sing N N 329 
PRO OXT   HXT    sing N N 330 
SER N     CA     sing N N 331 
SER N     H      sing N N 332 
SER N     H2     sing N N 333 
SER CA    C      sing N N 334 
SER CA    CB     sing N N 335 
SER CA    HA     sing N N 336 
SER C     O      doub N N 337 
SER C     OXT    sing N N 338 
SER CB    OG     sing N N 339 
SER CB    HB2    sing N N 340 
SER CB    HB3    sing N N 341 
SER OG    HG     sing N N 342 
SER OXT   HXT    sing N N 343 
SO4 S     O1     doub N N 344 
SO4 S     O2     doub N N 345 
SO4 S     O3     sing N N 346 
SO4 S     O4     sing N N 347 
THR N     CA     sing N N 348 
THR N     H      sing N N 349 
THR N     H2     sing N N 350 
THR CA    C      sing N N 351 
THR CA    CB     sing N N 352 
THR CA    HA     sing N N 353 
THR C     O      doub N N 354 
THR C     OXT    sing N N 355 
THR CB    OG1    sing N N 356 
THR CB    CG2    sing N N 357 
THR CB    HB     sing N N 358 
THR OG1   HG1    sing N N 359 
THR CG2   HG21   sing N N 360 
THR CG2   HG22   sing N N 361 
THR CG2   HG23   sing N N 362 
THR OXT   HXT    sing N N 363 
VAL N     CA     sing N N 364 
VAL N     H      sing N N 365 
VAL N     H2     sing N N 366 
VAL CA    C      sing N N 367 
VAL CA    CB     sing N N 368 
VAL CA    HA     sing N N 369 
VAL C     O      doub N N 370 
VAL C     OXT    sing N N 371 
VAL CB    CG1    sing N N 372 
VAL CB    CG2    sing N N 373 
VAL CB    HB     sing N N 374 
VAL CG1   HG11   sing N N 375 
VAL CG1   HG12   sing N N 376 
VAL CG1   HG13   sing N N 377 
VAL CG2   HG21   sing N N 378 
VAL CG2   HG22   sing N N 379 
VAL CG2   HG23   sing N N 380 
VAL OXT   HXT    sing N N 381 
# 
loop_
_pdbx_entity_nonpoly.entity_id 
_pdbx_entity_nonpoly.name 
_pdbx_entity_nonpoly.comp_id 
2 'SULFATE ION'                                                              SO4 
3 "SPIRO(2,4,6-TRINITROBENZENE[1,2A]-2O',3O'-METHYLENE-ADENINE-TRIPHOSPHATE" 128 
4 water                                                                      HOH 
# 
_pdbx_initial_refinement_model.id               1 
_pdbx_initial_refinement_model.entity_id_list   ? 
_pdbx_initial_refinement_model.type             'experimental model' 
_pdbx_initial_refinement_model.source_name      PDB 
_pdbx_initial_refinement_model.accession_code   1B3Q 
_pdbx_initial_refinement_model.details          ? 
# 
